data_7JI7
# 
_entry.id   7JI7 
# 
_audit_conform.dict_name       mmcif_pdbx.dic 
_audit_conform.dict_version    5.380 
_audit_conform.dict_location   http://mmcif.pdb.org/dictionaries/ascii/mmcif_pdbx.dic 
# 
loop_
_database_2.database_id 
_database_2.database_code 
_database_2.pdbx_database_accession 
_database_2.pdbx_DOI 
PDB   7JI7         pdb_00007ji7 10.2210/pdb7ji7/pdb 
WWPDB D_1000250824 ?            ?                   
# 
_pdbx_database_status.status_code                     REL 
_pdbx_database_status.status_code_sf                  REL 
_pdbx_database_status.status_code_mr                  ? 
_pdbx_database_status.entry_id                        7JI7 
_pdbx_database_status.recvd_initial_deposition_date   2020-07-22 
_pdbx_database_status.SG_entry                        N 
_pdbx_database_status.deposit_site                    RCSB 
_pdbx_database_status.process_site                    RCSB 
_pdbx_database_status.status_code_cs                  ? 
_pdbx_database_status.status_code_nmr_data            ? 
_pdbx_database_status.methods_development_category    ? 
_pdbx_database_status.pdb_format_compatible           Y 
# 
loop_
_audit_author.name 
_audit_author.pdbx_ordinal 
_audit_author.identifier_ORCID 
'Simmons, C.R.'      1 0000-0002-2290-6132 
'MacCulloch, T.'     2 0000-0001-5875-3361 
'Stephanopoulos, N.' 3 0000-0001-7859-410X 
'Yan, H.'            4 0000-0001-7397-9852 
# 
_citation.abstract                  ? 
_citation.abstract_id_CAS           ? 
_citation.book_id_ISBN              ? 
_citation.book_publisher            ? 
_citation.book_publisher_city       ? 
_citation.book_title                ? 
_citation.coordinate_linkage        ? 
_citation.country                   UK 
_citation.database_id_Medline       ? 
_citation.details                   ? 
_citation.id                        primary 
_citation.journal_abbrev            'Nat Commun' 
_citation.journal_id_ASTM           ? 
_citation.journal_id_CSD            ? 
_citation.journal_id_ISSN           2041-1723 
_citation.journal_full              ? 
_citation.journal_issue             ? 
_citation.journal_volume            13 
_citation.language                  ? 
_citation.page_first                3112 
_citation.page_last                 3112 
_citation.title                     'The influence of Holliday junction sequence and dynamics on DNA crystal self-assembly.' 
_citation.year                      2022 
_citation.database_id_CSD           ? 
_citation.pdbx_database_id_DOI      10.1038/s41467-022-30779-6 
_citation.pdbx_database_id_PubMed   35662248 
_citation.unpublished_flag          ? 
# 
loop_
_citation_author.citation_id 
_citation_author.name 
_citation_author.ordinal 
_citation_author.identifier_ORCID 
primary 'Simmons, C.R.'      1  ?                   
primary 'MacCulloch, T.'     2  ?                   
primary 'Krepl, M.'          3  0000-0002-9833-4281 
primary 'Matthies, M.'       4  ?                   
primary 'Buchberger, A.'     5  ?                   
primary 'Crawford, I.'       6  ?                   
primary 'Sponer, J.'         7  0000-0001-6558-6186 
primary 'Sulc, P.'           8  0000-0003-1565-6769 
primary 'Stephanopoulos, N.' 9  0000-0001-7859-410X 
primary 'Yan, H.'            10 0000-0001-7397-9852 
# 
_cell.angle_alpha                  90.000 
_cell.angle_alpha_esd              ? 
_cell.angle_beta                   90.000 
_cell.angle_beta_esd               ? 
_cell.angle_gamma                  120.000 
_cell.angle_gamma_esd              ? 
_cell.entry_id                     7JI7 
_cell.details                      ? 
_cell.formula_units_Z              ? 
_cell.length_a                     113.565 
_cell.length_a_esd                 ? 
_cell.length_b                     113.565 
_cell.length_b_esd                 ? 
_cell.length_c                     51.799 
_cell.length_c_esd                 ? 
_cell.volume                       ? 
_cell.volume_esd                   ? 
_cell.Z_PDB                        9 
_cell.reciprocal_angle_alpha       ? 
_cell.reciprocal_angle_beta        ? 
_cell.reciprocal_angle_gamma       ? 
_cell.reciprocal_angle_alpha_esd   ? 
_cell.reciprocal_angle_beta_esd    ? 
_cell.reciprocal_angle_gamma_esd   ? 
_cell.reciprocal_length_a          ? 
_cell.reciprocal_length_b          ? 
_cell.reciprocal_length_c          ? 
_cell.reciprocal_length_a_esd      ? 
_cell.reciprocal_length_b_esd      ? 
_cell.reciprocal_length_c_esd      ? 
_cell.pdbx_unique_axis             ? 
# 
_symmetry.entry_id                         7JI7 
_symmetry.cell_setting                     ? 
_symmetry.Int_Tables_number                146 
_symmetry.space_group_name_Hall            ? 
_symmetry.space_group_name_H-M             'H 3' 
_symmetry.pdbx_full_space_group_name_H-M   ? 
# 
loop_
_entity.id 
_entity.type 
_entity.src_method 
_entity.pdbx_description 
_entity.formula_weight 
_entity.pdbx_number_of_molecules 
_entity.pdbx_ec 
_entity.pdbx_mutation 
_entity.pdbx_fragment 
_entity.details 
1 polymer     syn 
;DNA (5'-D(*GP*AP*AP*CP*GP*AP*CP*AP*TP*TP*GP*A)-3')
;
3695.443 1 ? ? ? ? 
2 polymer     syn 
;DNA (5'-D(P*CP*GP*AP*GP*GP*AP*CP*TP*C)-3')
;
2740.812 1 ? ? ? ? 
3 polymer     syn 
;DNA (5'-D(P*TP*CP*AP*TP*CP*G)-3')
;
1784.204 1 ? ? ? ? 
4 polymer     syn 
;DNA (5'-D(*TP*CP*GP*AP*GP*TP*CP*CP*AP*TP*GP*TP*CP*GP*T)-3')
;
4575.970 1 ? ? ? ? 
5 non-polymer syn 'CACODYLATE ION'                                              136.989  2 ? ? ? ? 
# 
loop_
_entity_poly.entity_id 
_entity_poly.type 
_entity_poly.nstd_linkage 
_entity_poly.nstd_monomer 
_entity_poly.pdbx_seq_one_letter_code 
_entity_poly.pdbx_seq_one_letter_code_can 
_entity_poly.pdbx_strand_id 
_entity_poly.pdbx_target_identifier 
1 polydeoxyribonucleotide no no '(DG)(DA)(DA)(DC)(DG)(DA)(DC)(DA)(DT)(DT)(DG)(DA)'             GAACGACATTGA    A ? 
2 polydeoxyribonucleotide no no '(DC)(DG)(DA)(DG)(DG)(DA)(DC)(DT)(DC)'                         CGAGGACTC       B ? 
3 polydeoxyribonucleotide no no '(DT)(DC)(DA)(DT)(DC)(DG)'                                     TCATCG          C ? 
4 polydeoxyribonucleotide no no '(DT)(DC)(DG)(DA)(DG)(DT)(DC)(DC)(DA)(DT)(DG)(DT)(DC)(DG)(DT)' TCGAGTCCATGTCGT D ? 
# 
loop_
_entity_poly_seq.entity_id 
_entity_poly_seq.num 
_entity_poly_seq.mon_id 
_entity_poly_seq.hetero 
1 1  DG n 
1 2  DA n 
1 3  DA n 
1 4  DC n 
1 5  DG n 
1 6  DA n 
1 7  DC n 
1 8  DA n 
1 9  DT n 
1 10 DT n 
1 11 DG n 
1 12 DA n 
2 1  DC n 
2 2  DG n 
2 3  DA n 
2 4  DG n 
2 5  DG n 
2 6  DA n 
2 7  DC n 
2 8  DT n 
2 9  DC n 
3 1  DT n 
3 2  DC n 
3 3  DA n 
3 4  DT n 
3 5  DC n 
3 6  DG n 
4 1  DT n 
4 2  DC n 
4 3  DG n 
4 4  DA n 
4 5  DG n 
4 6  DT n 
4 7  DC n 
4 8  DC n 
4 9  DA n 
4 10 DT n 
4 11 DG n 
4 12 DT n 
4 13 DC n 
4 14 DG n 
4 15 DT n 
# 
loop_
_pdbx_entity_src_syn.entity_id 
_pdbx_entity_src_syn.pdbx_src_id 
_pdbx_entity_src_syn.pdbx_alt_source_flag 
_pdbx_entity_src_syn.pdbx_beg_seq_num 
_pdbx_entity_src_syn.pdbx_end_seq_num 
_pdbx_entity_src_syn.organism_scientific 
_pdbx_entity_src_syn.organism_common_name 
_pdbx_entity_src_syn.ncbi_taxonomy_id 
_pdbx_entity_src_syn.details 
1 1 sample 1 12 'synthetic construct' ? 32630 ? 
2 1 sample 1 9  'synthetic construct' ? 32630 ? 
3 1 sample 1 6  'synthetic construct' ? 32630 ? 
4 1 sample 1 15 'synthetic construct' ? 32630 ? 
# 
loop_
_struct_ref.id 
_struct_ref.db_name 
_struct_ref.db_code 
_struct_ref.pdbx_db_accession 
_struct_ref.pdbx_db_isoform 
_struct_ref.entity_id 
_struct_ref.pdbx_seq_one_letter_code 
_struct_ref.pdbx_align_begin 
1 PDB 7JI7 7JI7 ? 1 ? 1 
2 PDB 7JI7 7JI7 ? 2 ? 1 
3 PDB 7JI7 7JI7 ? 3 ? 1 
4 PDB 7JI7 7JI7 ? 4 ? 1 
# 
loop_
_struct_ref_seq.align_id 
_struct_ref_seq.ref_id 
_struct_ref_seq.pdbx_PDB_id_code 
_struct_ref_seq.pdbx_strand_id 
_struct_ref_seq.seq_align_beg 
_struct_ref_seq.pdbx_seq_align_beg_ins_code 
_struct_ref_seq.seq_align_end 
_struct_ref_seq.pdbx_seq_align_end_ins_code 
_struct_ref_seq.pdbx_db_accession 
_struct_ref_seq.db_align_beg 
_struct_ref_seq.pdbx_db_align_beg_ins_code 
_struct_ref_seq.db_align_end 
_struct_ref_seq.pdbx_db_align_end_ins_code 
_struct_ref_seq.pdbx_auth_seq_align_beg 
_struct_ref_seq.pdbx_auth_seq_align_end 
1 1 7JI7 A 1 ? 12 ? 7JI7 1  ? 12 ? 1  12 
2 2 7JI7 B 1 ? 9  ? 7JI7 12 ? 20 ? 12 20 
3 3 7JI7 C 1 ? 6  ? 7JI7 0  ? 5  ? 0  5  
4 4 7JI7 D 1 ? 15 ? 7JI7 2  ? 16 ? 2  16 
# 
loop_
_chem_comp.id 
_chem_comp.type 
_chem_comp.mon_nstd_flag 
_chem_comp.name 
_chem_comp.pdbx_synonyms 
_chem_comp.formula 
_chem_comp.formula_weight 
CAC non-polymer   . 'CACODYLATE ION'                     dimethylarsinate 'C2 H6 As O2 -1'  136.989 
DA  'DNA linking' y "2'-DEOXYADENOSINE-5'-MONOPHOSPHATE" ?                'C10 H14 N5 O6 P' 331.222 
DC  'DNA linking' y "2'-DEOXYCYTIDINE-5'-MONOPHOSPHATE"  ?                'C9 H14 N3 O7 P'  307.197 
DG  'DNA linking' y "2'-DEOXYGUANOSINE-5'-MONOPHOSPHATE" ?                'C10 H14 N5 O7 P' 347.221 
DT  'DNA linking' y "THYMIDINE-5'-MONOPHOSPHATE"         ?                'C10 H15 N2 O8 P' 322.208 
# 
_exptl.absorpt_coefficient_mu     ? 
_exptl.absorpt_correction_T_max   ? 
_exptl.absorpt_correction_T_min   ? 
_exptl.absorpt_correction_type    ? 
_exptl.absorpt_process_details    ? 
_exptl.entry_id                   7JI7 
_exptl.crystals_number            1 
_exptl.details                    ? 
_exptl.method                     'X-RAY DIFFRACTION' 
_exptl.method_details             ? 
# 
_exptl_crystal.colour                      ? 
_exptl_crystal.density_diffrn              ? 
_exptl_crystal.density_Matthews            5.02 
_exptl_crystal.density_method              ? 
_exptl_crystal.density_percent_sol         75.52 
_exptl_crystal.description                 ? 
_exptl_crystal.F_000                       ? 
_exptl_crystal.id                          1 
_exptl_crystal.preparation                 ? 
_exptl_crystal.size_max                    ? 
_exptl_crystal.size_mid                    ? 
_exptl_crystal.size_min                    ? 
_exptl_crystal.size_rad                    ? 
_exptl_crystal.colour_lustre               ? 
_exptl_crystal.colour_modifier             ? 
_exptl_crystal.colour_primary              ? 
_exptl_crystal.density_meas                ? 
_exptl_crystal.density_meas_esd            ? 
_exptl_crystal.density_meas_gt             ? 
_exptl_crystal.density_meas_lt             ? 
_exptl_crystal.density_meas_temp           ? 
_exptl_crystal.density_meas_temp_esd       ? 
_exptl_crystal.density_meas_temp_gt        ? 
_exptl_crystal.density_meas_temp_lt        ? 
_exptl_crystal.pdbx_crystal_image_url      ? 
_exptl_crystal.pdbx_crystal_image_format   ? 
_exptl_crystal.pdbx_mosaicity              ? 
_exptl_crystal.pdbx_mosaicity_esd          ? 
# 
_exptl_crystal_grow.apparatus       ? 
_exptl_crystal_grow.atmosphere      ? 
_exptl_crystal_grow.crystal_id      1 
_exptl_crystal_grow.details         ? 
_exptl_crystal_grow.method          'VAPOR DIFFUSION, SITTING DROP' 
_exptl_crystal_grow.method_ref      ? 
_exptl_crystal_grow.pH              ? 
_exptl_crystal_grow.pressure        ? 
_exptl_crystal_grow.pressure_esd    ? 
_exptl_crystal_grow.seeding         ? 
_exptl_crystal_grow.seeding_ref     ? 
_exptl_crystal_grow.temp            298 
_exptl_crystal_grow.temp_details    'temperature gradient generated from 60 to 25 C at 0.3 degrees per hour' 
_exptl_crystal_grow.temp_esd        ? 
_exptl_crystal_grow.time            ? 
_exptl_crystal_grow.pdbx_details    
;0.5 mL of 0.05 M Cacodylate pH 6.5 with 18 mM MgCl2, 2.25 mM spermine, and 9% isopropanol was added to the reservoir with 2 uL added to the drop containing 4 uL of DNA stock
;
_exptl_crystal_grow.pdbx_pH_range   ? 
# 
_diffrn.ambient_environment              ? 
_diffrn.ambient_temp                     100 
_diffrn.ambient_temp_details             ? 
_diffrn.ambient_temp_esd                 ? 
_diffrn.crystal_id                       1 
_diffrn.crystal_support                  ? 
_diffrn.crystal_treatment                ? 
_diffrn.details                          ? 
_diffrn.id                               1 
_diffrn.ambient_pressure                 ? 
_diffrn.ambient_pressure_esd             ? 
_diffrn.ambient_pressure_gt              ? 
_diffrn.ambient_pressure_lt              ? 
_diffrn.ambient_temp_gt                  ? 
_diffrn.ambient_temp_lt                  ? 
_diffrn.pdbx_serial_crystal_experiment   N 
# 
_diffrn_detector.details                      ? 
_diffrn_detector.detector                     PIXEL 
_diffrn_detector.diffrn_id                    1 
_diffrn_detector.type                         'DECTRIS PILATUS3 6M' 
_diffrn_detector.area_resol_mean              ? 
_diffrn_detector.dtime                        ? 
_diffrn_detector.pdbx_frames_total            ? 
_diffrn_detector.pdbx_collection_time_total   ? 
_diffrn_detector.pdbx_collection_date         2019-06-15 
_diffrn_detector.pdbx_frequency               ? 
# 
_diffrn_radiation.collimation                      ? 
_diffrn_radiation.diffrn_id                        1 
_diffrn_radiation.filter_edge                      ? 
_diffrn_radiation.inhomogeneity                    ? 
_diffrn_radiation.monochromator                    ? 
_diffrn_radiation.polarisn_norm                    ? 
_diffrn_radiation.polarisn_ratio                   ? 
_diffrn_radiation.probe                            ? 
_diffrn_radiation.type                             ? 
_diffrn_radiation.xray_symbol                      ? 
_diffrn_radiation.wavelength_id                    1 
_diffrn_radiation.pdbx_monochromatic_or_laue_m_l   M 
_diffrn_radiation.pdbx_wavelength_list             ? 
_diffrn_radiation.pdbx_wavelength                  ? 
_diffrn_radiation.pdbx_diffrn_protocol             'SINGLE WAVELENGTH' 
_diffrn_radiation.pdbx_analyzer                    ? 
_diffrn_radiation.pdbx_scattering_type             x-ray 
# 
_diffrn_radiation_wavelength.id           1 
_diffrn_radiation_wavelength.wavelength   1 
_diffrn_radiation_wavelength.wt           1.0 
# 
_diffrn_source.current                     ? 
_diffrn_source.details                     ? 
_diffrn_source.diffrn_id                   1 
_diffrn_source.power                       ? 
_diffrn_source.size                        ? 
_diffrn_source.source                      SYNCHROTRON 
_diffrn_source.target                      ? 
_diffrn_source.type                        'ALS BEAMLINE 5.0.2' 
_diffrn_source.voltage                     ? 
_diffrn_source.take-off_angle              ? 
_diffrn_source.pdbx_wavelength_list        1 
_diffrn_source.pdbx_wavelength             ? 
_diffrn_source.pdbx_synchrotron_beamline   5.0.2 
_diffrn_source.pdbx_synchrotron_site       ALS 
# 
_reflns.B_iso_Wilson_estimate            67.350 
_reflns.entry_id                         7JI7 
_reflns.data_reduction_details           ? 
_reflns.data_reduction_method            ? 
_reflns.d_resolution_high                3.100 
_reflns.d_resolution_low                 50.000 
_reflns.details                          ? 
_reflns.limit_h_max                      ? 
_reflns.limit_h_min                      ? 
_reflns.limit_k_max                      ? 
_reflns.limit_k_min                      ? 
_reflns.limit_l_max                      ? 
_reflns.limit_l_min                      ? 
_reflns.number_all                       ? 
_reflns.number_obs                       4441 
_reflns.observed_criterion               ? 
_reflns.observed_criterion_F_max         ? 
_reflns.observed_criterion_F_min         ? 
_reflns.observed_criterion_I_max         ? 
_reflns.observed_criterion_I_min         ? 
_reflns.observed_criterion_sigma_F       ? 
_reflns.observed_criterion_sigma_I       ? 
_reflns.percent_possible_obs             98.700 
_reflns.R_free_details                   ? 
_reflns.Rmerge_F_all                     ? 
_reflns.Rmerge_F_obs                     ? 
_reflns.Friedel_coverage                 ? 
_reflns.number_gt                        ? 
_reflns.threshold_expression             ? 
_reflns.pdbx_redundancy                  9.800 
_reflns.pdbx_Rmerge_I_obs                0.119 
_reflns.pdbx_Rmerge_I_all                ? 
_reflns.pdbx_Rsym_value                  ? 
_reflns.pdbx_netI_over_av_sigmaI         ? 
_reflns.pdbx_netI_over_sigmaI            5.600 
_reflns.pdbx_res_netI_over_av_sigmaI_2   ? 
_reflns.pdbx_res_netI_over_sigmaI_2      ? 
_reflns.pdbx_chi_squared                 1.720 
_reflns.pdbx_scaling_rejects             ? 
_reflns.pdbx_d_res_high_opt              ? 
_reflns.pdbx_d_res_low_opt               ? 
_reflns.pdbx_d_res_opt_method            ? 
_reflns.phase_calculation_details        ? 
_reflns.pdbx_Rrim_I_all                  0.126 
_reflns.pdbx_Rpim_I_all                  0.039 
_reflns.pdbx_d_opt                       ? 
_reflns.pdbx_number_measured_all         ? 
_reflns.pdbx_diffrn_id                   1 
_reflns.pdbx_ordinal                     1 
_reflns.pdbx_CC_half                     0.919 
_reflns.pdbx_CC_star                     ? 
_reflns.pdbx_R_split                     ? 
# 
loop_
_reflns_shell.d_res_high 
_reflns_shell.d_res_low 
_reflns_shell.meanI_over_sigI_all 
_reflns_shell.meanI_over_sigI_obs 
_reflns_shell.number_measured_all 
_reflns_shell.number_measured_obs 
_reflns_shell.number_possible 
_reflns_shell.number_unique_all 
_reflns_shell.number_unique_obs 
_reflns_shell.percent_possible_all 
_reflns_shell.percent_possible_obs 
_reflns_shell.Rmerge_F_all 
_reflns_shell.Rmerge_F_obs 
_reflns_shell.Rmerge_I_all 
_reflns_shell.Rmerge_I_obs 
_reflns_shell.meanI_over_sigI_gt 
_reflns_shell.meanI_over_uI_all 
_reflns_shell.meanI_over_uI_gt 
_reflns_shell.number_measured_gt 
_reflns_shell.number_unique_gt 
_reflns_shell.percent_possible_gt 
_reflns_shell.Rmerge_F_gt 
_reflns_shell.Rmerge_I_gt 
_reflns_shell.pdbx_redundancy 
_reflns_shell.pdbx_Rsym_value 
_reflns_shell.pdbx_chi_squared 
_reflns_shell.pdbx_netI_over_sigmaI_all 
_reflns_shell.pdbx_netI_over_sigmaI_obs 
_reflns_shell.pdbx_Rrim_I_all 
_reflns_shell.pdbx_Rpim_I_all 
_reflns_shell.pdbx_rejects 
_reflns_shell.pdbx_ordinal 
_reflns_shell.pdbx_diffrn_id 
_reflns_shell.pdbx_CC_half 
_reflns_shell.pdbx_CC_star 
_reflns_shell.pdbx_R_split 
3.100 3.150  ? ? ? ? ? ? 184 85.600  ? ? ? ? 0.514 ? ? ? ? ? ? ? ? 6.900  ? 0.412  ? ? 0.551 0.191 ? 1  1 0.936 ? ? 
3.150 3.210  ? ? ? ? ? ? 220 93.200  ? ? ? ? 0.197 ? ? ? ? ? ? ? ? 7.100  ? 0.499  ? ? 0.210 0.070 ? 2  1 0.994 ? ? 
3.210 3.270  ? ? ? ? ? ? 221 96.100  ? ? ? ? 0.200 ? ? ? ? ? ? ? ? 8.300  ? 0.480  ? ? 0.212 0.070 ? 3  1 0.997 ? ? 
3.270 3.340  ? ? ? ? ? ? 215 98.600  ? ? ? ? 0.216 ? ? ? ? ? ? ? ? 8.900  ? 0.448  ? ? 0.228 0.073 ? 4  1 0.996 ? ? 
3.340 3.410  ? ? ? ? ? ? 228 99.600  ? ? ? ? 0.161 ? ? ? ? ? ? ? ? 9.300  ? 0.501  ? ? 0.170 0.054 ? 5  1 0.997 ? ? 
3.410 3.490  ? ? ? ? ? ? 217 100.000 ? ? ? ? 0.213 ? ? ? ? ? ? ? ? 9.400  ? 0.514  ? ? 0.225 0.072 ? 6  1 0.995 ? ? 
3.490 3.580  ? ? ? ? ? ? 236 100.000 ? ? ? ? 0.208 ? ? ? ? ? ? ? ? 9.800  ? 0.506  ? ? 0.219 0.069 ? 7  1 0.994 ? ? 
3.580 3.680  ? ? ? ? ? ? 221 100.000 ? ? ? ? 0.287 ? ? ? ? ? ? ? ? 9.400  ? 0.558  ? ? 0.303 0.098 ? 8  1 0.987 ? ? 
3.680 3.780  ? ? ? ? ? ? 226 100.000 ? ? ? ? 0.329 ? ? ? ? ? ? ? ? 10.100 ? 0.570  ? ? 0.347 0.109 ? 9  1 0.967 ? ? 
3.780 3.910  ? ? ? ? ? ? 226 100.000 ? ? ? ? 0.298 ? ? ? ? ? ? ? ? 10.300 ? 0.486  ? ? 0.314 0.098 ? 10 1 0.976 ? ? 
3.910 4.040  ? ? ? ? ? ? 217 100.000 ? ? ? ? 0.176 ? ? ? ? ? ? ? ? 10.800 ? 0.478  ? ? 0.185 0.056 ? 11 1 0.991 ? ? 
4.040 4.210  ? ? ? ? ? ? 225 100.000 ? ? ? ? 0.150 ? ? ? ? ? ? ? ? 10.600 ? 0.538  ? ? 0.158 0.048 ? 12 1 0.991 ? ? 
4.210 4.400  ? ? ? ? ? ? 230 100.000 ? ? ? ? 0.142 ? ? ? ? ? ? ? ? 10.900 ? 0.570  ? ? 0.149 0.045 ? 13 1 0.994 ? ? 
4.400 4.630  ? ? ? ? ? ? 224 100.000 ? ? ? ? 0.140 ? ? ? ? ? ? ? ? 10.500 ? 0.514  ? ? 0.148 0.045 ? 14 1 0.993 ? ? 
4.630 4.920  ? ? ? ? ? ? 234 100.000 ? ? ? ? 0.096 ? ? ? ? ? ? ? ? 10.000 ? 0.568  ? ? 0.102 0.032 ? 15 1 0.997 ? ? 
4.920 5.300  ? ? ? ? ? ? 217 100.000 ? ? ? ? 0.073 ? ? ? ? ? ? ? ? 10.700 ? 0.719  ? ? 0.076 0.023 ? 16 1 0.996 ? ? 
5.300 5.830  ? ? ? ? ? ? 222 100.000 ? ? ? ? 0.058 ? ? ? ? ? ? ? ? 11.000 ? 0.767  ? ? 0.061 0.018 ? 17 1 0.998 ? ? 
5.830 6.670  ? ? ? ? ? ? 227 100.000 ? ? ? ? 0.055 ? ? ? ? ? ? ? ? 10.700 ? 0.664  ? ? 0.057 0.017 ? 18 1 0.998 ? ? 
6.670 8.400  ? ? ? ? ? ? 227 100.000 ? ? ? ? 0.046 ? ? ? ? ? ? ? ? 10.000 ? 0.798  ? ? 0.048 0.015 ? 19 1 0.998 ? ? 
8.400 50.000 ? ? ? ? ? ? 224 100.000 ? ? ? ? 0.125 ? ? ? ? ? ? ? ? 10.700 ? 21.382 ? ? 0.132 0.040 ? 20 1 0.981 ? ? 
# 
_refine.aniso_B[1][1]                            ? 
_refine.aniso_B[1][2]                            ? 
_refine.aniso_B[1][3]                            ? 
_refine.aniso_B[2][2]                            ? 
_refine.aniso_B[2][3]                            ? 
_refine.aniso_B[3][3]                            ? 
_refine.B_iso_max                                223.160 
_refine.B_iso_mean                               87.7487 
_refine.B_iso_min                                60.120 
_refine.correlation_coeff_Fo_to_Fc               ? 
_refine.correlation_coeff_Fo_to_Fc_free          ? 
_refine.details                                  ? 
_refine.diff_density_max                         ? 
_refine.diff_density_max_esd                     ? 
_refine.diff_density_min                         ? 
_refine.diff_density_min_esd                     ? 
_refine.diff_density_rms                         ? 
_refine.diff_density_rms_esd                     ? 
_refine.entry_id                                 7JI7 
_refine.pdbx_refine_id                           'X-RAY DIFFRACTION' 
_refine.ls_abs_structure_details                 ? 
_refine.ls_abs_structure_Flack                   ? 
_refine.ls_abs_structure_Flack_esd               ? 
_refine.ls_abs_structure_Rogers                  ? 
_refine.ls_abs_structure_Rogers_esd              ? 
_refine.ls_d_res_high                            3.1050 
_refine.ls_d_res_low                             30.2010 
_refine.ls_extinction_coef                       ? 
_refine.ls_extinction_coef_esd                   ? 
_refine.ls_extinction_expression                 ? 
_refine.ls_extinction_method                     ? 
_refine.ls_goodness_of_fit_all                   ? 
_refine.ls_goodness_of_fit_all_esd               ? 
_refine.ls_goodness_of_fit_obs                   ? 
_refine.ls_goodness_of_fit_obs_esd               ? 
_refine.ls_hydrogen_treatment                    ? 
_refine.ls_matrix_type                           ? 
_refine.ls_number_constraints                    ? 
_refine.ls_number_parameters                     ? 
_refine.ls_number_reflns_all                     ? 
_refine.ls_number_reflns_obs                     4389 
_refine.ls_number_reflns_R_free                  438 
_refine.ls_number_reflns_R_work                  3951 
_refine.ls_number_restraints                     ? 
_refine.ls_percent_reflns_obs                    97.5300 
_refine.ls_percent_reflns_R_free                 9.9800 
_refine.ls_R_factor_all                          ? 
_refine.ls_R_factor_obs                          0.2199 
_refine.ls_R_factor_R_free                       0.2314 
_refine.ls_R_factor_R_free_error                 ? 
_refine.ls_R_factor_R_free_error_details         ? 
_refine.ls_R_factor_R_work                       0.2184 
_refine.ls_R_Fsqd_factor_obs                     ? 
_refine.ls_R_I_factor_obs                        ? 
_refine.ls_redundancy_reflns_all                 ? 
_refine.ls_redundancy_reflns_obs                 ? 
_refine.ls_restrained_S_all                      ? 
_refine.ls_restrained_S_obs                      ? 
_refine.ls_shift_over_esd_max                    ? 
_refine.ls_shift_over_esd_mean                   ? 
_refine.ls_structure_factor_coef                 ? 
_refine.ls_weighting_details                     ? 
_refine.ls_weighting_scheme                      ? 
_refine.ls_wR_factor_all                         ? 
_refine.ls_wR_factor_obs                         ? 
_refine.ls_wR_factor_R_free                      ? 
_refine.ls_wR_factor_R_work                      ? 
_refine.occupancy_max                            ? 
_refine.occupancy_min                            ? 
_refine.solvent_model_details                    'FLAT BULK SOLVENT MODEL' 
_refine.solvent_model_param_bsol                 ? 
_refine.solvent_model_param_ksol                 ? 
_refine.pdbx_R_complete                          ? 
_refine.ls_R_factor_gt                           ? 
_refine.ls_goodness_of_fit_gt                    ? 
_refine.ls_goodness_of_fit_ref                   ? 
_refine.ls_shift_over_su_max                     ? 
_refine.ls_shift_over_su_max_lt                  ? 
_refine.ls_shift_over_su_mean                    ? 
_refine.ls_shift_over_su_mean_lt                 ? 
_refine.pdbx_ls_sigma_I                          ? 
_refine.pdbx_ls_sigma_F                          1.990 
_refine.pdbx_ls_sigma_Fsqd                       ? 
_refine.pdbx_data_cutoff_high_absF               ? 
_refine.pdbx_data_cutoff_high_rms_absF           ? 
_refine.pdbx_data_cutoff_low_absF                ? 
_refine.pdbx_isotropic_thermal_model             ? 
_refine.pdbx_ls_cross_valid_method               THROUGHOUT 
_refine.pdbx_method_to_determine_struct          'MOLECULAR REPLACEMENT' 
_refine.pdbx_starting_model                      6XNA 
_refine.pdbx_stereochemistry_target_values       ML 
_refine.pdbx_R_Free_selection_details            ? 
_refine.pdbx_stereochem_target_val_spec_case     ? 
_refine.pdbx_overall_ESU_R                       ? 
_refine.pdbx_overall_ESU_R_Free                  ? 
_refine.pdbx_solvent_vdw_probe_radii             1.1100 
_refine.pdbx_solvent_ion_probe_radii             ? 
_refine.pdbx_solvent_shrinkage_radii             0.9000 
_refine.pdbx_real_space_R                        ? 
_refine.pdbx_density_correlation                 ? 
_refine.pdbx_pd_number_of_powder_patterns        ? 
_refine.pdbx_pd_number_of_points                 ? 
_refine.pdbx_pd_meas_number_of_points            ? 
_refine.pdbx_pd_proc_ls_prof_R_factor            ? 
_refine.pdbx_pd_proc_ls_prof_wR_factor           ? 
_refine.pdbx_pd_Marquardt_correlation_coeff      ? 
_refine.pdbx_pd_Fsqrd_R_factor                   ? 
_refine.pdbx_pd_ls_matrix_band_width             ? 
_refine.pdbx_overall_phase_error                 32.9400 
_refine.pdbx_overall_SU_R_free_Cruickshank_DPI   ? 
_refine.pdbx_overall_SU_R_free_Blow_DPI          ? 
_refine.pdbx_overall_SU_R_Blow_DPI               ? 
_refine.pdbx_TLS_residual_ADP_flag               ? 
_refine.pdbx_diffrn_id                           1 
_refine.overall_SU_B                             ? 
_refine.overall_SU_ML                            0.1400 
_refine.overall_SU_R_Cruickshank_DPI             ? 
_refine.overall_SU_R_free                        ? 
_refine.overall_FOM_free_R_set                   ? 
_refine.overall_FOM_work_R_set                   ? 
_refine.pdbx_average_fsc_overall                 ? 
_refine.pdbx_average_fsc_work                    ? 
_refine.pdbx_average_fsc_free                    ? 
# 
_refine_hist.pdbx_refine_id                   'X-RAY DIFFRACTION' 
_refine_hist.cycle_id                         final 
_refine_hist.details                          ? 
_refine_hist.d_res_high                       3.1050 
_refine_hist.d_res_low                        30.2010 
_refine_hist.number_atoms_solvent             0 
_refine_hist.number_atoms_total               857 
_refine_hist.number_reflns_all                ? 
_refine_hist.number_reflns_obs                ? 
_refine_hist.number_reflns_R_free             ? 
_refine_hist.number_reflns_R_work             ? 
_refine_hist.R_factor_all                     ? 
_refine_hist.R_factor_obs                     ? 
_refine_hist.R_factor_R_free                  ? 
_refine_hist.R_factor_R_work                  ? 
_refine_hist.pdbx_number_residues_total       42 
_refine_hist.pdbx_B_iso_mean_ligand           219.55 
_refine_hist.pdbx_B_iso_mean_solvent          ? 
_refine_hist.pdbx_number_atoms_protein        0 
_refine_hist.pdbx_number_atoms_nucleic_acid   855 
_refine_hist.pdbx_number_atoms_ligand         2 
_refine_hist.pdbx_number_atoms_lipid          ? 
_refine_hist.pdbx_number_atoms_carb           ? 
_refine_hist.pdbx_pseudo_atom_details         ? 
# 
loop_
_refine_ls_restr.pdbx_refine_id 
_refine_ls_restr.criterion 
_refine_ls_restr.dev_ideal 
_refine_ls_restr.dev_ideal_target 
_refine_ls_restr.number 
_refine_ls_restr.rejects 
_refine_ls_restr.type 
_refine_ls_restr.weight 
_refine_ls_restr.pdbx_restraint_function 
'X-RAY DIFFRACTION' ? 0.005  ? 956  ? f_bond_d           ? ? 
'X-RAY DIFFRACTION' ? 0.769  ? 1467 ? f_angle_d          ? ? 
'X-RAY DIFFRACTION' ? 0.037  ? 166  ? f_chiral_restr     ? ? 
'X-RAY DIFFRACTION' ? 0.004  ? 42   ? f_plane_restr      ? ? 
'X-RAY DIFFRACTION' ? 33.811 ? 406  ? f_dihedral_angle_d ? ? 
# 
loop_
_refine_ls_shell.pdbx_refine_id 
_refine_ls_shell.d_res_high 
_refine_ls_shell.d_res_low 
_refine_ls_shell.number_reflns_all 
_refine_ls_shell.number_reflns_obs 
_refine_ls_shell.number_reflns_R_free 
_refine_ls_shell.number_reflns_R_work 
_refine_ls_shell.percent_reflns_obs 
_refine_ls_shell.percent_reflns_R_free 
_refine_ls_shell.R_factor_all 
_refine_ls_shell.R_factor_obs 
_refine_ls_shell.R_factor_R_free 
_refine_ls_shell.R_factor_R_free_error 
_refine_ls_shell.R_factor_R_work 
_refine_ls_shell.redundancy_reflns_all 
_refine_ls_shell.redundancy_reflns_obs 
_refine_ls_shell.wR_factor_all 
_refine_ls_shell.wR_factor_obs 
_refine_ls_shell.wR_factor_R_free 
_refine_ls_shell.wR_factor_R_work 
_refine_ls_shell.pdbx_R_complete 
_refine_ls_shell.pdbx_total_number_of_bins_used 
_refine_ls_shell.pdbx_phase_error 
_refine_ls_shell.pdbx_fsc_work 
_refine_ls_shell.pdbx_fsc_free 
'X-RAY DIFFRACTION' 3.105  3.5533 . . 137 1259 93.0000  . . . 0.2534 0.0000 0.2755 . . . . . . . . . . . 
'X-RAY DIFFRACTION' 3.5533 4.4745 . . 146 1353 100.0000 . . . 0.3067 0.0000 0.2858 . . . . . . . . . . . 
'X-RAY DIFFRACTION' 4.4745 30.201 . . 155 1339 100.0000 . . . 0.1999 0.0000 0.1754 . . . . . . . . . . . 
# 
_struct.entry_id                     7JI7 
_struct.title                        
;Self-assembly of a 3D DNA crystal lattice (4x6 scramble junction version) containing the J33 immobile Holliday junction with R3 symmetry
;
_struct.pdbx_model_details           ? 
_struct.pdbx_formula_weight          ? 
_struct.pdbx_formula_weight_method   ? 
_struct.pdbx_model_type_details      ? 
_struct.pdbx_CASP_flag               N 
# 
_struct_keywords.entry_id        7JI7 
_struct_keywords.text            
'Structural DNA nanotechnology, immobile Holliday junctions, 3D DNA self-assembly, designer DNA crystals, DNA' 
_struct_keywords.pdbx_keywords   DNA 
# 
loop_
_struct_asym.id 
_struct_asym.pdbx_blank_PDB_chainid_flag 
_struct_asym.pdbx_modified 
_struct_asym.entity_id 
_struct_asym.details 
A N N 1 ? 
B N N 2 ? 
C N N 3 ? 
D N N 4 ? 
E N N 5 ? 
F N N 5 ? 
# 
loop_
_struct_conn.id 
_struct_conn.conn_type_id 
_struct_conn.pdbx_leaving_atom_flag 
_struct_conn.pdbx_PDB_id 
_struct_conn.ptnr1_label_asym_id 
_struct_conn.ptnr1_label_comp_id 
_struct_conn.ptnr1_label_seq_id 
_struct_conn.ptnr1_label_atom_id 
_struct_conn.pdbx_ptnr1_label_alt_id 
_struct_conn.pdbx_ptnr1_PDB_ins_code 
_struct_conn.pdbx_ptnr1_standard_comp_id 
_struct_conn.ptnr1_symmetry 
_struct_conn.ptnr2_label_asym_id 
_struct_conn.ptnr2_label_comp_id 
_struct_conn.ptnr2_label_seq_id 
_struct_conn.ptnr2_label_atom_id 
_struct_conn.pdbx_ptnr2_label_alt_id 
_struct_conn.pdbx_ptnr2_PDB_ins_code 
_struct_conn.ptnr1_auth_asym_id 
_struct_conn.ptnr1_auth_comp_id 
_struct_conn.ptnr1_auth_seq_id 
_struct_conn.ptnr2_auth_asym_id 
_struct_conn.ptnr2_auth_comp_id 
_struct_conn.ptnr2_auth_seq_id 
_struct_conn.ptnr2_symmetry 
_struct_conn.pdbx_ptnr3_label_atom_id 
_struct_conn.pdbx_ptnr3_label_seq_id 
_struct_conn.pdbx_ptnr3_label_comp_id 
_struct_conn.pdbx_ptnr3_label_asym_id 
_struct_conn.pdbx_ptnr3_label_alt_id 
_struct_conn.pdbx_ptnr3_PDB_ins_code 
_struct_conn.details 
_struct_conn.pdbx_dist_value 
_struct_conn.pdbx_value_order 
_struct_conn.pdbx_role 
hydrog1  hydrog ? ? A DA 3  N1 ? ? ? 1_555 D DT 15 N3 ? ? A DA 3  D DT 16 1_555 ? ? ? ? ? ? WATSON-CRICK ? ? ? 
hydrog2  hydrog ? ? A DA 3  N6 ? ? ? 1_555 D DT 15 O4 ? ? A DA 3  D DT 16 1_555 ? ? ? ? ? ? WATSON-CRICK ? ? ? 
hydrog3  hydrog ? ? A DC 4  N3 ? ? ? 1_555 D DG 14 N1 ? ? A DC 4  D DG 15 1_555 ? ? ? ? ? ? WATSON-CRICK ? ? ? 
hydrog4  hydrog ? ? A DC 4  N4 ? ? ? 1_555 D DG 14 O6 ? ? A DC 4  D DG 15 1_555 ? ? ? ? ? ? WATSON-CRICK ? ? ? 
hydrog5  hydrog ? ? A DC 4  O2 ? ? ? 1_555 D DG 14 N2 ? ? A DC 4  D DG 15 1_555 ? ? ? ? ? ? WATSON-CRICK ? ? ? 
hydrog6  hydrog ? ? A DG 5  N1 ? ? ? 1_555 D DC 13 N3 ? ? A DG 5  D DC 14 1_555 ? ? ? ? ? ? WATSON-CRICK ? ? ? 
hydrog7  hydrog ? ? A DG 5  N2 ? ? ? 1_555 D DC 13 O2 ? ? A DG 5  D DC 14 1_555 ? ? ? ? ? ? WATSON-CRICK ? ? ? 
hydrog8  hydrog ? ? A DG 5  O6 ? ? ? 1_555 D DC 13 N4 ? ? A DG 5  D DC 14 1_555 ? ? ? ? ? ? WATSON-CRICK ? ? ? 
hydrog9  hydrog ? ? A DA 6  N1 ? ? ? 1_555 D DT 12 N3 ? ? A DA 6  D DT 13 1_555 ? ? ? ? ? ? WATSON-CRICK ? ? ? 
hydrog10 hydrog ? ? A DA 6  N6 ? ? ? 1_555 D DT 12 O4 ? ? A DA 6  D DT 13 1_555 ? ? ? ? ? ? WATSON-CRICK ? ? ? 
hydrog11 hydrog ? ? A DC 7  N3 ? ? ? 1_555 D DG 11 N1 ? ? A DC 7  D DG 12 1_555 ? ? ? ? ? ? WATSON-CRICK ? ? ? 
hydrog12 hydrog ? ? A DC 7  N4 ? ? ? 1_555 D DG 11 O6 ? ? A DC 7  D DG 12 1_555 ? ? ? ? ? ? WATSON-CRICK ? ? ? 
hydrog13 hydrog ? ? A DC 7  O2 ? ? ? 1_555 D DG 11 N2 ? ? A DC 7  D DG 12 1_555 ? ? ? ? ? ? WATSON-CRICK ? ? ? 
hydrog14 hydrog ? ? A DA 8  N1 ? ? ? 1_555 D DT 10 N3 ? ? A DA 8  D DT 11 1_555 ? ? ? ? ? ? WATSON-CRICK ? ? ? 
hydrog15 hydrog ? ? A DA 8  N6 ? ? ? 1_555 D DT 10 O4 ? ? A DA 8  D DT 11 1_555 ? ? ? ? ? ? WATSON-CRICK ? ? ? 
hydrog16 hydrog ? ? A DT 9  N3 ? ? ? 1_555 D DA 9  N1 ? ? A DT 9  D DA 10 1_555 ? ? ? ? ? ? WATSON-CRICK ? ? ? 
hydrog17 hydrog ? ? A DT 9  O4 ? ? ? 1_555 D DA 9  N6 ? ? A DT 9  D DA 10 1_555 ? ? ? ? ? ? WATSON-CRICK ? ? ? 
hydrog18 hydrog ? ? A DT 10 N3 ? ? ? 1_555 C DA 3  N1 ? ? A DT 10 C DA 2  1_555 ? ? ? ? ? ? WATSON-CRICK ? ? ? 
hydrog19 hydrog ? ? A DT 10 O4 ? ? ? 1_555 C DA 3  N6 ? ? A DT 10 C DA 2  1_555 ? ? ? ? ? ? WATSON-CRICK ? ? ? 
hydrog20 hydrog ? ? A DG 11 N1 ? ? ? 1_555 C DC 2  N3 ? ? A DG 11 C DC 1  1_555 ? ? ? ? ? ? WATSON-CRICK ? ? ? 
hydrog21 hydrog ? ? A DG 11 N2 ? ? ? 1_555 C DC 2  O2 ? ? A DG 11 C DC 1  1_555 ? ? ? ? ? ? WATSON-CRICK ? ? ? 
hydrog22 hydrog ? ? A DG 11 O6 ? ? ? 1_555 C DC 2  N4 ? ? A DG 11 C DC 1  1_555 ? ? ? ? ? ? WATSON-CRICK ? ? ? 
hydrog23 hydrog ? ? A DA 12 N1 ? ? ? 1_555 C DT 1  N3 ? ? A DA 12 C DT 0  1_555 ? ? ? ? ? ? WATSON-CRICK ? ? ? 
hydrog24 hydrog ? ? A DA 12 N6 ? ? ? 1_555 C DT 1  O4 ? ? A DA 12 C DT 0  1_555 ? ? ? ? ? ? WATSON-CRICK ? ? ? 
hydrog25 hydrog ? ? B DC 1  N3 ? ? ? 1_555 C DG 6  N1 ? ? B DC 12 C DG 5  1_555 ? ? ? ? ? ? WATSON-CRICK ? ? ? 
hydrog26 hydrog ? ? B DC 1  N4 ? ? ? 1_555 C DG 6  O6 ? ? B DC 12 C DG 5  1_555 ? ? ? ? ? ? WATSON-CRICK ? ? ? 
hydrog27 hydrog ? ? B DC 1  O2 ? ? ? 1_555 C DG 6  N2 ? ? B DC 12 C DG 5  1_555 ? ? ? ? ? ? WATSON-CRICK ? ? ? 
hydrog28 hydrog ? ? B DG 2  N1 ? ? ? 1_555 C DC 5  N3 ? ? B DG 13 C DC 4  1_555 ? ? ? ? ? ? WATSON-CRICK ? ? ? 
hydrog29 hydrog ? ? B DG 2  N2 ? ? ? 1_555 C DC 5  O2 ? ? B DG 13 C DC 4  1_555 ? ? ? ? ? ? WATSON-CRICK ? ? ? 
hydrog30 hydrog ? ? B DG 2  O6 ? ? ? 1_555 C DC 5  N4 ? ? B DG 13 C DC 4  1_555 ? ? ? ? ? ? WATSON-CRICK ? ? ? 
hydrog31 hydrog ? ? B DA 3  N1 ? ? ? 1_555 C DT 4  N3 ? ? B DA 14 C DT 3  1_555 ? ? ? ? ? ? WATSON-CRICK ? ? ? 
hydrog32 hydrog ? ? B DA 3  N6 ? ? ? 1_555 C DT 4  O4 ? ? B DA 14 C DT 3  1_555 ? ? ? ? ? ? WATSON-CRICK ? ? ? 
hydrog33 hydrog ? ? B DG 4  N1 ? ? ? 1_555 D DC 8  N3 ? ? B DG 15 D DC 9  1_555 ? ? ? ? ? ? WATSON-CRICK ? ? ? 
hydrog34 hydrog ? ? B DG 4  N2 ? ? ? 1_555 D DC 8  O2 ? ? B DG 15 D DC 9  1_555 ? ? ? ? ? ? WATSON-CRICK ? ? ? 
hydrog35 hydrog ? ? B DG 4  O6 ? ? ? 1_555 D DC 8  N4 ? ? B DG 15 D DC 9  1_555 ? ? ? ? ? ? WATSON-CRICK ? ? ? 
hydrog36 hydrog ? ? B DG 5  N2 ? ? ? 1_555 D DC 7  O2 ? ? B DG 16 D DC 8  1_555 ? ? ? ? ? ? 'DG-DC PAIR' ? ? ? 
hydrog37 hydrog ? ? B DA 6  N1 ? ? ? 1_555 D DT 6  N3 ? ? B DA 17 D DT 7  1_555 ? ? ? ? ? ? WATSON-CRICK ? ? ? 
hydrog38 hydrog ? ? B DA 6  N6 ? ? ? 1_555 D DT 6  O4 ? ? B DA 17 D DT 7  1_555 ? ? ? ? ? ? WATSON-CRICK ? ? ? 
hydrog39 hydrog ? ? B DC 7  N3 ? ? ? 1_555 D DG 5  N1 ? ? B DC 18 D DG 6  1_555 ? ? ? ? ? ? WATSON-CRICK ? ? ? 
hydrog40 hydrog ? ? B DC 7  N4 ? ? ? 1_555 D DG 5  O6 ? ? B DC 18 D DG 6  1_555 ? ? ? ? ? ? WATSON-CRICK ? ? ? 
hydrog41 hydrog ? ? B DC 7  O2 ? ? ? 1_555 D DG 5  N2 ? ? B DC 18 D DG 6  1_555 ? ? ? ? ? ? WATSON-CRICK ? ? ? 
hydrog42 hydrog ? ? B DT 8  N3 ? ? ? 1_555 D DA 4  N1 ? ? B DT 19 D DA 5  1_555 ? ? ? ? ? ? WATSON-CRICK ? ? ? 
hydrog43 hydrog ? ? B DT 8  O4 ? ? ? 1_555 D DA 4  N6 ? ? B DT 19 D DA 5  1_555 ? ? ? ? ? ? WATSON-CRICK ? ? ? 
hydrog44 hydrog ? ? B DC 9  N3 ? ? ? 1_555 D DG 3  N1 ? ? B DC 20 D DG 4  1_555 ? ? ? ? ? ? WATSON-CRICK ? ? ? 
hydrog45 hydrog ? ? B DC 9  N4 ? ? ? 1_555 D DG 3  O6 ? ? B DC 20 D DG 4  1_555 ? ? ? ? ? ? WATSON-CRICK ? ? ? 
hydrog46 hydrog ? ? B DC 9  O2 ? ? ? 1_555 D DG 3  N2 ? ? B DC 20 D DG 4  1_555 ? ? ? ? ? ? WATSON-CRICK ? ? ? 
# 
_struct_conn_type.id          hydrog 
_struct_conn_type.criteria    ? 
_struct_conn_type.reference   ? 
# 
_atom_sites.entry_id                    7JI7 
_atom_sites.Cartn_transf_matrix[1][1]   ? 
_atom_sites.Cartn_transf_matrix[1][2]   ? 
_atom_sites.Cartn_transf_matrix[1][3]   ? 
_atom_sites.Cartn_transf_matrix[2][1]   ? 
_atom_sites.Cartn_transf_matrix[2][2]   ? 
_atom_sites.Cartn_transf_matrix[2][3]   ? 
_atom_sites.Cartn_transf_matrix[3][1]   ? 
_atom_sites.Cartn_transf_matrix[3][2]   ? 
_atom_sites.Cartn_transf_matrix[3][3]   ? 
_atom_sites.Cartn_transf_vector[1]      ? 
_atom_sites.Cartn_transf_vector[2]      ? 
_atom_sites.Cartn_transf_vector[3]      ? 
_atom_sites.fract_transf_matrix[1][1]   -0.00551584 
_atom_sites.fract_transf_matrix[1][2]   -0.00531259 
_atom_sites.fract_transf_matrix[1][3]   -0.00668914 
_atom_sites.fract_transf_matrix[2][1]   -0.00139647 
_atom_sites.fract_transf_matrix[2][2]   0.00357496 
_atom_sites.fract_transf_matrix[2][3]   -0.00941583 
_atom_sites.fract_transf_matrix[3][1]   0.01594082 
_atom_sites.fract_transf_matrix[3][2]   -0.00918364 
_atom_sites.fract_transf_matrix[3][3]   -0.00585099 
_atom_sites.fract_transf_vector[1]      0.326152 
_atom_sites.fract_transf_vector[2]      0.161866 
_atom_sites.fract_transf_vector[3]      -0.093427 
_atom_sites.solution_primary            ? 
_atom_sites.solution_secondary          ? 
_atom_sites.solution_hydrogens          ? 
_atom_sites.special_details             ? 
# 
loop_
_atom_type.symbol 
AS 
C  
N  
O  
P  
# 
loop_
_atom_site.group_PDB 
_atom_site.id 
_atom_site.type_symbol 
_atom_site.label_atom_id 
_atom_site.label_alt_id 
_atom_site.label_comp_id 
_atom_site.label_asym_id 
_atom_site.label_entity_id 
_atom_site.label_seq_id 
_atom_site.pdbx_PDB_ins_code 
_atom_site.Cartn_x 
_atom_site.Cartn_y 
_atom_site.Cartn_z 
_atom_site.occupancy 
_atom_site.B_iso_or_equiv 
_atom_site.pdbx_formal_charge 
_atom_site.auth_seq_id 
_atom_site.auth_comp_id 
_atom_site.auth_asym_id 
_atom_site.auth_atom_id 
_atom_site.pdbx_PDB_model_num 
ATOM   1   O  "O5'" . DG  A 1 1  ? 26.053  3.866   -2.051  1.00 115.78 ? 1   DG  A "O5'" 1 
ATOM   2   C  "C5'" . DG  A 1 1  ? 27.025  4.464   -2.906  1.00 116.14 ? 1   DG  A "C5'" 1 
ATOM   3   C  "C4'" . DG  A 1 1  ? 26.613  5.873   -3.290  1.00 114.59 ? 1   DG  A "C4'" 1 
ATOM   4   O  "O4'" . DG  A 1 1  ? 26.884  6.081   -4.687  1.00 107.20 ? 1   DG  A "O4'" 1 
ATOM   5   C  "C3'" . DG  A 1 1  ? 25.132  6.166   -3.137  1.00 113.16 ? 1   DG  A "C3'" 1 
ATOM   6   O  "O3'" . DG  A 1 1  ? 24.866  6.654   -1.822  1.00 117.42 ? 1   DG  A "O3'" 1 
ATOM   7   C  "C2'" . DG  A 1 1  ? 24.865  7.242   -4.198  1.00 107.51 ? 1   DG  A "C2'" 1 
ATOM   8   C  "C1'" . DG  A 1 1  ? 26.035  7.091   -5.181  1.00 103.02 ? 1   DG  A "C1'" 1 
ATOM   9   N  N9    . DG  A 1 1  ? 25.634  6.729   -6.537  1.00 96.39  ? 1   DG  A N9    1 
ATOM   10  C  C8    . DG  A 1 1  ? 26.108  5.673   -7.279  1.00 97.74  ? 1   DG  A C8    1 
ATOM   11  N  N7    . DG  A 1 1  ? 25.580  5.594   -8.468  1.00 95.26  ? 1   DG  A N7    1 
ATOM   12  C  C5    . DG  A 1 1  ? 24.701  6.669   -8.522  1.00 93.90  ? 1   DG  A C5    1 
ATOM   13  C  C6    . DG  A 1 1  ? 23.846  7.092   -9.565  1.00 94.09  ? 1   DG  A C6    1 
ATOM   14  O  O6    . DG  A 1 1  ? 23.692  6.584   -10.684 1.00 94.22  ? 1   DG  A O6    1 
ATOM   15  N  N1    . DG  A 1 1  ? 23.120  8.230   -9.211  1.00 91.63  ? 1   DG  A N1    1 
ATOM   16  C  C2    . DG  A 1 1  ? 23.211  8.873   -8.000  1.00 94.52  ? 1   DG  A C2    1 
ATOM   17  N  N2    . DG  A 1 1  ? 22.433  9.955   -7.841  1.00 90.92  ? 1   DG  A N2    1 
ATOM   18  N  N3    . DG  A 1 1  ? 24.010  8.486   -7.013  1.00 97.83  ? 1   DG  A N3    1 
ATOM   19  C  C4    . DG  A 1 1  ? 24.723  7.379   -7.343  1.00 94.98  ? 1   DG  A C4    1 
ATOM   20  P  P     . DA  A 1 2  ? 23.525  6.216   -1.050  1.00 128.71 ? 2   DA  A P     1 
ATOM   21  O  OP1   . DA  A 1 2  ? 23.942  5.551   0.205   1.00 120.72 ? 2   DA  A OP1   1 
ATOM   22  O  OP2   . DA  A 1 2  ? 22.649  5.506   -2.009  1.00 114.68 ? 2   DA  A OP2   1 
ATOM   23  O  "O5'" . DA  A 1 2  ? 22.820  7.603   -0.675  1.00 121.41 ? 2   DA  A "O5'" 1 
ATOM   24  C  "C5'" . DA  A 1 2  ? 22.997  8.742   -1.504  1.00 116.49 ? 2   DA  A "C5'" 1 
ATOM   25  C  "C4'" . DA  A 1 2  ? 21.698  9.134   -2.187  1.00 116.78 ? 2   DA  A "C4'" 1 
ATOM   26  O  "O4'" . DA  A 1 2  ? 21.748  8.751   -3.584  1.00 109.42 ? 2   DA  A "O4'" 1 
ATOM   27  C  "C3'" . DA  A 1 2  ? 20.429  8.500   -1.611  1.00 117.69 ? 2   DA  A "C3'" 1 
ATOM   28  O  "O3'" . DA  A 1 2  ? 19.410  9.497   -1.490  1.00 120.50 ? 2   DA  A "O3'" 1 
ATOM   29  C  "C2'" . DA  A 1 2  ? 20.068  7.431   -2.645  1.00 110.39 ? 2   DA  A "C2'" 1 
ATOM   30  C  "C1'" . DA  A 1 2  ? 20.574  8.059   -3.932  1.00 106.56 ? 2   DA  A "C1'" 1 
ATOM   31  N  N9    . DA  A 1 2  ? 20.915  7.088   -4.961  1.00 102.65 ? 2   DA  A N9    1 
ATOM   32  C  C8    . DA  A 1 2  ? 21.774  6.031   -4.845  1.00 102.49 ? 2   DA  A C8    1 
ATOM   33  N  N7    . DA  A 1 2  ? 21.899  5.328   -5.945  1.00 97.55  ? 2   DA  A N7    1 
ATOM   34  C  C5    . DA  A 1 2  ? 21.066  5.969   -6.845  1.00 98.49  ? 2   DA  A C5    1 
ATOM   35  C  C6    . DA  A 1 2  ? 20.751  5.716   -8.194  1.00 97.28  ? 2   DA  A C6    1 
ATOM   36  N  N6    . DA  A 1 2  ? 21.268  4.699   -8.889  1.00 94.88  ? 2   DA  A N6    1 
ATOM   37  N  N1    . DA  A 1 2  ? 19.881  6.550   -8.803  1.00 95.23  ? 2   DA  A N1    1 
ATOM   38  C  C2    . DA  A 1 2  ? 19.367  7.567   -8.102  1.00 97.13  ? 2   DA  A C2    1 
ATOM   39  N  N3    . DA  A 1 2  ? 19.586  7.906   -6.831  1.00 97.37  ? 2   DA  A N3    1 
ATOM   40  C  C4    . DA  A 1 2  ? 20.454  7.060   -6.255  1.00 99.40  ? 2   DA  A C4    1 
ATOM   41  P  P     . DA  A 1 3  ? 17.898  9.104   -1.107  1.00 123.83 ? 3   DA  A P     1 
ATOM   42  O  OP1   . DA  A 1 3  ? 17.354  10.224  -0.306  1.00 121.78 ? 3   DA  A OP1   1 
ATOM   43  O  OP2   . DA  A 1 3  ? 17.863  7.730   -0.557  1.00 121.61 ? 3   DA  A OP2   1 
ATOM   44  O  "O5'" . DA  A 1 3  ? 17.144  9.102   -2.515  1.00 110.42 ? 3   DA  A "O5'" 1 
ATOM   45  C  "C5'" . DA  A 1 3  ? 17.075  10.304  -3.280  1.00 110.72 ? 3   DA  A "C5'" 1 
ATOM   46  C  "C4'" . DA  A 1 3  ? 15.892  10.279  -4.232  1.00 111.13 ? 3   DA  A "C4'" 1 
ATOM   47  O  "O4'" . DA  A 1 3  ? 16.217  9.470   -5.390  1.00 110.04 ? 3   DA  A "O4'" 1 
ATOM   48  C  "C3'" . DA  A 1 3  ? 14.609  9.696   -3.655  1.00 108.20 ? 3   DA  A "C3'" 1 
ATOM   49  O  "O3'" . DA  A 1 3  ? 13.481  10.391  -4.160  1.00 113.01 ? 3   DA  A "O3'" 1 
ATOM   50  C  "C2'" . DA  A 1 3  ? 14.635  8.245   -4.127  1.00 103.88 ? 3   DA  A "C2'" 1 
ATOM   51  C  "C1'" . DA  A 1 3  ? 15.371  8.338   -5.460  1.00 101.88 ? 3   DA  A "C1'" 1 
ATOM   52  N  N9    . DA  A 1 3  ? 16.201  7.170   -5.734  1.00 98.47  ? 3   DA  A N9    1 
ATOM   53  C  C8    . DA  A 1 3  ? 17.032  6.534   -4.856  1.00 99.92  ? 3   DA  A C8    1 
ATOM   54  N  N7    . DA  A 1 3  ? 17.661  5.505   -5.371  1.00 97.54  ? 3   DA  A N7    1 
ATOM   55  C  C5    . DA  A 1 3  ? 17.212  5.461   -6.679  1.00 95.13  ? 3   DA  A C5    1 
ATOM   56  C  C6    . DA  A 1 3  ? 17.504  4.597   -7.751  1.00 94.14  ? 3   DA  A C6    1 
ATOM   57  N  N6    . DA  A 1 3  ? 18.357  3.570   -7.657  1.00 92.38  ? 3   DA  A N6    1 
ATOM   58  N  N1    . DA  A 1 3  ? 16.887  4.828   -8.927  1.00 94.14  ? 3   DA  A N1    1 
ATOM   59  C  C2    . DA  A 1 3  ? 16.034  5.857   -9.015  1.00 94.77  ? 3   DA  A C2    1 
ATOM   60  N  N3    . DA  A 1 3  ? 15.678  6.739   -8.078  1.00 92.70  ? 3   DA  A N3    1 
ATOM   61  C  C4    . DA  A 1 3  ? 16.310  6.482   -6.922  1.00 94.24  ? 3   DA  A C4    1 
ATOM   62  P  P     . DC  A 1 4  ? 12.052  10.218  -3.450  1.00 118.28 ? 4   DC  A P     1 
ATOM   63  O  OP1   . DC  A 1 4  ? 11.426  11.556  -3.367  1.00 115.99 ? 4   DC  A OP1   1 
ATOM   64  O  OP2   . DC  A 1 4  ? 12.257  9.423   -2.218  1.00 107.70 ? 4   DC  A OP2   1 
ATOM   65  O  "O5'" . DC  A 1 4  ? 11.220  9.328   -4.485  1.00 106.96 ? 4   DC  A "O5'" 1 
ATOM   66  C  "C5'" . DC  A 1 4  ? 10.856  9.875   -5.741  1.00 102.62 ? 4   DC  A "C5'" 1 
ATOM   67  C  "C4'" . DC  A 1 4  ? 10.627  8.784   -6.772  1.00 102.98 ? 4   DC  A "C4'" 1 
ATOM   68  O  "O4'" . DC  A 1 4  ? 11.770  7.921   -6.828  1.00 101.14 ? 4   DC  A "O4'" 1 
ATOM   69  C  "C3'" . DC  A 1 4  ? 9.448   7.858   -6.488  1.00 105.08 ? 4   DC  A "C3'" 1 
ATOM   70  O  "O3'" . DC  A 1 4  ? 8.329   8.260   -7.256  1.00 111.29 ? 4   DC  A "O3'" 1 
ATOM   71  C  "C2'" . DC  A 1 4  ? 9.944   6.461   -6.906  1.00 98.17  ? 4   DC  A "C2'" 1 
ATOM   72  C  "C1'" . DC  A 1 4  ? 11.364  6.714   -7.410  1.00 95.65  ? 4   DC  A "C1'" 1 
ATOM   73  N  N1    . DC  A 1 4  ? 12.348  5.657   -7.029  1.00 92.54  ? 4   DC  A N1    1 
ATOM   74  C  C2    . DC  A 1 4  ? 12.751  4.712   -7.979  1.00 90.25  ? 4   DC  A C2    1 
ATOM   75  O  O2    . DC  A 1 4  ? 12.273  4.763   -9.119  1.00 87.99  ? 4   DC  A O2    1 
ATOM   76  N  N3    . DC  A 1 4  ? 13.653  3.763   -7.618  1.00 88.43  ? 4   DC  A N3    1 
ATOM   77  C  C4    . DC  A 1 4  ? 14.143  3.743   -6.379  1.00 88.93  ? 4   DC  A C4    1 
ATOM   78  N  N4    . DC  A 1 4  ? 15.028  2.790   -6.074  1.00 84.26  ? 4   DC  A N4    1 
ATOM   79  C  C5    . DC  A 1 4  ? 13.747  4.698   -5.397  1.00 90.91  ? 4   DC  A C5    1 
ATOM   80  C  C6    . DC  A 1 4  ? 12.857  5.628   -5.762  1.00 93.29  ? 4   DC  A C6    1 
ATOM   81  P  P     . DG  A 1 5  ? 6.850   7.789   -6.843  1.00 113.63 ? 5   DG  A P     1 
ATOM   82  O  OP1   . DG  A 1 5  ? 5.929   8.868   -7.263  1.00 109.89 ? 5   DG  A OP1   1 
ATOM   83  O  OP2   . DG  A 1 5  ? 6.881   7.359   -5.427  1.00 106.17 ? 5   DG  A OP2   1 
ATOM   84  O  "O5'" . DG  A 1 5  ? 6.591   6.495   -7.753  1.00 104.78 ? 5   DG  A "O5'" 1 
ATOM   85  C  "C5'" . DG  A 1 5  ? 6.585   6.618   -9.173  1.00 101.86 ? 5   DG  A "C5'" 1 
ATOM   86  C  "C4'" . DG  A 1 5  ? 6.949   5.304   -9.847  1.00 104.25 ? 5   DG  A "C4'" 1 
ATOM   87  O  "O4'" . DG  A 1 5  ? 8.192   4.796   -9.304  1.00 98.26  ? 5   DG  A "O4'" 1 
ATOM   88  C  "C3'" . DG  A 1 5  ? 5.919   4.176   -9.691  1.00 101.23 ? 5   DG  A "C3'" 1 
ATOM   89  O  "O3'" . DG  A 1 5  ? 5.475   3.745   -10.975 1.00 101.61 ? 5   DG  A "O3'" 1 
ATOM   90  C  "C2'" . DG  A 1 5  ? 6.684   3.065   -8.958  1.00 95.21  ? 5   DG  A "C2'" 1 
ATOM   91  C  "C1'" . DG  A 1 5  ? 8.129   3.394   -9.293  1.00 92.47  ? 5   DG  A "C1'" 1 
ATOM   92  N  N9    . DG  A 1 5  ? 9.089   2.896   -8.310  1.00 89.33  ? 5   DG  A N9    1 
ATOM   93  C  C8    . DG  A 1 5  ? 9.244   3.325   -7.014  1.00 89.87  ? 5   DG  A C8    1 
ATOM   94  N  N7    . DG  A 1 5  ? 10.188  2.702   -6.366  1.00 84.49  ? 5   DG  A N7    1 
ATOM   95  C  C5    . DG  A 1 5  ? 10.689  1.793   -7.286  1.00 84.36  ? 5   DG  A C5    1 
ATOM   96  C  C6    . DG  A 1 5  ? 11.725  0.840   -7.151  1.00 84.12  ? 5   DG  A C6    1 
ATOM   97  O  O6    . DG  A 1 5  ? 12.423  0.607   -6.158  1.00 83.82  ? 5   DG  A O6    1 
ATOM   98  N  N1    . DG  A 1 5  ? 11.919  0.117   -8.325  1.00 84.64  ? 5   DG  A N1    1 
ATOM   99  C  C2    . DG  A 1 5  ? 11.199  0.294   -9.484  1.00 87.38  ? 5   DG  A C2    1 
ATOM   100 N  N2    . DG  A 1 5  ? 11.529  -0.499  -10.516 1.00 87.25  ? 5   DG  A N2    1 
ATOM   101 N  N3    . DG  A 1 5  ? 10.223  1.185   -9.625  1.00 86.39  ? 5   DG  A N3    1 
ATOM   102 C  C4    . DG  A 1 5  ? 10.023  1.897   -8.490  1.00 86.53  ? 5   DG  A C4    1 
ATOM   103 P  P     . DA  A 1 6  ? 4.136   2.869   -11.117 1.00 107.81 ? 6   DA  A P     1 
ATOM   104 O  OP1   . DA  A 1 6  ? 3.360   3.422   -12.248 1.00 103.66 ? 6   DA  A OP1   1 
ATOM   105 O  OP2   . DA  A 1 6  ? 3.516   2.766   -9.777  1.00 109.72 ? 6   DA  A OP2   1 
ATOM   106 O  "O5'" . DA  A 1 6  ? 4.662   1.415   -11.525 1.00 98.70  ? 6   DA  A "O5'" 1 
ATOM   107 C  "C5'" . DA  A 1 6  ? 5.313   1.223   -12.772 1.00 96.54  ? 6   DA  A "C5'" 1 
ATOM   108 C  "C4'" . DA  A 1 6  ? 5.801   -0.208  -12.912 1.00 97.44  ? 6   DA  A "C4'" 1 
ATOM   109 O  "O4'" . DA  A 1 6  ? 6.853   -0.452  -11.946 1.00 93.07  ? 6   DA  A "O4'" 1 
ATOM   110 C  "C3'" . DA  A 1 6  ? 4.739   -1.281  -12.681 1.00 95.48  ? 6   DA  A "C3'" 1 
ATOM   111 O  "O3'" . DA  A 1 6  ? 4.874   -2.320  -13.643 1.00 97.52  ? 6   DA  A "O3'" 1 
ATOM   112 C  "C2'" . DA  A 1 6  ? 5.022   -1.777  -11.263 1.00 92.47  ? 6   DA  A "C2'" 1 
ATOM   113 C  "C1'" . DA  A 1 6  ? 6.522   -1.541  -11.113 1.00 89.46  ? 6   DA  A "C1'" 1 
ATOM   114 N  N9    . DA  A 1 6  ? 6.912   -1.204  -9.747  1.00 87.51  ? 6   DA  A N9    1 
ATOM   115 C  C8    . DA  A 1 6  ? 6.302   -0.300  -8.920  1.00 87.40  ? 6   DA  A C8    1 
ATOM   116 N  N7    . DA  A 1 6  ? 6.863   -0.196  -7.737  1.00 81.81  ? 6   DA  A N7    1 
ATOM   117 C  C5    . DA  A 1 6  ? 7.915   -1.099  -7.788  1.00 79.42  ? 6   DA  A C5    1 
ATOM   118 C  C6    . DA  A 1 6  ? 8.894   -1.461  -6.842  1.00 81.04  ? 6   DA  A C6    1 
ATOM   119 N  N6    . DA  A 1 6  ? 8.969   -0.934  -5.618  1.00 79.46  ? 6   DA  A N6    1 
ATOM   120 N  N1    . DA  A 1 6  ? 9.801   -2.394  -7.210  1.00 80.23  ? 6   DA  A N1    1 
ATOM   121 C  C2    . DA  A 1 6  ? 9.723   -2.919  -8.439  1.00 82.60  ? 6   DA  A C2    1 
ATOM   122 N  N3    . DA  A 1 6  ? 8.846   -2.657  -9.412  1.00 83.63  ? 6   DA  A N3    1 
ATOM   123 C  C4    . DA  A 1 6  ? 7.959   -1.726  -9.017  1.00 82.30  ? 6   DA  A C4    1 
ATOM   124 P  P     . DC  A 1 7  ? 3.874   -3.577  -13.622 1.00 107.51 ? 7   DC  A P     1 
ATOM   125 O  OP1   . DC  A 1 7  ? 3.775   -4.075  -15.011 1.00 111.23 ? 7   DC  A OP1   1 
ATOM   126 O  OP2   . DC  A 1 7  ? 2.640   -3.167  -12.912 1.00 103.85 ? 7   DC  A OP2   1 
ATOM   127 O  "O5'" . DC  A 1 7  ? 4.648   -4.659  -12.730 1.00 95.24  ? 7   DC  A "O5'" 1 
ATOM   128 C  "C5'" . DC  A 1 7  ? 6.036   -4.871  -12.941 1.00 92.68  ? 7   DC  A "C5'" 1 
ATOM   129 C  "C4'" . DC  A 1 7  ? 6.651   -5.725  -11.840 1.00 94.78  ? 7   DC  A "C4'" 1 
ATOM   130 O  "O4'" . DC  A 1 7  ? 6.889   -4.940  -10.650 1.00 91.66  ? 7   DC  A "O4'" 1 
ATOM   131 C  "C3'" . DC  A 1 7  ? 5.821   -6.931  -11.384 1.00 92.15  ? 7   DC  A "C3'" 1 
ATOM   132 O  "O3'" . DC  A 1 7  ? 6.459   -8.136  -11.810 1.00 96.89  ? 7   DC  A "O3'" 1 
ATOM   133 C  "C2'" . DC  A 1 7  ? 5.793   -6.813  -9.847  1.00 88.86  ? 7   DC  A "C2'" 1 
ATOM   134 C  "C1'" . DC  A 1 7  ? 6.918   -5.831  -9.566  1.00 87.55  ? 7   DC  A "C1'" 1 
ATOM   135 N  N1    . DC  A 1 7  ? 6.743   -5.069  -8.287  1.00 85.18  ? 7   DC  A N1    1 
ATOM   136 C  C2    . DC  A 1 7  ? 7.610   -5.310  -7.210  1.00 82.11  ? 7   DC  A C2    1 
ATOM   137 O  O2    . DC  A 1 7  ? 8.514   -6.147  -7.338  1.00 84.23  ? 7   DC  A O2    1 
ATOM   138 N  N3    . DC  A 1 7  ? 7.436   -4.615  -6.058  1.00 75.03  ? 7   DC  A N3    1 
ATOM   139 C  C4    . DC  A 1 7  ? 6.452   -3.721  -5.960  1.00 75.81  ? 7   DC  A C4    1 
ATOM   140 N  N4    . DC  A 1 7  ? 6.319   -3.063  -4.805  1.00 74.07  ? 7   DC  A N4    1 
ATOM   141 C  C5    . DC  A 1 7  ? 5.557   -3.463  -7.042  1.00 79.99  ? 7   DC  A C5    1 
ATOM   142 C  C6    . DC  A 1 7  ? 5.738   -4.154  -8.175  1.00 83.38  ? 7   DC  A C6    1 
ATOM   143 P  P     . DA  A 1 8  ? 6.031   -9.560  -11.198 1.00 105.03 ? 8   DA  A P     1 
ATOM   144 O  OP1   . DA  A 1 8  ? 6.410   -10.578 -12.200 1.00 102.14 ? 8   DA  A OP1   1 
ATOM   145 O  OP2   . DA  A 1 8  ? 4.619   -9.478  -10.756 1.00 100.14 ? 8   DA  A OP2   1 
ATOM   146 O  "O5'" . DA  A 1 8  ? 6.975   -9.740  -9.913  1.00 87.81  ? 8   DA  A "O5'" 1 
ATOM   147 C  "C5'" . DA  A 1 8  ? 8.394   -9.703  -10.060 1.00 84.27  ? 8   DA  A "C5'" 1 
ATOM   148 C  "C4'" . DA  A 1 8  ? 9.088   -10.178 -8.794  1.00 89.06  ? 8   DA  A "C4'" 1 
ATOM   149 O  "O4'" . DA  A 1 8  ? 8.889   -9.206  -7.736  1.00 89.03  ? 8   DA  A "O4'" 1 
ATOM   150 C  "C3'" . DA  A 1 8  ? 8.593   -11.520 -8.246  1.00 89.24  ? 8   DA  A "C3'" 1 
ATOM   151 O  "O3'" . DA  A 1 8  ? 9.694   -12.338 -7.863  1.00 92.33  ? 8   DA  A "O3'" 1 
ATOM   152 C  "C2'" . DA  A 1 8  ? 7.745   -11.123 -7.041  1.00 86.25  ? 8   DA  A "C2'" 1 
ATOM   153 C  "C1'" . DA  A 1 8  ? 8.435   -9.856  -6.570  1.00 84.44  ? 8   DA  A "C1'" 1 
ATOM   154 N  N9    . DA  A 1 8  ? 7.535   -8.957  -5.859  1.00 81.01  ? 8   DA  A N9    1 
ATOM   155 C  C8    . DA  A 1 8  ? 6.374   -8.413  -6.333  1.00 79.59  ? 8   DA  A C8    1 
ATOM   156 N  N7    . DA  A 1 8  ? 5.757   -7.646  -5.468  1.00 76.26  ? 8   DA  A N7    1 
ATOM   157 C  C5    . DA  A 1 8  ? 6.568   -7.691  -4.346  1.00 73.78  ? 8   DA  A C5    1 
ATOM   158 C  C6    . DA  A 1 8  ? 6.466   -7.083  -3.082  1.00 73.99  ? 8   DA  A C6    1 
ATOM   159 N  N6    . DA  A 1 8  ? 5.456   -6.280  -2.735  1.00 72.41  ? 8   DA  A N6    1 
ATOM   160 N  N1    . DA  A 1 8  ? 7.443   -7.332  -2.187  1.00 75.72  ? 8   DA  A N1    1 
ATOM   161 C  C2    . DA  A 1 8  ? 8.449   -8.139  -2.541  1.00 76.87  ? 8   DA  A C2    1 
ATOM   162 N  N3    . DA  A 1 8  ? 8.656   -8.764  -3.702  1.00 74.95  ? 8   DA  A N3    1 
ATOM   163 C  C4    . DA  A 1 8  ? 7.665   -8.498  -4.568  1.00 73.96  ? 8   DA  A C4    1 
ATOM   164 P  P     . DT  A 1 9  ? 9.434   -13.794 -7.231  1.00 106.45 ? 9   DT  A P     1 
ATOM   165 O  OP1   . DT  A 1 9  ? 10.515  -14.685 -7.708  1.00 104.92 ? 9   DT  A OP1   1 
ATOM   166 O  OP2   . DT  A 1 9  ? 8.023   -14.157 -7.502  1.00 94.81  ? 9   DT  A OP2   1 
ATOM   167 O  "O5'" . DT  A 1 9  ? 9.600   -13.572 -5.652  1.00 89.27  ? 9   DT  A "O5'" 1 
ATOM   168 C  "C5'" . DT  A 1 9  ? 10.804  -13.015 -5.135  1.00 88.85  ? 9   DT  A "C5'" 1 
ATOM   169 C  "C4'" . DT  A 1 9  ? 10.744  -12.885 -3.620  1.00 92.68  ? 9   DT  A "C4'" 1 
ATOM   170 O  "O4'" . DT  A 1 9  ? 9.827   -11.824 -3.249  1.00 93.67  ? 9   DT  A "O4'" 1 
ATOM   171 C  "C3'" . DT  A 1 9  ? 10.285  -14.138 -2.871  1.00 90.50  ? 9   DT  A "C3'" 1 
ATOM   172 O  "O3'" . DT  A 1 9  ? 11.202  -14.425 -1.822  1.00 90.97  ? 9   DT  A "O3'" 1 
ATOM   173 C  "C2'" . DT  A 1 9  ? 8.905   -13.753 -2.330  1.00 90.07  ? 9   DT  A "C2'" 1 
ATOM   174 C  "C1'" . DT  A 1 9  ? 9.038   -12.249 -2.166  1.00 86.04  ? 9   DT  A "C1'" 1 
ATOM   175 N  N1    . DT  A 1 9  ? 7.734   -11.532 -2.223  1.00 81.16  ? 9   DT  A N1    1 
ATOM   176 C  C2    . DT  A 1 9  ? 7.335   -10.762 -1.151  1.00 80.83  ? 9   DT  A C2    1 
ATOM   177 O  O2    . DT  A 1 9  ? 8.000   -10.626 -0.138  1.00 83.12  ? 9   DT  A O2    1 
ATOM   178 N  N3    . DT  A 1 9  ? 6.118   -10.148 -1.312  1.00 78.24  ? 9   DT  A N3    1 
ATOM   179 C  C4    . DT  A 1 9  ? 5.282   -10.229 -2.415  1.00 75.24  ? 9   DT  A C4    1 
ATOM   180 O  O4    . DT  A 1 9  ? 4.204   -9.645  -2.469  1.00 69.62  ? 9   DT  A O4    1 
ATOM   181 C  C5    . DT  A 1 9  ? 5.763   -11.054 -3.497  1.00 74.17  ? 9   DT  A C5    1 
ATOM   182 C  C7    . DT  A 1 9  ? 4.942   -11.219 -4.738  1.00 68.57  ? 9   DT  A C7    1 
ATOM   183 C  C6    . DT  A 1 9  ? 6.951   -11.656 -3.352  1.00 78.69  ? 9   DT  A C6    1 
ATOM   184 P  P     . DT  A 1 10 ? 10.850  -15.517 -0.696  1.00 103.96 ? 10  DT  A P     1 
ATOM   185 O  OP1   . DT  A 1 10 ? 12.133  -16.003 -0.144  1.00 104.77 ? 10  DT  A OP1   1 
ATOM   186 O  OP2   . DT  A 1 10 ? 9.887   -16.489 -1.268  1.00 91.55  ? 10  DT  A OP2   1 
ATOM   187 O  "O5'" . DT  A 1 10 ? 10.111  -14.670 0.445   1.00 95.67  ? 10  DT  A "O5'" 1 
ATOM   188 C  "C5'" . DT  A 1 10 ? 10.711  -13.476 0.946   1.00 89.69  ? 10  DT  A "C5'" 1 
ATOM   189 C  "C4'" . DT  A 1 10 ? 10.231  -13.174 2.354   1.00 93.59  ? 10  DT  A "C4'" 1 
ATOM   190 O  "O4'" . DT  A 1 10 ? 9.061   -12.307 2.304   1.00 94.39  ? 10  DT  A "O4'" 1 
ATOM   191 C  "C3'" . DT  A 1 10 ? 9.811   -14.398 3.158   1.00 91.04  ? 10  DT  A "C3'" 1 
ATOM   192 O  "O3'" . DT  A 1 10 ? 10.194  -14.238 4.510   1.00 92.35  ? 10  DT  A "O3'" 1 
ATOM   193 C  "C2'" . DT  A 1 10 ? 8.296   -14.394 3.002   1.00 89.29  ? 10  DT  A "C2'" 1 
ATOM   194 C  "C1'" . DT  A 1 10 ? 8.000   -12.904 3.020   1.00 86.11  ? 10  DT  A "C1'" 1 
ATOM   195 N  N1    . DT  A 1 10 ? 6.703   -12.534 2.354   1.00 79.80  ? 10  DT  A N1    1 
ATOM   196 C  C2    . DT  A 1 10 ? 5.793   -11.741 3.026   1.00 77.91  ? 10  DT  A C2    1 
ATOM   197 O  O2    . DT  A 1 10 ? 5.981   -11.310 4.151   1.00 79.25  ? 10  DT  A O2    1 
ATOM   198 N  N3    . DT  A 1 10 ? 4.645   -11.463 2.325   1.00 78.46  ? 10  DT  A N3    1 
ATOM   199 C  C4    . DT  A 1 10 ? 4.321   -11.892 1.048   1.00 80.69  ? 10  DT  A C4    1 
ATOM   200 O  O4    . DT  A 1 10 ? 3.262   -11.591 0.499   1.00 74.62  ? 10  DT  A O4    1 
ATOM   201 C  C5    . DT  A 1 10 ? 5.315   -12.722 0.405   1.00 82.39  ? 10  DT  A C5    1 
ATOM   202 C  C7    . DT  A 1 10 ? 5.071   -13.251 -0.974  1.00 74.88  ? 10  DT  A C7    1 
ATOM   203 C  C6    . DT  A 1 10 ? 6.441   -13.001 1.082   1.00 82.69  ? 10  DT  A C6    1 
ATOM   204 P  P     . DG  A 1 11 ? 10.542  -15.531 5.397   1.00 103.09 ? 11  DG  A P     1 
ATOM   205 O  OP1   . DG  A 1 11 ? 11.847  -15.296 6.053   1.00 100.47 ? 11  DG  A OP1   1 
ATOM   206 O  OP2   . DG  A 1 11 ? 10.363  -16.716 4.530   1.00 94.67  ? 11  DG  A OP2   1 
ATOM   207 O  "O5'" . DG  A 1 11 ? 9.393   -15.559 6.507   1.00 90.12  ? 11  DG  A "O5'" 1 
ATOM   208 C  "C5'" . DG  A 1 11 ? 9.372   -14.575 7.530   1.00 88.36  ? 11  DG  A "C5'" 1 
ATOM   209 C  "C4'" . DG  A 1 11 ? 7.990   -14.468 8.154   1.00 91.17  ? 11  DG  A "C4'" 1 
ATOM   210 O  "O4'" . DG  A 1 11 ? 7.032   -14.013 7.158   1.00 97.25  ? 11  DG  A "O4'" 1 
ATOM   211 C  "C3'" . DG  A 1 11 ? 7.417   -15.774 8.714   1.00 90.11  ? 11  DG  A "C3'" 1 
ATOM   212 O  "O3'" . DG  A 1 11 ? 6.712   -15.505 9.927   1.00 91.05  ? 11  DG  A "O3'" 1 
ATOM   213 C  "C2'" . DG  A 1 11 ? 6.463   -16.216 7.609   1.00 82.45  ? 11  DG  A "C2'" 1 
ATOM   214 C  "C1'" . DG  A 1 11 ? 5.912   -14.872 7.177   1.00 85.82  ? 11  DG  A "C1'" 1 
ATOM   215 N  N9    . DG  A 1 11 ? 5.297   -14.874 5.855   1.00 77.97  ? 11  DG  A N9    1 
ATOM   216 C  C8    . DG  A 1 11 ? 5.790   -15.459 4.713   1.00 81.51  ? 11  DG  A C8    1 
ATOM   217 N  N7    . DG  A 1 11 ? 5.031   -15.285 3.668   1.00 79.78  ? 11  DG  A N7    1 
ATOM   218 C  C5    . DG  A 1 11 ? 3.958   -14.538 4.148   1.00 74.43  ? 11  DG  A C5    1 
ATOM   219 C  C6    . DG  A 1 11 ? 2.819   -14.055 3.471   1.00 71.98  ? 11  DG  A C6    1 
ATOM   220 O  O6    . DG  A 1 11 ? 2.514   -14.189 2.278   1.00 77.48  ? 11  DG  A O6    1 
ATOM   221 N  N1    . DG  A 1 11 ? 1.977   -13.346 4.329   1.00 67.85  ? 11  DG  A N1    1 
ATOM   222 C  C2    . DG  A 1 11 ? 2.213   -13.136 5.665   1.00 71.75  ? 11  DG  A C2    1 
ATOM   223 N  N2    . DG  A 1 11 ? 1.284   -12.426 6.326   1.00 68.89  ? 11  DG  A N2    1 
ATOM   224 N  N3    . DG  A 1 11 ? 3.281   -13.587 6.313   1.00 74.21  ? 11  DG  A N3    1 
ATOM   225 C  C4    . DG  A 1 11 ? 4.112   -14.281 5.488   1.00 74.96  ? 11  DG  A C4    1 
ATOM   226 P  P     . DA  A 1 12 ? 6.132   -16.708 10.824  1.00 93.14  ? 12  DA  A P     1 
ATOM   227 O  OP1   . DA  A 1 12 ? 7.288   -17.479 11.333  1.00 89.12  ? 12  DA  A OP1   1 
ATOM   228 O  OP2   . DA  A 1 12 ? 5.086   -17.402 10.046  1.00 86.98  ? 12  DA  A OP2   1 
ATOM   229 O  "O5'" . DA  A 1 12 ? 5.405   -15.973 12.054  1.00 86.68  ? 12  DA  A "O5'" 1 
ATOM   230 C  "C5'" . DA  A 1 12 ? 4.609   -14.806 11.834  1.00 85.77  ? 12  DA  A "C5'" 1 
ATOM   231 C  "C4'" . DA  A 1 12 ? 3.136   -15.157 11.668  1.00 85.18  ? 12  DA  A "C4'" 1 
ATOM   232 O  "O4'" . DA  A 1 12 ? 2.736   -14.901 10.313  1.00 82.45  ? 12  DA  A "O4'" 1 
ATOM   233 C  "C3'" . DA  A 1 12 ? 2.780   -16.616 11.917  1.00 87.80  ? 12  DA  A "C3'" 1 
ATOM   234 O  "O3'" . DA  A 1 12 ? 2.406   -16.804 13.281  1.00 90.28  ? 12  DA  A "O3'" 1 
ATOM   235 C  "C2'" . DA  A 1 12 ? 1.598   -16.877 10.972  1.00 79.55  ? 12  DA  A "C2'" 1 
ATOM   236 C  "C1'" . DA  A 1 12 ? 1.622   -15.695 9.993   1.00 77.02  ? 12  DA  A "C1'" 1 
ATOM   237 N  N9    . DA  A 1 12 ? 1.749   -16.096 8.597   1.00 74.54  ? 12  DA  A N9    1 
ATOM   238 C  C8    . DA  A 1 12 ? 2.748   -16.841 8.040   1.00 77.49  ? 12  DA  A C8    1 
ATOM   239 N  N7    . DA  A 1 12 ? 2.612   -17.035 6.747   1.00 76.52  ? 12  DA  A N7    1 
ATOM   240 C  C5    . DA  A 1 12 ? 1.445   -16.361 6.438   1.00 71.84  ? 12  DA  A C5    1 
ATOM   241 C  C6    . DA  A 1 12 ? 0.751   -16.184 5.220   1.00 70.57  ? 12  DA  A C6    1 
ATOM   242 N  N6    . DA  A 1 12 ? 1.161   -16.699 4.060   1.00 68.61  ? 12  DA  A N6    1 
ATOM   243 N  N1    . DA  A 1 12 ? -0.383  -15.456 5.253   1.00 70.91  ? 12  DA  A N1    1 
ATOM   244 C  C2    . DA  A 1 12 ? -0.789  -14.942 6.421   1.00 72.21  ? 12  DA  A C2    1 
ATOM   245 N  N3    . DA  A 1 12 ? -0.222  -15.041 7.626   1.00 69.56  ? 12  DA  A N3    1 
ATOM   246 C  C4    . DA  A 1 12 ? 0.900   -15.768 7.560   1.00 70.51  ? 12  DA  A C4    1 
ATOM   247 P  P     . DC  B 2 1  ? -16.566 -8.253  16.036  1.00 100.47 ? 12  DC  B P     1 
ATOM   248 O  OP1   . DC  B 2 1  ? -17.063 -9.512  15.437  1.00 94.06  ? 12  DC  B OP1   1 
ATOM   249 O  OP2   . DC  B 2 1  ? -15.831 -8.302  17.321  1.00 97.91  ? 12  DC  B OP2   1 
ATOM   250 O  "O5'" . DC  B 2 1  ? -15.657 -7.489  14.964  1.00 80.74  ? 12  DC  B "O5'" 1 
ATOM   251 C  "C5'" . DC  B 2 1  ? -16.101 -6.273  14.385  1.00 87.26  ? 12  DC  B "C5'" 1 
ATOM   252 C  "C4'" . DC  B 2 1  ? -15.768 -5.094  15.278  1.00 79.96  ? 12  DC  B "C4'" 1 
ATOM   253 O  "O4'" . DC  B 2 1  ? -14.390 -5.166  15.678  1.00 76.66  ? 12  DC  B "O4'" 1 
ATOM   254 C  "C3'" . DC  B 2 1  ? -15.919 -3.741  14.607  1.00 80.71  ? 12  DC  B "C3'" 1 
ATOM   255 O  "O3'" . DC  B 2 1  ? -17.229 -3.235  14.854  1.00 84.68  ? 12  DC  B "O3'" 1 
ATOM   256 C  "C2'" . DC  B 2 1  ? -14.835 -2.868  15.263  1.00 77.71  ? 12  DC  B "C2'" 1 
ATOM   257 C  "C1'" . DC  B 2 1  ? -13.928 -3.871  15.987  1.00 71.97  ? 12  DC  B "C1'" 1 
ATOM   258 N  N1    . DC  B 2 1  ? -12.478 -3.793  15.621  1.00 66.77  ? 12  DC  B N1    1 
ATOM   259 C  C2    . DC  B 2 1  ? -11.701 -2.702  16.040  1.00 68.71  ? 12  DC  B C2    1 
ATOM   260 O  O2    . DC  B 2 1  ? -12.235 -1.792  16.687  1.00 72.47  ? 12  DC  B O2    1 
ATOM   261 N  N3    . DC  B 2 1  ? -10.383 -2.672  15.718  1.00 65.74  ? 12  DC  B N3    1 
ATOM   262 C  C4    . DC  B 2 1  ? -9.845  -3.672  15.021  1.00 66.37  ? 12  DC  B C4    1 
ATOM   263 N  N4    . DC  B 2 1  ? -8.543  -3.601  14.727  1.00 67.84  ? 12  DC  B N4    1 
ATOM   264 C  C5    . DC  B 2 1  ? -10.618 -4.794  14.597  1.00 66.22  ? 12  DC  B C5    1 
ATOM   265 C  C6    . DC  B 2 1  ? -11.914 -4.814  14.920  1.00 67.62  ? 12  DC  B C6    1 
ATOM   266 P  P     . DG  B 2 2  ? -18.035 -2.449  13.705  1.00 96.75  ? 13  DG  B P     1 
ATOM   267 O  OP1   . DG  B 2 2  ? -19.471 -2.483  14.063  1.00 97.61  ? 13  DG  B OP1   1 
ATOM   268 O  OP2   . DG  B 2 2  ? -17.602 -2.969  12.387  1.00 90.07  ? 13  DG  B OP2   1 
ATOM   269 O  "O5'" . DG  B 2 2  ? -17.510 -0.945  13.835  1.00 85.18  ? 13  DG  B "O5'" 1 
ATOM   270 C  "C5'" . DG  B 2 2  ? -17.441 -0.331  15.112  1.00 82.01  ? 13  DG  B "C5'" 1 
ATOM   271 C  "C4'" . DG  B 2 2  ? -16.463 0.832   15.106  1.00 87.49  ? 13  DG  B "C4'" 1 
ATOM   272 O  "O4'" . DG  B 2 2  ? -15.098 0.336   15.102  1.00 84.79  ? 13  DG  B "O4'" 1 
ATOM   273 C  "C3'" . DG  B 2 2  ? -16.585 1.778   13.910  1.00 88.48  ? 13  DG  B "C3'" 1 
ATOM   274 O  "O3'" . DG  B 2 2  ? -16.657 3.126   14.363  1.00 92.15  ? 13  DG  B "O3'" 1 
ATOM   275 C  "C2'" . DG  B 2 2  ? -15.308 1.516   13.104  1.00 85.73  ? 13  DG  B "C2'" 1 
ATOM   276 C  "C1'" . DG  B 2 2  ? -14.335 1.087   14.189  1.00 79.76  ? 13  DG  B "C1'" 1 
ATOM   277 N  N9    . DG  B 2 2  ? -13.252 0.242   13.695  1.00 75.46  ? 13  DG  B N9    1 
ATOM   278 C  C8    . DG  B 2 2  ? -13.371 -0.996  13.122  1.00 72.64  ? 13  DG  B C8    1 
ATOM   279 N  N7    . DG  B 2 2  ? -12.231 -1.528  12.784  1.00 70.16  ? 13  DG  B N7    1 
ATOM   280 C  C5    . DG  B 2 2  ? -11.292 -0.579  13.148  1.00 70.77  ? 13  DG  B C5    1 
ATOM   281 C  C6    . DG  B 2 2  ? -9.881  -0.596  13.024  1.00 70.25  ? 13  DG  B C6    1 
ATOM   282 O  O6    . DG  B 2 2  ? -9.166  -1.492  12.546  1.00 67.19  ? 13  DG  B O6    1 
ATOM   283 N  N1    . DG  B 2 2  ? -9.304  0.569   13.518  1.00 69.78  ? 13  DG  B N1    1 
ATOM   284 C  C2    . DG  B 2 2  ? -10.001 1.621   14.068  1.00 70.62  ? 13  DG  B C2    1 
ATOM   285 N  N2    . DG  B 2 2  ? -9.269  2.660   14.491  1.00 69.86  ? 13  DG  B N2    1 
ATOM   286 N  N3    . DG  B 2 2  ? -11.325 1.653   14.193  1.00 71.61  ? 13  DG  B N3    1 
ATOM   287 C  C4    . DG  B 2 2  ? -11.900 0.525   13.715  1.00 73.33  ? 13  DG  B C4    1 
ATOM   288 P  P     . DA  B 2 3  ? -16.856 4.324   13.311  1.00 92.86  ? 14  DA  B P     1 
ATOM   289 O  OP1   . DA  B 2 3  ? -17.597 5.404   13.999  1.00 85.32  ? 14  DA  B OP1   1 
ATOM   290 O  OP2   . DA  B 2 3  ? -17.398 3.750   12.059  1.00 85.18  ? 14  DA  B OP2   1 
ATOM   291 O  "O5'" . DA  B 2 3  ? -15.369 4.819   13.007  1.00 82.19  ? 14  DA  B "O5'" 1 
ATOM   292 C  "C5'" . DA  B 2 3  ? -14.501 5.158   14.077  1.00 89.19  ? 14  DA  B "C5'" 1 
ATOM   293 C  "C4'" . DA  B 2 3  ? -13.199 5.721   13.543  1.00 87.76  ? 14  DA  B "C4'" 1 
ATOM   294 O  "O4'" . DA  B 2 3  ? -12.307 4.632   13.190  1.00 84.32  ? 14  DA  B "O4'" 1 
ATOM   295 C  "C3'" . DA  B 2 3  ? -13.342 6.587   12.293  1.00 82.21  ? 14  DA  B "C3'" 1 
ATOM   296 O  "O3'" . DA  B 2 3  ? -12.493 7.728   12.387  1.00 83.20  ? 14  DA  B "O3'" 1 
ATOM   297 C  "C2'" . DA  B 2 3  ? -12.914 5.650   11.162  1.00 80.01  ? 14  DA  B "C2'" 1 
ATOM   298 C  "C1'" . DA  B 2 3  ? -11.882 4.768   11.852  1.00 77.60  ? 14  DA  B "C1'" 1 
ATOM   299 N  N9    . DA  B 2 3  ? -11.771 3.429   11.271  1.00 75.62  ? 14  DA  B N9    1 
ATOM   300 C  C8    . DA  B 2 3  ? -12.795 2.581   10.953  1.00 77.37  ? 14  DA  B C8    1 
ATOM   301 N  N7    . DA  B 2 3  ? -12.398 1.434   10.450  1.00 75.94  ? 14  DA  B N7    1 
ATOM   302 C  C5    . DA  B 2 3  ? -11.019 1.534   10.440  1.00 73.25  ? 14  DA  B C5    1 
ATOM   303 C  C6    . DA  B 2 3  ? -10.000 0.649   10.022  1.00 72.39  ? 14  DA  B C6    1 
ATOM   304 N  N6    . DA  B 2 3  ? -10.239 -0.568  9.515   1.00 76.60  ? 14  DA  B N6    1 
ATOM   305 N  N1    . DA  B 2 3  ? -8.724  1.062   10.151  1.00 71.89  ? 14  DA  B N1    1 
ATOM   306 C  C2    . DA  B 2 3  ? -8.486  2.279   10.658  1.00 71.48  ? 14  DA  B C2    1 
ATOM   307 N  N3    . DA  B 2 3  ? -9.354  3.196   11.082  1.00 70.89  ? 14  DA  B N3    1 
ATOM   308 C  C4    . DA  B 2 3  ? -10.613 2.759   10.945  1.00 73.29  ? 14  DA  B C4    1 
ATOM   309 P  P     . DG  B 2 4  ? -12.804 9.050   11.529  1.00 93.90  ? 15  DG  B P     1 
ATOM   310 O  OP1   . DG  B 2 4  ? -13.286 10.089  12.466  1.00 89.25  ? 15  DG  B OP1   1 
ATOM   311 O  OP2   . DG  B 2 4  ? -13.651 8.654   10.382  1.00 88.50  ? 15  DG  B OP2   1 
ATOM   312 O  "O5'" . DG  B 2 4  ? -11.372 9.478   10.956  1.00 83.38  ? 15  DG  B "O5'" 1 
ATOM   313 C  "C5'" . DG  B 2 4  ? -10.226 9.450   11.806  1.00 81.54  ? 15  DG  B "C5'" 1 
ATOM   314 C  "C4'" . DG  B 2 4  ? -8.939  9.345   10.997  1.00 85.69  ? 15  DG  B "C4'" 1 
ATOM   315 O  "O4'" . DG  B 2 4  ? -8.698  7.962   10.621  1.00 80.90  ? 15  DG  B "O4'" 1 
ATOM   316 C  "C3'" . DG  B 2 4  ? -8.905  10.149  9.694   1.00 87.35  ? 15  DG  B "C3'" 1 
ATOM   317 O  "O3'" . DG  B 2 4  ? -7.610  10.735  9.531   1.00 89.49  ? 15  DG  B "O3'" 1 
ATOM   318 C  "C2'" . DG  B 2 4  ? -9.175  9.079   8.635   1.00 83.48  ? 15  DG  B "C2'" 1 
ATOM   319 C  "C1'" . DG  B 2 4  ? -8.440  7.892   9.237   1.00 76.69  ? 15  DG  B "C1'" 1 
ATOM   320 N  N9    . DG  B 2 4  ? -8.895  6.587   8.757   1.00 73.19  ? 15  DG  B N9    1 
ATOM   321 C  C8    . DG  B 2 4  ? -10.160 6.058   8.863   1.00 77.50  ? 15  DG  B C8    1 
ATOM   322 N  N7    . DG  B 2 4  ? -10.267 4.858   8.360   1.00 74.37  ? 15  DG  B N7    1 
ATOM   323 C  C5    . DG  B 2 4  ? -8.992  4.565   7.897   1.00 72.46  ? 15  DG  B C5    1 
ATOM   324 C  C6    . DG  B 2 4  ? -8.500  3.401   7.255   1.00 75.11  ? 15  DG  B C6    1 
ATOM   325 O  O6    . DG  B 2 4  ? -9.119  2.369   6.961   1.00 78.01  ? 15  DG  B O6    1 
ATOM   326 N  N1    . DG  B 2 4  ? -7.147  3.512   6.952   1.00 71.47  ? 15  DG  B N1    1 
ATOM   327 C  C2    . DG  B 2 4  ? -6.364  4.610   7.234   1.00 74.26  ? 15  DG  B C2    1 
ATOM   328 N  N2    . DG  B 2 4  ? -5.077  4.532   6.865   1.00 74.01  ? 15  DG  B N2    1 
ATOM   329 N  N3    . DG  B 2 4  ? -6.813  5.709   7.836   1.00 74.25  ? 15  DG  B N3    1 
ATOM   330 C  C4    . DG  B 2 4  ? -8.130  5.616   8.138   1.00 70.98  ? 15  DG  B C4    1 
ATOM   331 P  P     . DG  B 2 5  ? -7.348  11.860  8.414   1.00 96.08  ? 16  DG  B P     1 
ATOM   332 O  OP1   . DG  B 2 5  ? -6.659  12.991  9.076   1.00 88.24  ? 16  DG  B OP1   1 
ATOM   333 O  OP2   . DG  B 2 5  ? -8.621  12.096  7.699   1.00 88.43  ? 16  DG  B OP2   1 
ATOM   334 O  "O5'" . DG  B 2 5  ? -6.319  11.168  7.400   1.00 86.40  ? 16  DG  B "O5'" 1 
ATOM   335 C  "C5'" . DG  B 2 5  ? -5.020  10.781  7.853   1.00 87.08  ? 16  DG  B "C5'" 1 
ATOM   336 C  "C4'" . DG  B 2 5  ? -4.105  10.434  6.685   1.00 90.27  ? 16  DG  B "C4'" 1 
ATOM   337 O  "O4'" . DG  B 2 5  ? -4.439  9.125   6.168   1.00 88.88  ? 16  DG  B "O4'" 1 
ATOM   338 C  "C3'" . DG  B 2 5  ? -4.168  11.378  5.494   1.00 92.17  ? 16  DG  B "C3'" 1 
ATOM   339 O  "O3'" . DG  B 2 5  ? -2.883  11.460  4.874   1.00 93.33  ? 16  DG  B "O3'" 1 
ATOM   340 C  "C2'" . DG  B 2 5  ? -5.208  10.722  4.579   1.00 88.60  ? 16  DG  B "C2'" 1 
ATOM   341 C  "C1'" . DG  B 2 5  ? -5.091  9.232   4.917   1.00 85.29  ? 16  DG  B "C1'" 1 
ATOM   342 N  N9    . DG  B 2 5  ? -6.381  8.556   5.030   1.00 77.87  ? 16  DG  B N9    1 
ATOM   343 C  C8    . DG  B 2 5  ? -7.528  9.055   5.603   1.00 80.34  ? 16  DG  B C8    1 
ATOM   344 N  N7    . DG  B 2 5  ? -8.530  8.221   5.573   1.00 80.02  ? 16  DG  B N7    1 
ATOM   345 C  C5    . DG  B 2 5  ? -8.013  7.091   4.949   1.00 76.49  ? 16  DG  B C5    1 
ATOM   346 C  C6    . DG  B 2 5  ? -8.638  5.860   4.640   1.00 80.05  ? 16  DG  B C6    1 
ATOM   347 O  O6    . DG  B 2 5  ? -9.806  5.509   4.863   1.00 84.68  ? 16  DG  B O6    1 
ATOM   348 N  N1    . DG  B 2 5  ? -7.756  4.985   4.003   1.00 74.73  ? 16  DG  B N1    1 
ATOM   349 C  C2    . DG  B 2 5  ? -6.445  5.267   3.708   1.00 75.12  ? 16  DG  B C2    1 
ATOM   350 N  N2    . DG  B 2 5  ? -5.752  4.298   3.091   1.00 70.53  ? 16  DG  B N2    1 
ATOM   351 N  N3    . DG  B 2 5  ? -5.848  6.418   3.993   1.00 77.20  ? 16  DG  B N3    1 
ATOM   352 C  C4    . DG  B 2 5  ? -6.694  7.282   4.613   1.00 75.37  ? 16  DG  B C4    1 
ATOM   353 P  P     . DA  B 2 6  ? -2.692  12.234  3.478   1.00 106.08 ? 17  DA  B P     1 
ATOM   354 O  OP1   . DA  B 2 6  ? -1.285  12.697  3.421   1.00 104.46 ? 17  DA  B OP1   1 
ATOM   355 O  OP2   . DA  B 2 6  ? -3.800  13.210  3.350   1.00 105.98 ? 17  DA  B OP2   1 
ATOM   356 O  "O5'" . DA  B 2 6  ? -2.879  11.085  2.378   1.00 91.01  ? 17  DA  B "O5'" 1 
ATOM   357 C  "C5'" . DA  B 2 6  ? -2.147  9.872   2.493   1.00 89.22  ? 17  DA  B "C5'" 1 
ATOM   358 C  "C4'" . DA  B 2 6  ? -2.348  8.990   1.270   1.00 89.77  ? 17  DA  B "C4'" 1 
ATOM   359 O  "O4'" . DA  B 2 6  ? -3.551  8.193   1.417   1.00 86.58  ? 17  DA  B "O4'" 1 
ATOM   360 C  "C3'" . DA  B 2 6  ? -2.485  9.728   -0.058  1.00 90.12  ? 17  DA  B "C3'" 1 
ATOM   361 O  "O3'" . DA  B 2 6  ? -1.771  9.019   -1.059  1.00 92.55  ? 17  DA  B "O3'" 1 
ATOM   362 C  "C2'" . DA  B 2 6  ? -3.997  9.706   -0.314  1.00 86.24  ? 17  DA  B "C2'" 1 
ATOM   363 C  "C1'" . DA  B 2 6  ? -4.396  8.373   0.298   1.00 84.83  ? 17  DA  B "C1'" 1 
ATOM   364 N  N9    . DA  B 2 6  ? -5.775  8.328   0.783   1.00 83.50  ? 17  DA  B N9    1 
ATOM   365 C  C8    . DA  B 2 6  ? -6.446  9.320   1.443   1.00 86.30  ? 17  DA  B C8    1 
ATOM   366 N  N7    . DA  B 2 6  ? -7.668  8.994   1.788   1.00 82.52  ? 17  DA  B N7    1 
ATOM   367 C  C5    . DA  B 2 6  ? -7.807  7.695   1.337   1.00 78.24  ? 17  DA  B C5    1 
ATOM   368 C  C6    . DA  B 2 6  ? -8.879  6.784   1.393   1.00 80.26  ? 17  DA  B C6    1 
ATOM   369 N  N6    . DA  B 2 6  ? -10.055 7.071   1.959   1.00 81.13  ? 17  DA  B N6    1 
ATOM   370 N  N1    . DA  B 2 6  ? -8.694  5.567   0.845   1.00 80.10  ? 17  DA  B N1    1 
ATOM   371 C  C2    . DA  B 2 6  ? -7.512  5.286   0.280   1.00 79.26  ? 17  DA  B C2    1 
ATOM   372 N  N3    . DA  B 2 6  ? -6.431  6.060   0.164   1.00 74.87  ? 17  DA  B N3    1 
ATOM   373 C  C4    . DA  B 2 6  ? -6.647  7.263   0.718   1.00 77.01  ? 17  DA  B C4    1 
ATOM   374 P  P     . DC  B 2 7  ? -1.625  9.615   -2.541  1.00 96.80  ? 18  DC  B P     1 
ATOM   375 O  OP1   . DC  B 2 7  ? -0.256  9.298   -3.012  1.00 98.67  ? 18  DC  B OP1   1 
ATOM   376 O  OP2   . DC  B 2 7  ? -2.069  11.026  -2.503  1.00 96.44  ? 18  DC  B OP2   1 
ATOM   377 O  "O5'" . DC  B 2 7  ? -2.689  8.775   -3.397  1.00 83.55  ? 18  DC  B "O5'" 1 
ATOM   378 C  "C5'" . DC  B 2 7  ? -2.696  7.352   -3.311  1.00 91.00  ? 18  DC  B "C5'" 1 
ATOM   379 C  "C4'" . DC  B 2 7  ? -3.957  6.760   -3.927  1.00 94.77  ? 18  DC  B "C4'" 1 
ATOM   380 O  "O4'" . DC  B 2 7  ? -5.066  6.898   -3.025  1.00 88.31  ? 18  DC  B "O4'" 1 
ATOM   381 C  "C3'" . DC  B 2 7  ? -4.407  7.391   -5.242  1.00 93.26  ? 18  DC  B "C3'" 1 
ATOM   382 O  "O3'" . DC  B 2 7  ? -4.090  6.506   -6.307  1.00 95.29  ? 18  DC  B "O3'" 1 
ATOM   383 C  "C2'" . DC  B 2 7  ? -5.936  7.588   -5.079  1.00 93.78  ? 18  DC  B "C2'" 1 
ATOM   384 C  "C1'" . DC  B 2 7  ? -6.252  6.859   -3.774  1.00 85.52  ? 18  DC  B "C1'" 1 
ATOM   385 N  N1    . DC  B 2 7  ? -7.332  7.491   -2.934  1.00 79.86  ? 18  DC  B N1    1 
ATOM   386 C  C2    . DC  B 2 7  ? -8.470  6.748   -2.578  1.00 80.34  ? 18  DC  B C2    1 
ATOM   387 O  O2    . DC  B 2 7  ? -8.588  5.588   -2.989  1.00 79.04  ? 18  DC  B O2    1 
ATOM   388 N  N3    . DC  B 2 7  ? -9.415  7.329   -1.795  1.00 80.65  ? 18  DC  B N3    1 
ATOM   389 C  C4    . DC  B 2 7  ? -9.252  8.585   -1.370  1.00 84.80  ? 18  DC  B C4    1 
ATOM   390 N  N4    . DC  B 2 7  ? -10.208 9.115   -0.600  1.00 85.06  ? 18  DC  B N4    1 
ATOM   391 C  C5    . DC  B 2 7  ? -8.100  9.350   -1.712  1.00 84.50  ? 18  DC  B C5    1 
ATOM   392 C  C6    . DC  B 2 7  ? -7.173  8.770   -2.483  1.00 80.93  ? 18  DC  B C6    1 
ATOM   393 P  P     . DT  B 2 8  ? -4.372  6.909   -7.835  1.00 110.30 ? 19  DT  B P     1 
ATOM   394 O  OP1   . DT  B 2 8  ? -3.280  6.334   -8.655  1.00 109.91 ? 19  DT  B OP1   1 
ATOM   395 O  OP2   . DT  B 2 8  ? -4.631  8.364   -7.893  1.00 101.80 ? 19  DT  B OP2   1 
ATOM   396 O  "O5'" . DT  B 2 8  ? -5.729  6.135   -8.172  1.00 99.29  ? 19  DT  B "O5'" 1 
ATOM   397 C  "C5'" . DT  B 2 8  ? -5.920  4.810   -7.682  1.00 98.21  ? 19  DT  B "C5'" 1 
ATOM   398 C  "C4'" . DT  B 2 8  ? -7.290  4.277   -8.059  1.00 103.22 ? 19  DT  B "C4'" 1 
ATOM   399 O  "O4'" . DT  B 2 8  ? -8.270  4.670   -7.064  1.00 100.70 ? 19  DT  B "O4'" 1 
ATOM   400 C  "C3'" . DT  B 2 8  ? -7.829  4.757   -9.399  1.00 104.34 ? 19  DT  B "C3'" 1 
ATOM   401 O  "O3'" . DT  B 2 8  ? -8.487  3.680   -10.035 1.00 105.66 ? 19  DT  B "O3'" 1 
ATOM   402 C  "C2'" . DT  B 2 8  ? -8.805  5.867   -8.998  1.00 101.56 ? 19  DT  B "C2'" 1 
ATOM   403 C  "C1'" . DT  B 2 8  ? -9.352  5.331   -7.687  1.00 97.30  ? 19  DT  B "C1'" 1 
ATOM   404 N  N1    . DT  B 2 8  ? -9.842  6.391   -6.752  1.00 91.12  ? 19  DT  B N1    1 
ATOM   405 C  C2    . DT  B 2 8  ? -10.948 6.141   -5.973  1.00 90.77  ? 19  DT  B C2    1 
ATOM   406 O  O2    . DT  B 2 8  ? -11.573 5.095   -6.017  1.00 91.46  ? 19  DT  B O2    1 
ATOM   407 N  N3    . DT  B 2 8  ? -11.303 7.166   -5.136  1.00 85.96  ? 19  DT  B N3    1 
ATOM   408 C  C4    . DT  B 2 8  ? -10.674 8.391   -5.001  1.00 86.97  ? 19  DT  B C4    1 
ATOM   409 O  O4    . DT  B 2 8  ? -11.069 9.250   -4.220  1.00 89.17  ? 19  DT  B O4    1 
ATOM   410 C  C5    . DT  B 2 8  ? -9.518  8.588   -5.844  1.00 85.75  ? 19  DT  B C5    1 
ATOM   411 C  C7    . DT  B 2 8  ? -8.753  9.880   -5.784  1.00 81.72  ? 19  DT  B C7    1 
ATOM   412 C  C6    . DT  B 2 8  ? -9.160  7.591   -6.668  1.00 87.46  ? 19  DT  B C6    1 
ATOM   413 P  P     . DC  B 2 9  ? -9.089  3.837   -11.513 1.00 113.93 ? 20  DC  B P     1 
ATOM   414 O  OP1   . DC  B 2 9  ? -8.761  2.594   -12.247 1.00 110.62 ? 20  DC  B OP1   1 
ATOM   415 O  OP2   . DC  B 2 9  ? -8.667  5.148   -12.055 1.00 110.95 ? 20  DC  B OP2   1 
ATOM   416 O  "O5'" . DC  B 2 9  ? -10.668 3.888   -11.266 1.00 105.97 ? 20  DC  B "O5'" 1 
ATOM   417 C  "C5'" . DC  B 2 9  ? -11.310 2.829   -10.567 1.00 101.33 ? 20  DC  B "C5'" 1 
ATOM   418 C  "C4'" . DC  B 2 9  ? -12.811 3.051   -10.516 1.00 102.63 ? 20  DC  B "C4'" 1 
ATOM   419 O  "O4'" . DC  B 2 9  ? -13.116 4.071   -9.529  1.00 100.05 ? 20  DC  B "O4'" 1 
ATOM   420 C  "C3'" . DC  B 2 9  ? -13.436 3.522   -11.827 1.00 106.83 ? 20  DC  B "C3'" 1 
ATOM   421 O  "O3'" . DC  B 2 9  ? -14.684 2.872   -12.036 1.00 112.52 ? 20  DC  B "O3'" 1 
ATOM   422 C  "C2'" . DC  B 2 9  ? -13.613 5.023   -11.612 1.00 101.82 ? 20  DC  B "C2'" 1 
ATOM   423 C  "C1'" . DC  B 2 9  ? -13.889 5.092   -10.117 1.00 97.75  ? 20  DC  B "C1'" 1 
ATOM   424 N  N1    . DC  B 2 9  ? -13.495 6.395   -9.499  1.00 95.56  ? 20  DC  B N1    1 
ATOM   425 C  C2    . DC  B 2 9  ? -14.204 6.882   -8.394  1.00 92.45  ? 20  DC  B C2    1 
ATOM   426 O  O2    . DC  B 2 9  ? -15.151 6.223   -7.948  1.00 90.80  ? 20  DC  B O2    1 
ATOM   427 N  N3    . DC  B 2 9  ? -13.831 8.067   -7.844  1.00 89.15  ? 20  DC  B N3    1 
ATOM   428 C  C4    . DC  B 2 9  ? -12.805 8.747   -8.355  1.00 91.23  ? 20  DC  B C4    1 
ATOM   429 N  N4    . DC  B 2 9  ? -12.476 9.908   -7.780  1.00 91.27  ? 20  DC  B N4    1 
ATOM   430 C  C5    . DC  B 2 9  ? -12.069 8.267   -9.479  1.00 92.09  ? 20  DC  B C5    1 
ATOM   431 C  C6    . DC  B 2 9  ? -12.443 7.099   -10.013 1.00 95.25  ? 20  DC  B C6    1 
ATOM   432 P  P     . DT  C 3 1  ? -7.474  -15.367 -3.292  1.00 100.00 ? 0   DT  C P     1 
ATOM   433 O  OP1   . DT  C 3 1  ? -7.066  -15.209 -4.707  1.00 96.30  ? 0   DT  C OP1   1 
ATOM   434 O  OP2   . DT  C 3 1  ? -7.771  -16.717 -2.758  1.00 109.56 ? 0   DT  C OP2   1 
ATOM   435 O  "O5'" . DT  C 3 1  ? -6.378  -14.693 -2.341  1.00 82.20  ? 0   DT  C "O5'" 1 
ATOM   436 C  "C5'" . DT  C 3 1  ? -6.565  -13.367 -1.862  1.00 89.38  ? 0   DT  C "C5'" 1 
ATOM   437 C  "C4'" . DT  C 3 1  ? -6.669  -13.347 -0.344  1.00 82.06  ? 0   DT  C "C4'" 1 
ATOM   438 O  "O4'" . DT  C 3 1  ? -5.703  -14.266 0.230   1.00 75.99  ? 0   DT  C "O4'" 1 
ATOM   439 C  "C3'" . DT  C 3 1  ? -6.401  -11.979 0.299   1.00 79.67  ? 0   DT  C "C3'" 1 
ATOM   440 O  "O3'" . DT  C 3 1  ? -7.491  -11.592 1.140   1.00 81.13  ? 0   DT  C "O3'" 1 
ATOM   441 C  "C2'" . DT  C 3 1  ? -5.119  -12.194 1.104   1.00 80.67  ? 0   DT  C "C2'" 1 
ATOM   442 C  "C1'" . DT  C 3 1  ? -5.144  -13.685 1.379   1.00 74.07  ? 0   DT  C "C1'" 1 
ATOM   443 N  N1    . DT  C 3 1  ? -3.789  -14.280 1.602   1.00 71.49  ? 0   DT  C N1    1 
ATOM   444 C  C2    . DT  C 3 1  ? -3.283  -14.341 2.876   1.00 73.30  ? 0   DT  C C2    1 
ATOM   445 O  O2    . DT  C 3 1  ? -3.878  -13.924 3.849   1.00 76.35  ? 0   DT  C O2    1 
ATOM   446 N  N3    . DT  C 3 1  ? -2.042  -14.911 2.972   1.00 71.29  ? 0   DT  C N3    1 
ATOM   447 C  C4    . DT  C 3 1  ? -1.274  -15.418 1.940   1.00 74.36  ? 0   DT  C C4    1 
ATOM   448 O  O4    . DT  C 3 1  ? -0.169  -15.912 2.128   1.00 74.77  ? 0   DT  C O4    1 
ATOM   449 C  C5    . DT  C 3 1  ? -1.861  -15.323 0.627   1.00 74.74  ? 0   DT  C C5    1 
ATOM   450 C  C7    . DT  C 3 1  ? -1.117  -15.839 -0.574  1.00 68.92  ? 0   DT  C C7    1 
ATOM   451 C  C6    . DT  C 3 1  ? -3.077  -14.765 0.522   1.00 73.97  ? 0   DT  C C6    1 
ATOM   452 P  P     . DC  C 3 2  ? -7.713  -10.043 1.524   1.00 89.71  ? 1   DC  C P     1 
ATOM   453 O  OP1   . DC  C 3 2  ? -9.061  -9.910  2.116   1.00 83.10  ? 1   DC  C OP1   1 
ATOM   454 O  OP2   . DC  C 3 2  ? -7.366  -9.231  0.342   1.00 83.29  ? 1   DC  C OP2   1 
ATOM   455 O  "O5'" . DC  C 3 2  ? -6.609  -9.740  2.647   1.00 77.62  ? 1   DC  C "O5'" 1 
ATOM   456 C  "C5'" . DC  C 3 2  ? -6.577  -10.503 3.846   1.00 74.95  ? 1   DC  C "C5'" 1 
ATOM   457 C  "C4'" . DC  C 3 2  ? -5.491  -10.006 4.799   1.00 70.49  ? 1   DC  C "C4'" 1 
ATOM   458 O  "O4'" . DC  C 3 2  ? -4.257  -10.749 4.585   1.00 72.66  ? 1   DC  C "O4'" 1 
ATOM   459 C  "C3'" . DC  C 3 2  ? -5.114  -8.531  4.679   1.00 66.54  ? 1   DC  C "C3'" 1 
ATOM   460 O  "O3'" . DC  C 3 2  ? -4.827  -8.015  5.977   1.00 62.55  ? 1   DC  C "O3'" 1 
ATOM   461 C  "C2'" . DC  C 3 2  ? -3.854  -8.588  3.810   1.00 72.60  ? 1   DC  C "C2'" 1 
ATOM   462 C  "C1'" . DC  C 3 2  ? -3.192  -9.846  4.351   1.00 67.58  ? 1   DC  C "C1'" 1 
ATOM   463 N  N1    . DC  C 3 2  ? -2.218  -10.514 3.411   1.00 64.58  ? 1   DC  C N1    1 
ATOM   464 C  C2    . DC  C 3 2  ? -1.050  -11.109 3.923   1.00 68.99  ? 1   DC  C C2    1 
ATOM   465 O  O2    . DC  C 3 2  ? -0.824  -11.049 5.138   1.00 65.97  ? 1   DC  C O2    1 
ATOM   466 N  N3    . DC  C 3 2  ? -0.198  -11.731 3.068   1.00 69.43  ? 1   DC  C N3    1 
ATOM   467 C  C4    . DC  C 3 2  ? -0.473  -11.775 1.764   1.00 69.92  ? 1   DC  C C4    1 
ATOM   468 N  N4    . DC  C 3 2  ? 0.397   -12.397 0.957   1.00 72.27  ? 1   DC  C N4    1 
ATOM   469 C  C5    . DC  C 3 2  ? -1.655  -11.182 1.227   1.00 68.50  ? 1   DC  C C5    1 
ATOM   470 C  C6    . DC  C 3 2  ? -2.486  -10.566 2.078   1.00 64.45  ? 1   DC  C C6    1 
ATOM   471 P  P     . DA  C 3 3  ? -5.334  -6.554  6.413   1.00 70.68  ? 2   DA  C P     1 
ATOM   472 O  OP1   . DA  C 3 3  ? -6.090  -6.684  7.679   1.00 66.12  ? 2   DA  C OP1   1 
ATOM   473 O  OP2   . DA  C 3 3  ? -5.964  -5.917  5.235   1.00 76.10  ? 2   DA  C OP2   1 
ATOM   474 O  "O5'" . DA  C 3 3  ? -3.982  -5.770  6.735   1.00 63.60  ? 2   DA  C "O5'" 1 
ATOM   475 C  "C5'" . DA  C 3 3  ? -3.135  -6.217  7.784   1.00 67.96  ? 2   DA  C "C5'" 1 
ATOM   476 C  "C4'" . DA  C 3 3  ? -1.674  -5.983  7.438   1.00 69.92  ? 2   DA  C "C4'" 1 
ATOM   477 O  "O4'" . DA  C 3 3  ? -1.219  -7.007  6.533   1.00 73.49  ? 2   DA  C "O4'" 1 
ATOM   478 C  "C3'" . DA  C 3 3  ? -1.388  -4.694  6.697   1.00 69.60  ? 2   DA  C "C3'" 1 
ATOM   479 O  "O3'" . DA  C 3 3  ? -1.253  -3.583  7.613   1.00 67.67  ? 2   DA  C "O3'" 1 
ATOM   480 C  "C2'" . DA  C 3 3  ? -0.076  -5.004  5.970   1.00 68.01  ? 2   DA  C "C2'" 1 
ATOM   481 C  "C1'" . DA  C 3 3  ? -0.063  -6.537  5.876   1.00 64.09  ? 2   DA  C "C1'" 1 
ATOM   482 N  N9    . DA  C 3 3  ? -0.054  -7.023  4.500   1.00 62.97  ? 2   DA  C N9    1 
ATOM   483 C  C8    . DA  C 3 3  ? -0.943  -6.715  3.508   1.00 65.01  ? 2   DA  C C8    1 
ATOM   484 N  N7    . DA  C 3 3  ? -0.672  -7.289  2.359   1.00 63.48  ? 2   DA  C N7    1 
ATOM   485 C  C5    . DA  C 3 3  ? 0.481   -8.014  2.614   1.00 62.50  ? 2   DA  C C5    1 
ATOM   486 C  C6    . DA  C 3 3  ? 1.278   -8.844  1.802   1.00 63.29  ? 2   DA  C C6    1 
ATOM   487 N  N6    . DA  C 3 3  ? 1.014   -9.087  0.516   1.00 66.19  ? 2   DA  C N6    1 
ATOM   488 N  N1    . DA  C 3 3  ? 2.362   -9.418  2.366   1.00 63.93  ? 2   DA  C N1    1 
ATOM   489 C  C2    . DA  C 3 3  ? 2.624   -9.175  3.657   1.00 65.03  ? 2   DA  C C2    1 
ATOM   490 N  N3    . DA  C 3 3  ? 1.949   -8.412  4.518   1.00 65.68  ? 2   DA  C N3    1 
ATOM   491 C  C4    . DA  C 3 3  ? 0.879   -7.855  3.927   1.00 63.57  ? 2   DA  C C4    1 
ATOM   492 P  P     . DT  C 3 4  ? -0.377  -3.685  8.960   1.00 76.93  ? 3   DT  C P     1 
ATOM   493 O  OP1   . DT  C 3 4  ? 0.926   -4.329  8.692   1.00 64.69  ? 3   DT  C OP1   1 
ATOM   494 O  OP2   . DT  C 3 4  ? -1.255  -4.208  10.029  1.00 76.07  ? 3   DT  C OP2   1 
ATOM   495 O  "O5'" . DT  C 3 4  ? -0.077  -2.159  9.321   1.00 78.75  ? 3   DT  C "O5'" 1 
ATOM   496 C  "C5'" . DT  C 3 4  ? 0.122   -1.203  8.285   1.00 70.74  ? 3   DT  C "C5'" 1 
ATOM   497 C  "C4'" . DT  C 3 4  ? -0.455  0.132   8.694   1.00 69.11  ? 3   DT  C "C4'" 1 
ATOM   498 O  "O4'" . DT  C 3 4  ? -1.718  0.322   8.033   1.00 62.91  ? 3   DT  C "O4'" 1 
ATOM   499 C  "C3'" . DT  C 3 4  ? -0.765  0.245   10.174  1.00 67.32  ? 3   DT  C "C3'" 1 
ATOM   500 O  "O3'" . DT  C 3 4  ? 0.386   0.702   10.871  1.00 70.67  ? 3   DT  C "O3'" 1 
ATOM   501 C  "C2'" . DT  C 3 4  ? -1.893  1.274   10.211  1.00 60.12  ? 3   DT  C "C2'" 1 
ATOM   502 C  "C1'" . DT  C 3 4  ? -2.579  1.084   8.856   1.00 61.32  ? 3   DT  C "C1'" 1 
ATOM   503 N  N1    . DT  C 3 4  ? -3.896  0.393   8.918   1.00 65.45  ? 3   DT  C N1    1 
ATOM   504 C  C2    . DT  C 3 4  ? -5.006  1.102   9.302   1.00 70.52  ? 3   DT  C C2    1 
ATOM   505 O  O2    . DT  C 3 4  ? -4.968  2.277   9.618   1.00 73.97  ? 3   DT  C O2    1 
ATOM   506 N  N3    . DT  C 3 4  ? -6.170  0.382   9.311   1.00 69.55  ? 3   DT  C N3    1 
ATOM   507 C  C4    . DT  C 3 4  ? -6.327  -0.948  8.974   1.00 66.80  ? 3   DT  C C4    1 
ATOM   508 O  O4    . DT  C 3 4  ? -7.415  -1.510  9.010   1.00 69.68  ? 3   DT  C O4    1 
ATOM   509 C  C5    . DT  C 3 4  ? -5.122  -1.631  8.572   1.00 63.62  ? 3   DT  C C5    1 
ATOM   510 C  C7    . DT  C 3 4  ? -5.168  -3.077  8.182   1.00 68.39  ? 3   DT  C C7    1 
ATOM   511 C  C6    . DT  C 3 4  ? -3.980  -0.934  8.562   1.00 64.25  ? 3   DT  C C6    1 
ATOM   512 P  P     . DC  C 3 5  ? 0.612   0.296   12.407  1.00 76.96  ? 4   DC  C P     1 
ATOM   513 O  OP1   . DC  C 3 5  ? 2.008   0.609   12.793  1.00 78.21  ? 4   DC  C OP1   1 
ATOM   514 O  OP2   . DC  C 3 5  ? 0.084   -1.077  12.555  1.00 75.56  ? 4   DC  C OP2   1 
ATOM   515 O  "O5'" . DC  C 3 5  ? -0.356  1.282   13.201  1.00 66.22  ? 4   DC  C "O5'" 1 
ATOM   516 C  "C5'" . DC  C 3 5  ? -0.310  2.680   12.953  1.00 72.17  ? 4   DC  C "C5'" 1 
ATOM   517 C  "C4'" . DC  C 3 5  ? -1.436  3.363   13.689  1.00 73.13  ? 4   DC  C "C4'" 1 
ATOM   518 O  "O4'" . DC  C 3 5  ? -2.672  3.152   12.974  1.00 75.61  ? 4   DC  C "O4'" 1 
ATOM   519 C  "C3'" . DC  C 3 5  ? -1.663  2.829   15.086  1.00 73.28  ? 4   DC  C "C3'" 1 
ATOM   520 O  "O3'" . DC  C 3 5  ? -0.876  3.610   16.003  1.00 79.77  ? 4   DC  C "O3'" 1 
ATOM   521 C  "C2'" . DC  C 3 5  ? -3.170  3.002   15.293  1.00 71.60  ? 4   DC  C "C2'" 1 
ATOM   522 C  "C1'" . DC  C 3 5  ? -3.738  2.933   13.877  1.00 69.60  ? 4   DC  C "C1'" 1 
ATOM   523 N  N1    . DC  C 3 5  ? -4.383  1.631   13.511  1.00 67.66  ? 4   DC  C N1    1 
ATOM   524 C  C2    . DC  C 3 5  ? -5.781  1.517   13.509  1.00 69.63  ? 4   DC  C C2    1 
ATOM   525 O  O2    . DC  C 3 5  ? -6.470  2.484   13.855  1.00 71.31  ? 4   DC  C O2    1 
ATOM   526 N  N3    . DC  C 3 5  ? -6.341  0.337   13.139  1.00 69.31  ? 4   DC  C N3    1 
ATOM   527 C  C4    . DC  C 3 5  ? -5.566  -0.685  12.770  1.00 69.64  ? 4   DC  C C4    1 
ATOM   528 N  N4    . DC  C 3 5  ? -6.160  -1.827  12.415  1.00 73.30  ? 4   DC  C N4    1 
ATOM   529 C  C5    . DC  C 3 5  ? -4.147  -0.581  12.752  1.00 68.38  ? 4   DC  C C5    1 
ATOM   530 C  C6    . DC  C 3 5  ? -3.605  0.583   13.119  1.00 67.95  ? 4   DC  C C6    1 
ATOM   531 P  P     . DG  C 3 6  ? -1.323  3.836   17.530  1.00 91.03  ? 5   DG  C P     1 
ATOM   532 O  OP1   . DG  C 3 6  ? -0.171  4.472   18.217  1.00 95.31  ? 5   DG  C OP1   1 
ATOM   533 O  OP2   . DG  C 3 6  ? -1.853  2.556   18.054  1.00 82.75  ? 5   DG  C OP2   1 
ATOM   534 O  "O5'" . DG  C 3 6  ? -2.515  4.897   17.420  1.00 78.57  ? 5   DG  C "O5'" 1 
ATOM   535 C  "C5'" . DG  C 3 6  ? -3.056  5.475   18.576  1.00 83.30  ? 5   DG  C "C5'" 1 
ATOM   536 C  "C4'" . DG  C 3 6  ? -4.351  4.788   18.989  1.00 79.93  ? 5   DG  C "C4'" 1 
ATOM   537 O  "O4'" . DG  C 3 6  ? -4.907  4.021   17.905  1.00 76.78  ? 5   DG  C "O4'" 1 
ATOM   538 C  "C3'" . DG  C 3 6  ? -4.224  3.755   20.078  1.00 87.72  ? 5   DG  C "C3'" 1 
ATOM   539 O  "O3'" . DG  C 3 6  ? -4.051  4.389   21.339  1.00 95.27  ? 5   DG  C "O3'" 1 
ATOM   540 C  "C2'" . DG  C 3 6  ? -5.584  3.055   19.967  1.00 79.08  ? 5   DG  C "C2'" 1 
ATOM   541 C  "C1'" . DG  C 3 6  ? -5.887  3.147   18.462  1.00 73.69  ? 5   DG  C "C1'" 1 
ATOM   542 N  N9    . DG  C 3 6  ? -5.815  1.847   17.798  1.00 68.66  ? 5   DG  C N9    1 
ATOM   543 C  C8    . DG  C 3 6  ? -4.683  1.146   17.467  1.00 70.16  ? 5   DG  C C8    1 
ATOM   544 N  N7    . DG  C 3 6  ? -4.923  -0.004  16.897  1.00 67.99  ? 5   DG  C N7    1 
ATOM   545 C  C5    . DG  C 3 6  ? -6.299  -0.082  16.868  1.00 66.27  ? 5   DG  C C5    1 
ATOM   546 C  C6    . DG  C 3 6  ? -7.148  -1.103  16.368  1.00 70.01  ? 5   DG  C C6    1 
ATOM   547 O  O6    . DG  C 3 6  ? -6.819  -2.173  15.836  1.00 71.69  ? 5   DG  C O6    1 
ATOM   548 N  N1    . DG  C 3 6  ? -8.489  -0.787  16.532  1.00 69.95  ? 5   DG  C N1    1 
ATOM   549 C  C2    . DG  C 3 6  ? -8.966  0.368   17.108  1.00 71.83  ? 5   DG  C C2    1 
ATOM   550 N  N2    . DG  C 3 6  ? -10.302 0.493   17.178  1.00 71.59  ? 5   DG  C N2    1 
ATOM   551 N  N3    . DG  C 3 6  ? -8.186  1.338   17.581  1.00 70.79  ? 5   DG  C N3    1 
ATOM   552 C  C4    . DG  C 3 6  ? -6.879  1.043   17.426  1.00 66.46  ? 5   DG  C C4    1 
ATOM   553 O  "O5'" . DT  D 4 1  ? -13.009 20.474  -6.357  1.00 105.21 ? 2   DT  D "O5'" 1 
ATOM   554 C  "C5'" . DT  D 4 1  ? -14.029 21.426  -6.098  1.00 102.88 ? 2   DT  D "C5'" 1 
ATOM   555 C  "C4'" . DT  D 4 1  ? -15.394 20.766  -6.101  1.00 103.58 ? 2   DT  D "C4'" 1 
ATOM   556 O  "O4'" . DT  D 4 1  ? -15.597 20.077  -7.345  1.00 101.05 ? 2   DT  D "O4'" 1 
ATOM   557 C  "C3'" . DT  D 4 1  ? -15.600 19.689  -5.048  1.00 102.39 ? 2   DT  D "C3'" 1 
ATOM   558 O  "O3'" . DT  D 4 1  ? -15.978 20.311  -3.784  1.00 106.86 ? 2   DT  D "O3'" 1 
ATOM   559 C  "C2'" . DT  D 4 1  ? -16.711 18.824  -5.670  1.00 98.39  ? 2   DT  D "C2'" 1 
ATOM   560 C  "C1'" . DT  D 4 1  ? -16.645 19.154  -7.169  1.00 94.52  ? 2   DT  D "C1'" 1 
ATOM   561 N  N1    . DT  D 4 1  ? -16.406 17.963  -8.053  1.00 93.22  ? 2   DT  D N1    1 
ATOM   562 C  C2    . DT  D 4 1  ? -17.448 17.099  -8.314  1.00 95.84  ? 2   DT  D C2    1 
ATOM   563 O  O2    . DT  D 4 1  ? -18.566 17.243  -7.851  1.00 98.03  ? 2   DT  D O2    1 
ATOM   564 N  N3    . DT  D 4 1  ? -17.129 16.051  -9.137  1.00 93.76  ? 2   DT  D N3    1 
ATOM   565 C  C4    . DT  D 4 1  ? -15.901 15.789  -9.718  1.00 91.35  ? 2   DT  D C4    1 
ATOM   566 O  O4    . DT  D 4 1  ? -15.712 14.822  -10.444 1.00 89.01  ? 2   DT  D O4    1 
ATOM   567 C  C5    . DT  D 4 1  ? -14.855 16.735  -9.408  1.00 90.52  ? 2   DT  D C5    1 
ATOM   568 C  C7    . DT  D 4 1  ? -13.479 16.553  -9.978  1.00 87.68  ? 2   DT  D C7    1 
ATOM   569 C  C6    . DT  D 4 1  ? -15.155 17.763  -8.601  1.00 92.89  ? 2   DT  D C6    1 
ATOM   570 P  P     . DC  D 4 2  ? -17.061 19.686  -2.759  1.00 117.58 ? 3   DC  D P     1 
ATOM   571 O  OP1   . DC  D 4 2  ? -18.390 19.576  -3.402  1.00 111.90 ? 3   DC  D OP1   1 
ATOM   572 O  OP2   . DC  D 4 2  ? -16.993 20.600  -1.597  1.00 110.27 ? 3   DC  D OP2   1 
ATOM   573 O  "O5'" . DC  D 4 2  ? -16.428 18.296  -2.225  1.00 110.49 ? 3   DC  D "O5'" 1 
ATOM   574 C  "C5'" . DC  D 4 2  ? -16.639 17.030  -2.890  1.00 103.76 ? 3   DC  D "C5'" 1 
ATOM   575 C  "C4'" . DC  D 4 2  ? -18.118 16.681  -2.998  1.00 105.60 ? 3   DC  D "C4'" 1 
ATOM   576 O  "O4'" . DC  D 4 2  ? -18.464 16.466  -4.386  1.00 103.56 ? 3   DC  D "O4'" 1 
ATOM   577 C  "C3'" . DC  D 4 2  ? -18.572 15.449  -2.218  1.00 109.78 ? 3   DC  D "C3'" 1 
ATOM   578 O  "O3'" . DC  D 4 2  ? -19.620 15.823  -1.307  1.00 115.06 ? 3   DC  D "O3'" 1 
ATOM   579 C  "C2'" . DC  D 4 2  ? -19.059 14.441  -3.275  1.00 101.23 ? 3   DC  D "C2'" 1 
ATOM   580 C  "C1'" . DC  D 4 2  ? -18.825 15.123  -4.622  1.00 99.37  ? 3   DC  D "C1'" 1 
ATOM   581 N  N1    . DC  D 4 2  ? -17.765 14.471  -5.496  1.00 93.49  ? 3   DC  D N1    1 
ATOM   582 C  C2    . DC  D 4 2  ? -18.070 13.306  -6.220  1.00 92.30  ? 3   DC  D C2    1 
ATOM   583 O  O2    . DC  D 4 2  ? -19.198 12.809  -6.120  1.00 92.22  ? 3   DC  D O2    1 
ATOM   584 N  N3    . DC  D 4 2  ? -17.110 12.751  -7.008  1.00 89.80  ? 3   DC  D N3    1 
ATOM   585 C  C4    . DC  D 4 2  ? -15.904 13.319  -7.089  1.00 90.13  ? 3   DC  D C4    1 
ATOM   586 N  N4    . DC  D 4 2  ? -14.989 12.742  -7.874  1.00 87.45  ? 3   DC  D N4    1 
ATOM   587 C  C5    . DC  D 4 2  ? -15.579 14.504  -6.368  1.00 88.70  ? 3   DC  D C5    1 
ATOM   588 C  C6    . DC  D 4 2  ? -16.529 15.040  -5.598  1.00 91.01  ? 3   DC  D C6    1 
ATOM   589 P  P     . DG  D 4 3  ? -20.514 14.712  -0.559  1.00 124.81 ? 4   DG  D P     1 
ATOM   590 O  OP1   . DG  D 4 3  ? -21.615 14.342  -1.478  1.00 116.63 ? 4   DG  D OP1   1 
ATOM   591 O  OP2   . DG  D 4 3  ? -20.855 15.247  0.782   1.00 120.80 ? 4   DG  D OP2   1 
ATOM   592 O  "O5'" . DG  D 4 3  ? -19.515 13.474  -0.355  1.00 115.13 ? 4   DG  D "O5'" 1 
ATOM   593 C  "C5'" . DG  D 4 3  ? -19.996 12.244  0.183   1.00 111.28 ? 4   DG  D "C5'" 1 
ATOM   594 C  "C4'" . DG  D 4 3  ? -20.702 11.421  -0.884  1.00 108.90 ? 4   DG  D "C4'" 1 
ATOM   595 O  "O4'" . DG  D 4 3  ? -20.075 11.646  -2.174  1.00 103.71 ? 4   DG  D "O4'" 1 
ATOM   596 C  "C3'" . DG  D 4 3  ? -20.692 9.918   -0.642  1.00 107.85 ? 4   DG  D "C3'" 1 
ATOM   597 O  "O3'" . DG  D 4 3  ? -21.983 9.365   -0.873  1.00 113.68 ? 4   DG  D "O3'" 1 
ATOM   598 C  "C2'" . DG  D 4 3  ? -19.656 9.382   -1.630  1.00 102.67 ? 4   DG  D "C2'" 1 
ATOM   599 C  "C1'" . DG  D 4 3  ? -19.614 10.432  -2.733  1.00 98.71  ? 4   DG  D "C1'" 1 
ATOM   600 N  N9    . DG  D 4 3  ? -18.264 10.665  -3.251  1.00 91.91  ? 4   DG  D N9    1 
ATOM   601 C  C8    . DG  D 4 3  ? -17.409 11.672  -2.877  1.00 90.71  ? 4   DG  D C8    1 
ATOM   602 N  N7    . DG  D 4 3  ? -16.264 11.645  -3.497  1.00 84.35  ? 4   DG  D N7    1 
ATOM   603 C  C5    . DG  D 4 3  ? -16.354 10.544  -4.335  1.00 85.21  ? 4   DG  D C5    1 
ATOM   604 C  C6    . DG  D 4 3  ? -15.409 10.018  -5.247  1.00 83.06  ? 4   DG  D C6    1 
ATOM   605 O  O6    . DG  D 4 3  ? -14.273 10.440  -5.498  1.00 82.76  ? 4   DG  D O6    1 
ATOM   606 N  N1    . DG  D 4 3  ? -15.893 8.891   -5.902  1.00 81.91  ? 4   DG  D N1    1 
ATOM   607 C  C2    . DG  D 4 3  ? -17.137 8.338   -5.699  1.00 86.54  ? 4   DG  D C2    1 
ATOM   608 N  N2    . DG  D 4 3  ? -17.425 7.248   -6.428  1.00 86.44  ? 4   DG  D N2    1 
ATOM   609 N  N3    . DG  D 4 3  ? -18.038 8.821   -4.845  1.00 86.32  ? 4   DG  D N3    1 
ATOM   610 C  C4    . DG  D 4 3  ? -17.580 9.922   -4.198  1.00 88.77  ? 4   DG  D C4    1 
ATOM   611 P  P     . DA  D 4 4  ? -22.474 8.093   -0.020  1.00 124.75 ? 5   DA  D P     1 
ATOM   612 O  OP1   . DA  D 4 4  ? -23.896 7.844   -0.347  1.00 118.16 ? 5   DA  D OP1   1 
ATOM   613 O  OP2   . DA  D 4 4  ? -22.072 8.315   1.387   1.00 120.12 ? 5   DA  D OP2   1 
ATOM   614 O  "O5'" . DA  D 4 4  ? -21.588 6.886   -0.588  1.00 113.89 ? 5   DA  D "O5'" 1 
ATOM   615 C  "C5'" . DA  D 4 4  ? -21.666 6.532   -1.968  1.00 109.32 ? 5   DA  D "C5'" 1 
ATOM   616 C  "C4'" . DA  D 4 4  ? -20.546 5.578   -2.344  1.00 107.28 ? 5   DA  D "C4'" 1 
ATOM   617 O  "O4'" . DA  D 4 4  ? -19.358 6.328   -2.725  1.00 102.38 ? 5   DA  D "O4'" 1 
ATOM   618 C  "C3'" . DA  D 4 4  ? -20.105 4.625   -1.225  1.00 105.45 ? 5   DA  D "C3'" 1 
ATOM   619 O  "O3'" . DA  D 4 4  ? -20.090 3.289   -1.704  1.00 106.24 ? 5   DA  D "O3'" 1 
ATOM   620 C  "C2'" . DA  D 4 4  ? -18.694 5.105   -0.880  1.00 99.28  ? 5   DA  D "C2'" 1 
ATOM   621 C  "C1'" . DA  D 4 4  ? -18.234 5.656   -2.217  1.00 93.74  ? 5   DA  D "C1'" 1 
ATOM   622 N  N9    . DA  D 4 4  ? -17.106 6.587   -2.115  1.00 86.30  ? 5   DA  D N9    1 
ATOM   623 C  C8    . DA  D 4 4  ? -16.992 7.652   -1.269  1.00 85.79  ? 5   DA  D C8    1 
ATOM   624 N  N7    . DA  D 4 4  ? -15.863 8.311   -1.390  1.00 81.25  ? 5   DA  D N7    1 
ATOM   625 C  C5    . DA  D 4 4  ? -15.179 7.623   -2.375  1.00 80.95  ? 5   DA  D C5    1 
ATOM   626 C  C6    . DA  D 4 4  ? -13.911 7.817   -2.961  1.00 82.80  ? 5   DA  D C6    1 
ATOM   627 N  N6    . DA  D 4 4  ? -13.084 8.809   -2.614  1.00 80.43  ? 5   DA  D N6    1 
ATOM   628 N  N1    . DA  D 4 4  ? -13.527 6.949   -3.919  1.00 81.30  ? 5   DA  D N1    1 
ATOM   629 C  C2    . DA  D 4 4  ? -14.359 5.957   -4.263  1.00 79.13  ? 5   DA  D C2    1 
ATOM   630 N  N3    . DA  D 4 4  ? -15.571 5.674   -3.783  1.00 77.75  ? 5   DA  D N3    1 
ATOM   631 C  C4    . DA  D 4 4  ? -15.927 6.554   -2.834  1.00 81.18  ? 5   DA  D C4    1 
ATOM   632 P  P     . DG  D 4 5  ? -20.594 2.088   -0.764  1.00 115.91 ? 6   DG  D P     1 
ATOM   633 O  OP1   . DG  D 4 5  ? -22.025 1.859   -1.067  1.00 117.23 ? 6   DG  D OP1   1 
ATOM   634 O  OP2   . DG  D 4 5  ? -20.193 2.397   0.627   1.00 106.40 ? 6   DG  D OP2   1 
ATOM   635 O  "O5'" . DG  D 4 5  ? -19.737 0.827   -1.258  1.00 109.86 ? 6   DG  D "O5'" 1 
ATOM   636 C  "C5'" . DG  D 4 5  ? -18.478 0.532   -0.650  1.00 104.75 ? 6   DG  D "C5'" 1 
ATOM   637 C  "C4'" . DG  D 4 5  ? -17.336 0.745   -1.630  1.00 101.65 ? 6   DG  D "C4'" 1 
ATOM   638 O  "O4'" . DG  D 4 5  ? -16.923 2.120   -1.594  1.00 92.96  ? 6   DG  D "O4'" 1 
ATOM   639 C  "C3'" . DG  D 4 5  ? -16.073 -0.043  -1.317  1.00 97.44  ? 6   DG  D "C3'" 1 
ATOM   640 O  "O3'" . DG  D 4 5  ? -16.080 -1.272  -2.034  1.00 100.84 ? 6   DG  D "O3'" 1 
ATOM   641 C  "C2'" . DG  D 4 5  ? -14.924 0.874   -1.777  1.00 89.89  ? 6   DG  D "C2'" 1 
ATOM   642 C  "C1'" . DG  D 4 5  ? -15.610 2.206   -2.088  1.00 85.45  ? 6   DG  D "C1'" 1 
ATOM   643 N  N9    . DG  D 4 5  ? -14.961 3.368   -1.483  1.00 81.71  ? 6   DG  D N9    1 
ATOM   644 C  C8    . DG  D 4 5  ? -15.507 4.230   -0.561  1.00 84.85  ? 6   DG  D C8    1 
ATOM   645 N  N7    . DG  D 4 5  ? -14.704 5.194   -0.209  1.00 78.28  ? 6   DG  D N7    1 
ATOM   646 C  C5    . DG  D 4 5  ? -13.549 4.962   -0.945  1.00 77.96  ? 6   DG  D C5    1 
ATOM   647 C  C6    . DG  D 4 5  ? -12.331 5.681   -0.977  1.00 79.60  ? 6   DG  D C6    1 
ATOM   648 O  O6    . DG  D 4 5  ? -12.026 6.697   -0.342  1.00 79.70  ? 6   DG  D O6    1 
ATOM   649 N  N1    . DG  D 4 5  ? -11.416 5.111   -1.860  1.00 80.08  ? 6   DG  D N1    1 
ATOM   650 C  C2    . DG  D 4 5  ? -11.651 3.985   -2.613  1.00 79.84  ? 6   DG  D C2    1 
ATOM   651 N  N2    . DG  D 4 5  ? -10.650 3.580   -3.408  1.00 80.80  ? 6   DG  D N2    1 
ATOM   652 N  N3    . DG  D 4 5  ? -12.790 3.300   -2.591  1.00 78.31  ? 6   DG  D N3    1 
ATOM   653 C  C4    . DG  D 4 5  ? -13.691 3.844   -1.736  1.00 79.67  ? 6   DG  D C4    1 
ATOM   654 P  P     . DT  D 4 6  ? -15.402 -2.580  -1.394  1.00 112.91 ? 7   DT  D P     1 
ATOM   655 O  OP1   . DT  D 4 6  ? -15.758 -3.737  -2.247  1.00 108.20 ? 7   DT  D OP1   1 
ATOM   656 O  OP2   . DT  D 4 6  ? -15.750 -2.601  0.046   1.00 106.63 ? 7   DT  D OP2   1 
ATOM   657 O  "O5'" . DT  D 4 6  ? -13.832 -2.295  -1.517  1.00 101.35 ? 7   DT  D "O5'" 1 
ATOM   658 C  "C5'" . DT  D 4 6  ? -13.247 -2.039  -2.794  1.00 92.83  ? 7   DT  D "C5'" 1 
ATOM   659 C  "C4'" . DT  D 4 6  ? -11.766 -1.731  -2.658  1.00 90.36  ? 7   DT  D "C4'" 1 
ATOM   660 O  "O4'" . DT  D 4 6  ? -11.587 -0.349  -2.252  1.00 88.26  ? 7   DT  D "O4'" 1 
ATOM   661 C  "C3'" . DT  D 4 6  ? -11.019 -2.582  -1.626  1.00 85.16  ? 7   DT  D "C3'" 1 
ATOM   662 O  "O3'" . DT  D 4 6  ? -9.888  -3.208  -2.232  1.00 83.17  ? 7   DT  D "O3'" 1 
ATOM   663 C  "C2'" . DT  D 4 6  ? -10.602 -1.577  -0.545  1.00 80.86  ? 7   DT  D "C2'" 1 
ATOM   664 C  "C1'" . DT  D 4 6  ? -10.533 -0.279  -1.328  1.00 78.38  ? 7   DT  D "C1'" 1 
ATOM   665 N  N1    . DT  D 4 6  ? -10.715 0.947   -0.487  1.00 76.34  ? 7   DT  D N1    1 
ATOM   666 C  C2    . DT  D 4 6  ? -9.686  1.853   -0.390  1.00 78.91  ? 7   DT  D C2    1 
ATOM   667 O  O2    . DT  D 4 6  ? -8.619  1.710   -0.957  1.00 79.55  ? 7   DT  D O2    1 
ATOM   668 N  N3    . DT  D 4 6  ? -9.953  2.941   0.400   1.00 77.33  ? 7   DT  D N3    1 
ATOM   669 C  C4    . DT  D 4 6  ? -11.123 3.205   1.086   1.00 79.73  ? 7   DT  D C4    1 
ATOM   670 O  O4    . DT  D 4 6  ? -11.270 4.210   1.770   1.00 81.95  ? 7   DT  D O4    1 
ATOM   671 C  C5    . DT  D 4 6  ? -12.161 2.214   0.941   1.00 73.67  ? 7   DT  D C5    1 
ATOM   672 C  C7    . DT  D 4 6  ? -13.476 2.391   1.638   1.00 74.85  ? 7   DT  D C7    1 
ATOM   673 C  C6    . DT  D 4 6  ? -11.911 1.147   0.170   1.00 74.91  ? 7   DT  D C6    1 
ATOM   674 P  P     . DC  D 4 7  ? -8.959  -4.208  -1.383  1.00 92.29  ? 8   DC  D P     1 
ATOM   675 O  OP1   . DC  D 4 7  ? -8.447  -5.232  -2.323  1.00 86.16  ? 8   DC  D OP1   1 
ATOM   676 O  OP2   . DC  D 4 7  ? -9.716  -4.626  -0.180  1.00 91.77  ? 8   DC  D OP2   1 
ATOM   677 O  "O5'" . DC  D 4 7  ? -7.733  -3.290  -0.912  1.00 85.36  ? 8   DC  D "O5'" 1 
ATOM   678 C  "C5'" . DC  D 4 7  ? -6.898  -2.669  -1.882  1.00 83.59  ? 8   DC  D "C5'" 1 
ATOM   679 C  "C4'" . DC  D 4 7  ? -5.729  -1.941  -1.227  1.00 81.71  ? 8   DC  D "C4'" 1 
ATOM   680 O  "O4'" . DC  D 4 7  ? -6.197  -0.734  -0.568  1.00 80.40  ? 8   DC  D "O4'" 1 
ATOM   681 C  "C3'" . DC  D 4 7  ? -4.971  -2.730  -0.164  1.00 75.74  ? 8   DC  D "C3'" 1 
ATOM   682 O  "O3'" . DC  D 4 7  ? -3.587  -2.430  -0.246  1.00 75.58  ? 8   DC  D "O3'" 1 
ATOM   683 C  "C2'" . DC  D 4 7  ? -5.573  -2.209  1.137   1.00 74.08  ? 8   DC  D "C2'" 1 
ATOM   684 C  "C1'" . DC  D 4 7  ? -5.805  -0.748  0.790   1.00 77.91  ? 8   DC  D "C1'" 1 
ATOM   685 N  N1    . DC  D 4 7  ? -6.893  -0.114  1.582   1.00 75.32  ? 8   DC  D N1    1 
ATOM   686 C  C2    . DC  D 4 7  ? -6.688  1.140   2.172   1.00 72.75  ? 8   DC  D C2    1 
ATOM   687 O  O2    . DC  D 4 7  ? -5.595  1.703   2.037   1.00 71.11  ? 8   DC  D O2    1 
ATOM   688 N  N3    . DC  D 4 7  ? -7.700  1.700   2.882   1.00 74.59  ? 8   DC  D N3    1 
ATOM   689 C  C4    . DC  D 4 7  ? -8.865  1.060   3.005   1.00 75.82  ? 8   DC  D C4    1 
ATOM   690 N  N4    . DC  D 4 7  ? -9.831  1.650   3.713   1.00 79.76  ? 8   DC  D N4    1 
ATOM   691 C  C5    . DC  D 4 7  ? -9.090  -0.212  2.406   1.00 72.79  ? 8   DC  D C5    1 
ATOM   692 C  C6    . DC  D 4 7  ? -8.088  -0.755  1.710   1.00 73.74  ? 8   DC  D C6    1 
ATOM   693 P  P     . DC  D 4 8  ? -2.517  -3.409  0.438   1.00 71.57  ? 9   DC  D P     1 
ATOM   694 O  OP1   . DC  D 4 8  ? -1.361  -3.526  -0.481  1.00 67.64  ? 9   DC  D OP1   1 
ATOM   695 O  OP2   . DC  D 4 8  ? -3.265  -4.616  0.855   1.00 73.40  ? 9   DC  D OP2   1 
ATOM   696 O  "O5'" . DC  D 4 8  ? -2.069  -2.626  1.763   1.00 73.53  ? 9   DC  D "O5'" 1 
ATOM   697 C  "C5'" . DC  D 4 8  ? -1.263  -1.455  1.655   1.00 71.36  ? 9   DC  D "C5'" 1 
ATOM   698 C  "C4'" . DC  D 4 8  ? -1.263  -0.654  2.953   1.00 73.24  ? 9   DC  D "C4'" 1 
ATOM   699 O  "O4'" . DC  D 4 8  ? -2.615  -0.272  3.302   1.00 68.80  ? 9   DC  D "O4'" 1 
ATOM   700 C  "C3'" . DC  D 4 8  ? -0.693  -1.377  4.184   1.00 71.03  ? 9   DC  D "C3'" 1 
ATOM   701 O  "O3'" . DC  D 4 8  ? 0.472   -0.684  4.671   1.00 68.62  ? 9   DC  D "O3'" 1 
ATOM   702 C  "C2'" . DC  D 4 8  ? -1.846  -1.334  5.209   1.00 73.29  ? 9   DC  D "C2'" 1 
ATOM   703 C  "C1'" . DC  D 4 8  ? -2.693  -0.178  4.696   1.00 67.02  ? 9   DC  D "C1'" 1 
ATOM   704 N  N1    . DC  D 4 8  ? -4.138  -0.239  5.104   1.00 68.97  ? 9   DC  D N1    1 
ATOM   705 C  C2    . DC  D 4 8  ? -4.720  0.856   5.760   1.00 69.89  ? 9   DC  D C2    1 
ATOM   706 O  O2    . DC  D 4 8  ? -4.029  1.853   6.001   1.00 66.21  ? 9   DC  D O2    1 
ATOM   707 N  N3    . DC  D 4 8  ? -6.027  0.791   6.119   1.00 67.52  ? 9   DC  D N3    1 
ATOM   708 C  C4    . DC  D 4 8  ? -6.743  -0.301  5.840   1.00 68.46  ? 9   DC  D C4    1 
ATOM   709 N  N4    . DC  D 4 8  ? -8.026  -0.317  6.212   1.00 74.23  ? 9   DC  D N4    1 
ATOM   710 C  C5    . DC  D 4 8  ? -6.172  -1.423  5.169   1.00 65.82  ? 9   DC  D C5    1 
ATOM   711 C  C6    . DC  D 4 8  ? -4.880  -1.350  4.820   1.00 67.87  ? 9   DC  D C6    1 
ATOM   712 P  P     . DA  D 4 9  ? 1.897   -0.862  3.947   1.00 74.14  ? 10  DA  D P     1 
ATOM   713 O  OP1   . DA  D 4 9  ? 2.337   0.474   3.498   1.00 76.50  ? 10  DA  D OP1   1 
ATOM   714 O  OP2   . DA  D 4 9  ? 1.778   -1.964  2.972   1.00 69.72  ? 10  DA  D OP2   1 
ATOM   715 O  "O5'" . DA  D 4 9  ? 2.884   -1.335  5.116   1.00 80.12  ? 10  DA  D "O5'" 1 
ATOM   716 C  "C5'" . DA  D 4 9  ? 2.475   -2.327  6.044   1.00 72.82  ? 10  DA  D "C5'" 1 
ATOM   717 C  "C4'" . DA  D 4 9  ? 3.451   -3.490  6.055   1.00 71.46  ? 10  DA  D "C4'" 1 
ATOM   718 O  "O4'" . DA  D 4 9  ? 2.906   -4.572  5.281   1.00 67.20  ? 10  DA  D "O4'" 1 
ATOM   719 C  "C3'" . DA  D 4 9  ? 4.802   -3.203  5.424   1.00 73.17  ? 10  DA  D "C3'" 1 
ATOM   720 O  "O3'" . DA  D 4 9  ? 5.684   -2.661  6.400   1.00 73.57  ? 10  DA  D "O3'" 1 
ATOM   721 C  "C2'" . DA  D 4 9  ? 5.266   -4.588  4.963   1.00 71.14  ? 10  DA  D "C2'" 1 
ATOM   722 C  "C1'" . DA  D 4 9  ? 3.955   -5.351  4.750   1.00 62.17  ? 10  DA  D "C1'" 1 
ATOM   723 N  N9    . DA  D 4 9  ? 3.637   -5.642  3.354   1.00 60.21  ? 10  DA  D N9    1 
ATOM   724 C  C8    . DA  D 4 9  ? 2.636   -5.087  2.610   1.00 64.95  ? 10  DA  D C8    1 
ATOM   725 N  N7    . DA  D 4 9  ? 2.562   -5.554  1.386   1.00 63.95  ? 10  DA  D N7    1 
ATOM   726 C  C5    . DA  D 4 9  ? 3.583   -6.484  1.328   1.00 64.34  ? 10  DA  D C5    1 
ATOM   727 C  C6    . DA  D 4 9  ? 4.034   -7.332  0.300   1.00 66.85  ? 10  DA  D C6    1 
ATOM   728 N  N6    . DA  D 4 9  ? 3.478   -7.367  -0.914  1.00 65.45  ? 10  DA  D N6    1 
ATOM   729 N  N1    . DA  D 4 9  ? 5.078   -8.141  0.568   1.00 71.11  ? 10  DA  D N1    1 
ATOM   730 C  C2    . DA  D 4 9  ? 5.629   -8.102  1.788   1.00 74.84  ? 10  DA  D C2    1 
ATOM   731 N  N3    . DA  D 4 9  ? 5.294   -7.349  2.835   1.00 67.14  ? 10  DA  D N3    1 
ATOM   732 C  C4    . DA  D 4 9  ? 4.256   -6.556  2.535   1.00 62.74  ? 10  DA  D C4    1 
ATOM   733 P  P     . DT  D 4 10 ? 6.976   -1.821  5.952   1.00 79.12  ? 11  DT  D P     1 
ATOM   734 O  OP1   . DT  D 4 10 ? 7.524   -1.191  7.173   1.00 68.06  ? 11  DT  D OP1   1 
ATOM   735 O  OP2   . DT  D 4 10 ? 6.581   -0.984  4.797   1.00 74.61  ? 11  DT  D OP2   1 
ATOM   736 O  "O5'" . DT  D 4 10 ? 8.007   -2.935  5.449   1.00 65.89  ? 11  DT  D "O5'" 1 
ATOM   737 C  "C5'" . DT  D 4 10 ? 8.560   -3.860  6.375   1.00 67.03  ? 11  DT  D "C5'" 1 
ATOM   738 C  "C4'" . DT  D 4 10 ? 9.379   -4.922  5.658   1.00 71.40  ? 11  DT  D "C4'" 1 
ATOM   739 O  "O4'" . DT  D 4 10 ? 8.602   -5.469  4.562   1.00 69.00  ? 11  DT  D "O4'" 1 
ATOM   740 C  "C3'" . DT  D 4 10 ? 10.688  -4.435  5.041   1.00 77.03  ? 11  DT  D "C3'" 1 
ATOM   741 O  "O3'" . DT  D 4 10 ? 11.687  -5.454  5.153   1.00 83.84  ? 11  DT  D "O3'" 1 
ATOM   742 C  "C2'" . DT  D 4 10 ? 10.300  -4.184  3.585   1.00 78.16  ? 11  DT  D "C2'" 1 
ATOM   743 C  "C1'" . DT  D 4 10 ? 9.293   -5.299  3.345   1.00 69.39  ? 11  DT  D "C1'" 1 
ATOM   744 N  N1    . DT  D 4 10 ? 8.292   -4.993  2.280   1.00 70.35  ? 11  DT  D N1    1 
ATOM   745 C  C2    . DT  D 4 10 ? 8.288   -5.745  1.130   1.00 75.19  ? 11  DT  D C2    1 
ATOM   746 O  O2    . DT  D 4 10 ? 9.075   -6.652  0.926   1.00 82.01  ? 11  DT  D O2    1 
ATOM   747 N  N3    . DT  D 4 10 ? 7.330   -5.394  0.215   1.00 69.91  ? 11  DT  D N3    1 
ATOM   748 C  C4    . DT  D 4 10 ? 6.392   -4.389  0.338   1.00 67.66  ? 11  DT  D C4    1 
ATOM   749 O  O4    . DT  D 4 10 ? 5.571   -4.147  -0.539  1.00 68.92  ? 11  DT  D O4    1 
ATOM   750 C  C5    . DT  D 4 10 ? 6.447   -3.642  1.574   1.00 66.71  ? 11  DT  D C5    1 
ATOM   751 C  C7    . DT  D 4 10 ? 5.478   -2.527  1.822   1.00 68.81  ? 11  DT  D C7    1 
ATOM   752 C  C6    . DT  D 4 10 ? 7.383   -3.976  2.473   1.00 64.91  ? 11  DT  D C6    1 
ATOM   753 P  P     . DG  D 4 11 ? 13.133  -5.258  4.478   1.00 97.02  ? 12  DG  D P     1 
ATOM   754 O  OP1   . DG  D 4 11 ? 14.095  -6.097  5.229   1.00 86.37  ? 12  DG  D OP1   1 
ATOM   755 O  OP2   . DG  D 4 11 ? 13.375  -3.802  4.344   1.00 96.72  ? 12  DG  D OP2   1 
ATOM   756 O  "O5'" . DG  D 4 11 ? 12.969  -5.883  3.013   1.00 80.17  ? 12  DG  D "O5'" 1 
ATOM   757 C  "C5'" . DG  D 4 11 ? 12.636  -7.257  2.863   1.00 82.42  ? 12  DG  D "C5'" 1 
ATOM   758 C  "C4'" . DG  D 4 11 ? 13.056  -7.781  1.500   1.00 84.59  ? 12  DG  D "C4'" 1 
ATOM   759 O  "O4'" . DG  D 4 11 ? 12.055  -7.436  0.509   1.00 84.06  ? 12  DG  D "O4'" 1 
ATOM   760 C  "C3'" . DG  D 4 11 ? 14.374  -7.238  0.966   1.00 89.60  ? 12  DG  D "C3'" 1 
ATOM   761 O  "O3'" . DG  D 4 11 ? 15.023  -8.262  0.200   1.00 98.41  ? 12  DG  D "O3'" 1 
ATOM   762 C  "C2'" . DG  D 4 11 ? 13.920  -6.063  0.093   1.00 90.24  ? 12  DG  D "C2'" 1 
ATOM   763 C  "C1'" . DG  D 4 11 ? 12.611  -6.589  -0.478  1.00 83.68  ? 12  DG  D "C1'" 1 
ATOM   764 N  N9    . DG  D 4 11 ? 11.630  -5.551  -0.774  1.00 82.30  ? 12  DG  D N9    1 
ATOM   765 C  C8    . DG  D 4 11 ? 11.254  -4.511  0.041   1.00 86.26  ? 12  DG  D C8    1 
ATOM   766 N  N7    . DG  D 4 11 ? 10.334  -3.749  -0.482  1.00 83.17  ? 12  DG  D N7    1 
ATOM   767 C  C5    . DG  D 4 11 ? 10.075  -4.326  -1.717  1.00 77.10  ? 12  DG  D C5    1 
ATOM   768 C  C6    . DG  D 4 11 ? 9.166   -3.936  -2.730  1.00 78.70  ? 12  DG  D C6    1 
ATOM   769 O  O6    . DG  D 4 11 ? 8.386   -2.972  -2.736  1.00 81.35  ? 12  DG  D O6    1 
ATOM   770 N  N1    . DG  D 4 11 ? 9.218   -4.796  -3.824  1.00 78.12  ? 12  DG  D N1    1 
ATOM   771 C  C2    . DG  D 4 11 ? 10.049  -5.886  -3.926  1.00 79.49  ? 12  DG  D C2    1 
ATOM   772 N  N2    . DG  D 4 11 ? 9.956   -6.600  -5.056  1.00 79.64  ? 12  DG  D N2    1 
ATOM   773 N  N3    . DG  D 4 11 ? 10.901  -6.264  -2.980  1.00 78.93  ? 12  DG  D N3    1 
ATOM   774 C  C4    . DG  D 4 11 ? 10.860  -5.439  -1.909  1.00 77.64  ? 12  DG  D C4    1 
ATOM   775 P  P     . DT  D 4 12 ? 16.528  -8.077  -0.341  1.00 103.94 ? 13  DT  D P     1 
ATOM   776 O  OP1   . DT  D 4 12 ? 17.325  -9.224  0.159   1.00 98.33  ? 13  DT  D OP1   1 
ATOM   777 O  OP2   . DT  D 4 12 ? 16.959  -6.690  -0.049  1.00 96.26  ? 13  DT  D OP2   1 
ATOM   778 O  "O5'" . DT  D 4 12 ? 16.370  -8.236  -1.928  1.00 92.36  ? 13  DT  D "O5'" 1 
ATOM   779 C  "C5'" . DT  D 4 12 ? 15.069  -8.199  -2.498  1.00 88.89  ? 13  DT  D "C5'" 1 
ATOM   780 C  "C4'" . DT  D 4 12 ? 15.099  -8.378  -4.002  1.00 99.72  ? 13  DT  D "C4'" 1 
ATOM   781 O  "O4'" . DT  D 4 12 ? 13.998  -7.628  -4.583  1.00 102.39 ? 13  DT  D "O4'" 1 
ATOM   782 C  "C3'" . DT  D 4 12 ? 16.339  -7.843  -4.699  1.00 107.13 ? 13  DT  D "C3'" 1 
ATOM   783 O  "O3'" . DT  D 4 12 ? 16.487  -8.493  -5.967  1.00 120.11 ? 13  DT  D "O3'" 1 
ATOM   784 C  "C2'" . DT  D 4 12 ? 15.965  -6.382  -4.874  1.00 101.94 ? 13  DT  D "C2'" 1 
ATOM   785 C  "C1'" . DT  D 4 12 ? 14.513  -6.523  -5.306  1.00 100.49 ? 13  DT  D "C1'" 1 
ATOM   786 N  N1    . DT  D 4 12 ? 13.688  -5.317  -5.008  1.00 94.56  ? 13  DT  D N1    1 
ATOM   787 C  C2    . DT  D 4 12 ? 12.655  -4.982  -5.856  1.00 93.46  ? 13  DT  D C2    1 
ATOM   788 O  O2    . DT  D 4 12 ? 12.363  -5.634  -6.845  1.00 94.39  ? 13  DT  D O2    1 
ATOM   789 N  N3    . DT  D 4 12 ? 11.967  -3.853  -5.500  1.00 88.47  ? 13  DT  D N3    1 
ATOM   790 C  C4    . DT  D 4 12 ? 12.203  -3.037  -4.409  1.00 87.75  ? 13  DT  D C4    1 
ATOM   791 O  O4    . DT  D 4 12 ? 11.525  -2.041  -4.177  1.00 87.44  ? 13  DT  D O4    1 
ATOM   792 C  C5    . DT  D 4 12 ? 13.304  -3.439  -3.560  1.00 87.89  ? 13  DT  D C5    1 
ATOM   793 C  C7    . DT  D 4 12 ? 13.655  -2.630  -2.345  1.00 85.68  ? 13  DT  D C7    1 
ATOM   794 C  C6    . DT  D 4 12 ? 13.987  -4.545  -3.899  1.00 90.73  ? 13  DT  D C6    1 
ATOM   795 P  P     . DC  D 4 13 ? 17.848  -8.353  -6.812  1.00 121.55 ? 14  DC  D P     1 
ATOM   796 O  OP1   . DC  D 4 13 ? 17.723  -9.211  -8.013  1.00 110.90 ? 14  DC  D OP1   1 
ATOM   797 O  OP2   . DC  D 4 13 ? 18.984  -8.559  -5.881  1.00 112.28 ? 14  DC  D OP2   1 
ATOM   798 O  "O5'" . DC  D 4 13 ? 17.851  -6.828  -7.289  1.00 116.74 ? 14  DC  D "O5'" 1 
ATOM   799 C  "C5'" . DC  D 4 13 ? 18.289  -6.496  -8.596  1.00 115.71 ? 14  DC  D "C5'" 1 
ATOM   800 C  "C4'" . DC  D 4 13 ? 17.104  -6.257  -9.511  1.00 114.52 ? 14  DC  D "C4'" 1 
ATOM   801 O  "O4'" . DC  D 4 13 ? 15.972  -5.833  -8.724  1.00 109.46 ? 14  DC  D "O4'" 1 
ATOM   802 C  "C3'" . DC  D 4 13 ? 17.335  -5.192  -10.574 1.00 116.76 ? 14  DC  D "C3'" 1 
ATOM   803 O  "O3'" . DC  D 4 13 ? 17.614  -5.830  -11.810 1.00 121.33 ? 14  DC  D "O3'" 1 
ATOM   804 C  "C2'" . DC  D 4 13 ? 16.019  -4.408  -10.638 1.00 110.71 ? 14  DC  D "C2'" 1 
ATOM   805 C  "C1'" . DC  D 4 13 ? 15.312  -4.740  -9.324  1.00 106.63 ? 14  DC  D "C1'" 1 
ATOM   806 N  N1    . DC  D 4 13 ? 15.252  -3.618  -8.319  1.00 100.96 ? 14  DC  D N1    1 
ATOM   807 C  C2    . DC  D 4 13 ? 14.278  -2.615  -8.442  1.00 96.02  ? 14  DC  D C2    1 
ATOM   808 O  O2    . DC  D 4 13 ? 13.503  -2.640  -9.404  1.00 94.54  ? 14  DC  D O2    1 
ATOM   809 N  N3    . DC  D 4 13 ? 14.226  -1.634  -7.504  1.00 92.57  ? 14  DC  D N3    1 
ATOM   810 C  C4    . DC  D 4 13 ? 15.082  -1.641  -6.478  1.00 95.74  ? 14  DC  D C4    1 
ATOM   811 N  N4    . DC  D 4 13 ? 14.993  -0.655  -5.579  1.00 92.89  ? 14  DC  D N4    1 
ATOM   812 C  C5    . DC  D 4 13 ? 16.068  -2.659  -6.330  1.00 97.88  ? 14  DC  D C5    1 
ATOM   813 C  C6    . DC  D 4 13 ? 16.112  -3.620  -7.258  1.00 98.96  ? 14  DC  D C6    1 
ATOM   814 P  P     . DG  D 4 14 ? 18.224  -5.001  -13.042 1.00 128.24 ? 15  DG  D P     1 
ATOM   815 O  OP1   . DG  D 4 14 ? 19.084  -5.933  -13.804 1.00 132.17 ? 15  DG  D OP1   1 
ATOM   816 O  OP2   . DG  D 4 14 ? 18.796  -3.746  -12.503 1.00 116.87 ? 15  DG  D OP2   1 
ATOM   817 O  "O5'" . DG  D 4 14 ? 16.944  -4.651  -13.936 1.00 116.68 ? 15  DG  D "O5'" 1 
ATOM   818 C  "C5'" . DG  D 4 14 ? 17.098  -3.930  -15.146 1.00 119.59 ? 15  DG  D "C5'" 1 
ATOM   819 C  "C4'" . DG  D 4 14 ? 16.063  -2.821  -15.247 1.00 117.42 ? 15  DG  D "C4'" 1 
ATOM   820 O  "O4'" . DG  D 4 14 ? 15.396  -2.669  -13.970 1.00 113.13 ? 15  DG  D "O4'" 1 
ATOM   821 C  "C3'" . DG  D 4 14 ? 16.632  -1.456  -15.580 1.00 113.59 ? 15  DG  D "C3'" 1 
ATOM   822 O  "O3'" . DG  D 4 14 ? 16.678  -1.265  -17.009 1.00 117.60 ? 15  DG  D "O3'" 1 
ATOM   823 C  "C2'" . DG  D 4 14 ? 15.664  -0.487  -14.892 1.00 108.89 ? 15  DG  D "C2'" 1 
ATOM   824 C  "C1'" . DG  D 4 14 ? 15.153  -1.294  -13.706 1.00 107.63 ? 15  DG  D "C1'" 1 
ATOM   825 N  N9    . DG  D 4 14 ? 15.780  -0.950  -12.427 1.00 101.58 ? 15  DG  D N9    1 
ATOM   826 C  C8    . DG  D 4 14 ? 16.865  -1.567  -11.854 1.00 102.58 ? 15  DG  D C8    1 
ATOM   827 N  N7    . DG  D 4 14 ? 17.198  -1.066  -10.699 1.00 98.07  ? 15  DG  D N7    1 
ATOM   828 C  C5    . DG  D 4 14 ? 16.279  -0.047  -10.490 1.00 95.14  ? 15  DG  D C5    1 
ATOM   829 C  C6    . DG  D 4 14 ? 16.144  0.854   -9.404  1.00 93.25  ? 15  DG  D C6    1 
ATOM   830 O  O6    . DG  D 4 14 ? 16.837  0.925   -8.385  1.00 92.27  ? 15  DG  D O6    1 
ATOM   831 N  N1    . DG  D 4 14 ? 15.080  1.727   -9.594  1.00 91.79  ? 15  DG  D N1    1 
ATOM   832 C  C2    . DG  D 4 14 ? 14.247  1.739   -10.684 1.00 92.44  ? 15  DG  D C2    1 
ATOM   833 N  N2    . DG  D 4 14 ? 13.274  2.656   -10.689 1.00 90.61  ? 15  DG  D N2    1 
ATOM   834 N  N3    . DG  D 4 14 ? 14.361  0.897   -11.711 1.00 91.25  ? 15  DG  D N3    1 
ATOM   835 C  C4    . DG  D 4 14 ? 15.395  0.035   -11.547 1.00 94.78  ? 15  DG  D C4    1 
ATOM   836 P  P     . DT  D 4 15 ? 15.374  -0.823  -17.850 1.00 127.40 ? 16  DT  D P     1 
ATOM   837 O  OP1   . DT  D 4 15 ? 14.171  -1.507  -17.323 1.00 129.22 ? 16  DT  D OP1   1 
ATOM   838 O  OP2   . DT  D 4 15 ? 15.722  -1.007  -19.275 1.00 121.37 ? 16  DT  D OP2   1 
ATOM   839 O  "O5'" . DT  D 4 15 ? 15.253  0.754   -17.593 1.00 111.14 ? 16  DT  D "O5'" 1 
ATOM   840 C  "C5'" . DT  D 4 15 ? 13.986  1.394   -17.698 1.00 111.88 ? 16  DT  D "C5'" 1 
ATOM   841 C  "C4'" . DT  D 4 15 ? 13.999  2.756   -17.019 1.00 114.57 ? 16  DT  D "C4'" 1 
ATOM   842 O  "O4'" . DT  D 4 15 ? 14.480  2.628   -15.660 1.00 111.39 ? 16  DT  D "O4'" 1 
ATOM   843 C  "C3'" . DT  D 4 15 ? 14.889  3.810   -17.690 1.00 112.82 ? 16  DT  D "C3'" 1 
ATOM   844 O  "O3'" . DT  D 4 15 ? 14.099  4.915   -18.109 1.00 116.20 ? 16  DT  D "O3'" 1 
ATOM   845 C  "C2'" . DT  D 4 15 ? 15.892  4.217   -16.600 1.00 102.93 ? 16  DT  D "C2'" 1 
ATOM   846 C  "C1'" . DT  D 4 15 ? 15.185  3.792   -15.322 1.00 100.62 ? 16  DT  D "C1'" 1 
ATOM   847 N  N1    . DT  D 4 15 ? 16.118  3.471   -14.209 1.00 96.97  ? 16  DT  D N1    1 
ATOM   848 C  C2    . DT  D 4 15 ? 15.993  4.131   -13.008 1.00 98.67  ? 16  DT  D C2    1 
ATOM   849 O  O2    . DT  D 4 15 ? 15.147  4.981   -12.797 1.00 101.52 ? 16  DT  D O2    1 
ATOM   850 N  N3    . DT  D 4 15 ? 16.904  3.758   -12.055 1.00 92.13  ? 16  DT  D N3    1 
ATOM   851 C  C4    . DT  D 4 15 ? 17.904  2.811   -12.182 1.00 92.22  ? 16  DT  D C4    1 
ATOM   852 O  O4    . DT  D 4 15 ? 18.675  2.545   -11.267 1.00 89.26  ? 16  DT  D O4    1 
ATOM   853 C  C5    . DT  D 4 15 ? 17.977  2.157   -13.468 1.00 93.40  ? 16  DT  D C5    1 
ATOM   854 C  C7    . DT  D 4 15 ? 19.022  1.111   -13.727 1.00 92.50  ? 16  DT  D C7    1 
ATOM   855 C  C6    . DT  D 4 15 ? 17.094  2.519   -14.408 1.00 95.40  ? 16  DT  D C6    1 
HETATM 856 AS AS    . CAC E 5 .  ? 5.115   -10.454 8.907   1.00 223.16 ? 101 CAC A AS    1 
HETATM 857 AS AS    . CAC F 5 .  ? -2.140  -3.670  15.407  1.00 215.94 ? 101 CAC C AS    1 
# 
loop_
_pdbx_poly_seq_scheme.asym_id 
_pdbx_poly_seq_scheme.entity_id 
_pdbx_poly_seq_scheme.seq_id 
_pdbx_poly_seq_scheme.mon_id 
_pdbx_poly_seq_scheme.ndb_seq_num 
_pdbx_poly_seq_scheme.pdb_seq_num 
_pdbx_poly_seq_scheme.auth_seq_num 
_pdbx_poly_seq_scheme.pdb_mon_id 
_pdbx_poly_seq_scheme.auth_mon_id 
_pdbx_poly_seq_scheme.pdb_strand_id 
_pdbx_poly_seq_scheme.pdb_ins_code 
_pdbx_poly_seq_scheme.hetero 
A 1 1  DG 1  1  1  DG DG A . n 
A 1 2  DA 2  2  2  DA DA A . n 
A 1 3  DA 3  3  3  DA DA A . n 
A 1 4  DC 4  4  4  DC DC A . n 
A 1 5  DG 5  5  5  DG DG A . n 
A 1 6  DA 6  6  6  DA DA A . n 
A 1 7  DC 7  7  7  DC DC A . n 
A 1 8  DA 8  8  8  DA DA A . n 
A 1 9  DT 9  9  9  DT DT A . n 
A 1 10 DT 10 10 10 DT DT A . n 
A 1 11 DG 11 11 11 DG DG A . n 
A 1 12 DA 12 12 12 DA DA A . n 
B 2 1  DC 1  12 12 DC DC B . n 
B 2 2  DG 2  13 13 DG DG B . n 
B 2 3  DA 3  14 14 DA DA B . n 
B 2 4  DG 4  15 15 DG DG B . n 
B 2 5  DG 5  16 16 DG DG B . n 
B 2 6  DA 6  17 17 DA DA B . n 
B 2 7  DC 7  18 18 DC DC B . n 
B 2 8  DT 8  19 19 DT DT B . n 
B 2 9  DC 9  20 20 DC DC B . n 
C 3 1  DT 1  0  0  DT DT C . n 
C 3 2  DC 2  1  1  DC DC C . n 
C 3 3  DA 3  2  2  DA DA C . n 
C 3 4  DT 4  3  3  DT DT C . n 
C 3 5  DC 5  4  4  DC DC C . n 
C 3 6  DG 6  5  5  DG DG C . n 
D 4 1  DT 1  2  2  DT DT D . n 
D 4 2  DC 2  3  3  DC DC D . n 
D 4 3  DG 3  4  4  DG DG D . n 
D 4 4  DA 4  5  5  DA DA D . n 
D 4 5  DG 5  6  6  DG DG D . n 
D 4 6  DT 6  7  7  DT DT D . n 
D 4 7  DC 7  8  8  DC DC D . n 
D 4 8  DC 8  9  9  DC DC D . n 
D 4 9  DA 9  10 10 DA DA D . n 
D 4 10 DT 10 11 11 DT DT D . n 
D 4 11 DG 11 12 12 DG DG D . n 
D 4 12 DT 12 13 13 DT DT D . n 
D 4 13 DC 13 14 14 DC DC D . n 
D 4 14 DG 14 15 15 DG DG D . n 
D 4 15 DT 15 16 16 DT DT D . n 
# 
loop_
_pdbx_nonpoly_scheme.asym_id 
_pdbx_nonpoly_scheme.entity_id 
_pdbx_nonpoly_scheme.mon_id 
_pdbx_nonpoly_scheme.ndb_seq_num 
_pdbx_nonpoly_scheme.pdb_seq_num 
_pdbx_nonpoly_scheme.auth_seq_num 
_pdbx_nonpoly_scheme.pdb_mon_id 
_pdbx_nonpoly_scheme.auth_mon_id 
_pdbx_nonpoly_scheme.pdb_strand_id 
_pdbx_nonpoly_scheme.pdb_ins_code 
E 5 CAC 1 101 2 CAC AS A . 
F 5 CAC 1 101 1 CAC AS C . 
# 
_pdbx_struct_assembly.id                   1 
_pdbx_struct_assembly.details              author_and_software_defined_assembly 
_pdbx_struct_assembly.method_details       PISA 
_pdbx_struct_assembly.oligomeric_details   tetrameric 
_pdbx_struct_assembly.oligomeric_count     4 
# 
_pdbx_struct_assembly_gen.assembly_id       1 
_pdbx_struct_assembly_gen.oper_expression   1 
_pdbx_struct_assembly_gen.asym_id_list      A,B,C,D,E,F 
# 
loop_
_pdbx_struct_assembly_prop.biol_id 
_pdbx_struct_assembly_prop.type 
_pdbx_struct_assembly_prop.value 
_pdbx_struct_assembly_prop.details 
1 'ABSA (A^2)' 2570 ? 
1 MORE         -11  ? 
1 'SSA (A^2)'  7980 ? 
# 
_pdbx_struct_oper_list.id                   1 
_pdbx_struct_oper_list.type                 'identity operation' 
_pdbx_struct_oper_list.name                 1_555 
_pdbx_struct_oper_list.symmetry_operation   x,y,z 
_pdbx_struct_oper_list.matrix[1][1]         1.0000000000 
_pdbx_struct_oper_list.matrix[1][2]         0.0000000000 
_pdbx_struct_oper_list.matrix[1][3]         0.0000000000 
_pdbx_struct_oper_list.vector[1]            0.0000000000 
_pdbx_struct_oper_list.matrix[2][1]         0.0000000000 
_pdbx_struct_oper_list.matrix[2][2]         1.0000000000 
_pdbx_struct_oper_list.matrix[2][3]         0.0000000000 
_pdbx_struct_oper_list.vector[2]            0.0000000000 
_pdbx_struct_oper_list.matrix[3][1]         0.0000000000 
_pdbx_struct_oper_list.matrix[3][2]         0.0000000000 
_pdbx_struct_oper_list.matrix[3][3]         1.0000000000 
_pdbx_struct_oper_list.vector[3]            0.0000000000 
# 
loop_
_pdbx_audit_revision_history.ordinal 
_pdbx_audit_revision_history.data_content_type 
_pdbx_audit_revision_history.major_revision 
_pdbx_audit_revision_history.minor_revision 
_pdbx_audit_revision_history.revision_date 
1 'Structure model' 1 0 2021-07-14 
2 'Structure model' 1 1 2022-07-06 
3 'Structure model' 1 2 2023-10-18 
# 
_pdbx_audit_revision_details.ordinal             1 
_pdbx_audit_revision_details.revision_ordinal    1 
_pdbx_audit_revision_details.data_content_type   'Structure model' 
_pdbx_audit_revision_details.provider            repository 
_pdbx_audit_revision_details.type                'Initial release' 
_pdbx_audit_revision_details.description         ? 
_pdbx_audit_revision_details.details             ? 
# 
loop_
_pdbx_audit_revision_group.ordinal 
_pdbx_audit_revision_group.revision_ordinal 
_pdbx_audit_revision_group.data_content_type 
_pdbx_audit_revision_group.group 
1 2 'Structure model' 'Database references'    
2 3 'Structure model' 'Data collection'        
3 3 'Structure model' 'Refinement description' 
# 
loop_
_pdbx_audit_revision_category.ordinal 
_pdbx_audit_revision_category.revision_ordinal 
_pdbx_audit_revision_category.data_content_type 
_pdbx_audit_revision_category.category 
1 2 'Structure model' citation                      
2 2 'Structure model' citation_author               
3 2 'Structure model' database_2                    
4 3 'Structure model' chem_comp_atom                
5 3 'Structure model' chem_comp_bond                
6 3 'Structure model' pdbx_initial_refinement_model 
# 
loop_
_pdbx_audit_revision_item.ordinal 
_pdbx_audit_revision_item.revision_ordinal 
_pdbx_audit_revision_item.data_content_type 
_pdbx_audit_revision_item.item 
1  2 'Structure model' '_citation.country'                   
2  2 'Structure model' '_citation.journal_abbrev'            
3  2 'Structure model' '_citation.journal_id_CSD'            
4  2 'Structure model' '_citation.journal_id_ISSN'           
5  2 'Structure model' '_citation.journal_volume'            
6  2 'Structure model' '_citation.page_first'                
7  2 'Structure model' '_citation.page_last'                 
8  2 'Structure model' '_citation.pdbx_database_id_DOI'      
9  2 'Structure model' '_citation.pdbx_database_id_PubMed'   
10 2 'Structure model' '_citation.title'                     
11 2 'Structure model' '_citation.year'                      
12 2 'Structure model' '_database_2.pdbx_DOI'                
13 2 'Structure model' '_database_2.pdbx_database_accession' 
# 
loop_
_software.citation_id 
_software.classification 
_software.compiler_name 
_software.compiler_version 
_software.contact_author 
_software.contact_author_email 
_software.date 
_software.description 
_software.dependencies 
_software.hardware 
_software.language 
_software.location 
_software.mods 
_software.name 
_software.os 
_software.os_version 
_software.type 
_software.version 
_software.pdbx_ordinal 
? 'data reduction'  ? ? ? ? ? ? ? ? ? ? ? HKL-2000    ? ? ? .           1 
? 'data scaling'    ? ? ? ? ? ? ? ? ? ? ? HKL-2000    ? ? ? .           2 
? refinement        ? ? ? ? ? ? ? ? ? ? ? PHENIX      ? ? ? 1.11.1_2575 3 
? 'data extraction' ? ? ? ? ? ? ? ? ? ? ? PDB_EXTRACT ? ? ? 3.25        4 
? phasing           ? ? ? ? ? ? ? ? ? ? ? PHASER      ? ? ? .           5 
# 
_pdbx_entry_details.entry_id                 7JI7 
_pdbx_entry_details.has_ligand_of_interest   N 
_pdbx_entry_details.compound_details         ? 
_pdbx_entry_details.source_details           ? 
_pdbx_entry_details.nonpolymer_details       ? 
_pdbx_entry_details.sequence_details         ? 
# 
loop_
_pdbx_unobs_or_zero_occ_atoms.id 
_pdbx_unobs_or_zero_occ_atoms.PDB_model_num 
_pdbx_unobs_or_zero_occ_atoms.polymer_flag 
_pdbx_unobs_or_zero_occ_atoms.occupancy_flag 
_pdbx_unobs_or_zero_occ_atoms.auth_asym_id 
_pdbx_unobs_or_zero_occ_atoms.auth_comp_id 
_pdbx_unobs_or_zero_occ_atoms.auth_seq_id 
_pdbx_unobs_or_zero_occ_atoms.PDB_ins_code 
_pdbx_unobs_or_zero_occ_atoms.auth_atom_id 
_pdbx_unobs_or_zero_occ_atoms.label_alt_id 
_pdbx_unobs_or_zero_occ_atoms.label_asym_id 
_pdbx_unobs_or_zero_occ_atoms.label_comp_id 
_pdbx_unobs_or_zero_occ_atoms.label_seq_id 
_pdbx_unobs_or_zero_occ_atoms.label_atom_id 
1 1 N 1 A CAC 101 ? O1 ? E CAC 1 O1 
2 1 N 1 A CAC 101 ? O2 ? E CAC 1 O2 
3 1 N 1 A CAC 101 ? C1 ? E CAC 1 C1 
4 1 N 1 A CAC 101 ? C2 ? E CAC 1 C2 
5 1 N 1 C CAC 101 ? O1 ? F CAC 1 O1 
6 1 N 1 C CAC 101 ? O2 ? F CAC 1 O2 
7 1 N 1 C CAC 101 ? C1 ? F CAC 1 C1 
8 1 N 1 C CAC 101 ? C2 ? F CAC 1 C2 
# 
loop_
_chem_comp_atom.comp_id 
_chem_comp_atom.atom_id 
_chem_comp_atom.type_symbol 
_chem_comp_atom.pdbx_aromatic_flag 
_chem_comp_atom.pdbx_stereo_config 
_chem_comp_atom.pdbx_ordinal 
CAC AS     AS N N 1   
CAC O1     O  N N 2   
CAC O2     O  N N 3   
CAC C1     C  N N 4   
CAC C2     C  N N 5   
CAC H11    H  N N 6   
CAC H12    H  N N 7   
CAC H13    H  N N 8   
CAC H21    H  N N 9   
CAC H22    H  N N 10  
CAC H23    H  N N 11  
DA  OP3    O  N N 12  
DA  P      P  N N 13  
DA  OP1    O  N N 14  
DA  OP2    O  N N 15  
DA  "O5'"  O  N N 16  
DA  "C5'"  C  N N 17  
DA  "C4'"  C  N R 18  
DA  "O4'"  O  N N 19  
DA  "C3'"  C  N S 20  
DA  "O3'"  O  N N 21  
DA  "C2'"  C  N N 22  
DA  "C1'"  C  N R 23  
DA  N9     N  Y N 24  
DA  C8     C  Y N 25  
DA  N7     N  Y N 26  
DA  C5     C  Y N 27  
DA  C6     C  Y N 28  
DA  N6     N  N N 29  
DA  N1     N  Y N 30  
DA  C2     C  Y N 31  
DA  N3     N  Y N 32  
DA  C4     C  Y N 33  
DA  HOP3   H  N N 34  
DA  HOP2   H  N N 35  
DA  "H5'"  H  N N 36  
DA  "H5''" H  N N 37  
DA  "H4'"  H  N N 38  
DA  "H3'"  H  N N 39  
DA  "HO3'" H  N N 40  
DA  "H2'"  H  N N 41  
DA  "H2''" H  N N 42  
DA  "H1'"  H  N N 43  
DA  H8     H  N N 44  
DA  H61    H  N N 45  
DA  H62    H  N N 46  
DA  H2     H  N N 47  
DC  OP3    O  N N 48  
DC  P      P  N N 49  
DC  OP1    O  N N 50  
DC  OP2    O  N N 51  
DC  "O5'"  O  N N 52  
DC  "C5'"  C  N N 53  
DC  "C4'"  C  N R 54  
DC  "O4'"  O  N N 55  
DC  "C3'"  C  N S 56  
DC  "O3'"  O  N N 57  
DC  "C2'"  C  N N 58  
DC  "C1'"  C  N R 59  
DC  N1     N  N N 60  
DC  C2     C  N N 61  
DC  O2     O  N N 62  
DC  N3     N  N N 63  
DC  C4     C  N N 64  
DC  N4     N  N N 65  
DC  C5     C  N N 66  
DC  C6     C  N N 67  
DC  HOP3   H  N N 68  
DC  HOP2   H  N N 69  
DC  "H5'"  H  N N 70  
DC  "H5''" H  N N 71  
DC  "H4'"  H  N N 72  
DC  "H3'"  H  N N 73  
DC  "HO3'" H  N N 74  
DC  "H2'"  H  N N 75  
DC  "H2''" H  N N 76  
DC  "H1'"  H  N N 77  
DC  H41    H  N N 78  
DC  H42    H  N N 79  
DC  H5     H  N N 80  
DC  H6     H  N N 81  
DG  OP3    O  N N 82  
DG  P      P  N N 83  
DG  OP1    O  N N 84  
DG  OP2    O  N N 85  
DG  "O5'"  O  N N 86  
DG  "C5'"  C  N N 87  
DG  "C4'"  C  N R 88  
DG  "O4'"  O  N N 89  
DG  "C3'"  C  N S 90  
DG  "O3'"  O  N N 91  
DG  "C2'"  C  N N 92  
DG  "C1'"  C  N R 93  
DG  N9     N  Y N 94  
DG  C8     C  Y N 95  
DG  N7     N  Y N 96  
DG  C5     C  Y N 97  
DG  C6     C  N N 98  
DG  O6     O  N N 99  
DG  N1     N  N N 100 
DG  C2     C  N N 101 
DG  N2     N  N N 102 
DG  N3     N  N N 103 
DG  C4     C  Y N 104 
DG  HOP3   H  N N 105 
DG  HOP2   H  N N 106 
DG  "H5'"  H  N N 107 
DG  "H5''" H  N N 108 
DG  "H4'"  H  N N 109 
DG  "H3'"  H  N N 110 
DG  "HO3'" H  N N 111 
DG  "H2'"  H  N N 112 
DG  "H2''" H  N N 113 
DG  "H1'"  H  N N 114 
DG  H8     H  N N 115 
DG  H1     H  N N 116 
DG  H21    H  N N 117 
DG  H22    H  N N 118 
DT  OP3    O  N N 119 
DT  P      P  N N 120 
DT  OP1    O  N N 121 
DT  OP2    O  N N 122 
DT  "O5'"  O  N N 123 
DT  "C5'"  C  N N 124 
DT  "C4'"  C  N R 125 
DT  "O4'"  O  N N 126 
DT  "C3'"  C  N S 127 
DT  "O3'"  O  N N 128 
DT  "C2'"  C  N N 129 
DT  "C1'"  C  N R 130 
DT  N1     N  N N 131 
DT  C2     C  N N 132 
DT  O2     O  N N 133 
DT  N3     N  N N 134 
DT  C4     C  N N 135 
DT  O4     O  N N 136 
DT  C5     C  N N 137 
DT  C7     C  N N 138 
DT  C6     C  N N 139 
DT  HOP3   H  N N 140 
DT  HOP2   H  N N 141 
DT  "H5'"  H  N N 142 
DT  "H5''" H  N N 143 
DT  "H4'"  H  N N 144 
DT  "H3'"  H  N N 145 
DT  "HO3'" H  N N 146 
DT  "H2'"  H  N N 147 
DT  "H2''" H  N N 148 
DT  "H1'"  H  N N 149 
DT  H3     H  N N 150 
DT  H71    H  N N 151 
DT  H72    H  N N 152 
DT  H73    H  N N 153 
DT  H6     H  N N 154 
# 
loop_
_chem_comp_bond.comp_id 
_chem_comp_bond.atom_id_1 
_chem_comp_bond.atom_id_2 
_chem_comp_bond.value_order 
_chem_comp_bond.pdbx_aromatic_flag 
_chem_comp_bond.pdbx_stereo_config 
_chem_comp_bond.pdbx_ordinal 
CAC AS    O1     doub N N 1   
CAC AS    O2     sing N N 2   
CAC AS    C1     sing N N 3   
CAC AS    C2     sing N N 4   
CAC C1    H11    sing N N 5   
CAC C1    H12    sing N N 6   
CAC C1    H13    sing N N 7   
CAC C2    H21    sing N N 8   
CAC C2    H22    sing N N 9   
CAC C2    H23    sing N N 10  
DA  OP3   P      sing N N 11  
DA  OP3   HOP3   sing N N 12  
DA  P     OP1    doub N N 13  
DA  P     OP2    sing N N 14  
DA  P     "O5'"  sing N N 15  
DA  OP2   HOP2   sing N N 16  
DA  "O5'" "C5'"  sing N N 17  
DA  "C5'" "C4'"  sing N N 18  
DA  "C5'" "H5'"  sing N N 19  
DA  "C5'" "H5''" sing N N 20  
DA  "C4'" "O4'"  sing N N 21  
DA  "C4'" "C3'"  sing N N 22  
DA  "C4'" "H4'"  sing N N 23  
DA  "O4'" "C1'"  sing N N 24  
DA  "C3'" "O3'"  sing N N 25  
DA  "C3'" "C2'"  sing N N 26  
DA  "C3'" "H3'"  sing N N 27  
DA  "O3'" "HO3'" sing N N 28  
DA  "C2'" "C1'"  sing N N 29  
DA  "C2'" "H2'"  sing N N 30  
DA  "C2'" "H2''" sing N N 31  
DA  "C1'" N9     sing N N 32  
DA  "C1'" "H1'"  sing N N 33  
DA  N9    C8     sing Y N 34  
DA  N9    C4     sing Y N 35  
DA  C8    N7     doub Y N 36  
DA  C8    H8     sing N N 37  
DA  N7    C5     sing Y N 38  
DA  C5    C6     sing Y N 39  
DA  C5    C4     doub Y N 40  
DA  C6    N6     sing N N 41  
DA  C6    N1     doub Y N 42  
DA  N6    H61    sing N N 43  
DA  N6    H62    sing N N 44  
DA  N1    C2     sing Y N 45  
DA  C2    N3     doub Y N 46  
DA  C2    H2     sing N N 47  
DA  N3    C4     sing Y N 48  
DC  OP3   P      sing N N 49  
DC  OP3   HOP3   sing N N 50  
DC  P     OP1    doub N N 51  
DC  P     OP2    sing N N 52  
DC  P     "O5'"  sing N N 53  
DC  OP2   HOP2   sing N N 54  
DC  "O5'" "C5'"  sing N N 55  
DC  "C5'" "C4'"  sing N N 56  
DC  "C5'" "H5'"  sing N N 57  
DC  "C5'" "H5''" sing N N 58  
DC  "C4'" "O4'"  sing N N 59  
DC  "C4'" "C3'"  sing N N 60  
DC  "C4'" "H4'"  sing N N 61  
DC  "O4'" "C1'"  sing N N 62  
DC  "C3'" "O3'"  sing N N 63  
DC  "C3'" "C2'"  sing N N 64  
DC  "C3'" "H3'"  sing N N 65  
DC  "O3'" "HO3'" sing N N 66  
DC  "C2'" "C1'"  sing N N 67  
DC  "C2'" "H2'"  sing N N 68  
DC  "C2'" "H2''" sing N N 69  
DC  "C1'" N1     sing N N 70  
DC  "C1'" "H1'"  sing N N 71  
DC  N1    C2     sing N N 72  
DC  N1    C6     sing N N 73  
DC  C2    O2     doub N N 74  
DC  C2    N3     sing N N 75  
DC  N3    C4     doub N N 76  
DC  C4    N4     sing N N 77  
DC  C4    C5     sing N N 78  
DC  N4    H41    sing N N 79  
DC  N4    H42    sing N N 80  
DC  C5    C6     doub N N 81  
DC  C5    H5     sing N N 82  
DC  C6    H6     sing N N 83  
DG  OP3   P      sing N N 84  
DG  OP3   HOP3   sing N N 85  
DG  P     OP1    doub N N 86  
DG  P     OP2    sing N N 87  
DG  P     "O5'"  sing N N 88  
DG  OP2   HOP2   sing N N 89  
DG  "O5'" "C5'"  sing N N 90  
DG  "C5'" "C4'"  sing N N 91  
DG  "C5'" "H5'"  sing N N 92  
DG  "C5'" "H5''" sing N N 93  
DG  "C4'" "O4'"  sing N N 94  
DG  "C4'" "C3'"  sing N N 95  
DG  "C4'" "H4'"  sing N N 96  
DG  "O4'" "C1'"  sing N N 97  
DG  "C3'" "O3'"  sing N N 98  
DG  "C3'" "C2'"  sing N N 99  
DG  "C3'" "H3'"  sing N N 100 
DG  "O3'" "HO3'" sing N N 101 
DG  "C2'" "C1'"  sing N N 102 
DG  "C2'" "H2'"  sing N N 103 
DG  "C2'" "H2''" sing N N 104 
DG  "C1'" N9     sing N N 105 
DG  "C1'" "H1'"  sing N N 106 
DG  N9    C8     sing Y N 107 
DG  N9    C4     sing Y N 108 
DG  C8    N7     doub Y N 109 
DG  C8    H8     sing N N 110 
DG  N7    C5     sing Y N 111 
DG  C5    C6     sing N N 112 
DG  C5    C4     doub Y N 113 
DG  C6    O6     doub N N 114 
DG  C6    N1     sing N N 115 
DG  N1    C2     sing N N 116 
DG  N1    H1     sing N N 117 
DG  C2    N2     sing N N 118 
DG  C2    N3     doub N N 119 
DG  N2    H21    sing N N 120 
DG  N2    H22    sing N N 121 
DG  N3    C4     sing N N 122 
DT  OP3   P      sing N N 123 
DT  OP3   HOP3   sing N N 124 
DT  P     OP1    doub N N 125 
DT  P     OP2    sing N N 126 
DT  P     "O5'"  sing N N 127 
DT  OP2   HOP2   sing N N 128 
DT  "O5'" "C5'"  sing N N 129 
DT  "C5'" "C4'"  sing N N 130 
DT  "C5'" "H5'"  sing N N 131 
DT  "C5'" "H5''" sing N N 132 
DT  "C4'" "O4'"  sing N N 133 
DT  "C4'" "C3'"  sing N N 134 
DT  "C4'" "H4'"  sing N N 135 
DT  "O4'" "C1'"  sing N N 136 
DT  "C3'" "O3'"  sing N N 137 
DT  "C3'" "C2'"  sing N N 138 
DT  "C3'" "H3'"  sing N N 139 
DT  "O3'" "HO3'" sing N N 140 
DT  "C2'" "C1'"  sing N N 141 
DT  "C2'" "H2'"  sing N N 142 
DT  "C2'" "H2''" sing N N 143 
DT  "C1'" N1     sing N N 144 
DT  "C1'" "H1'"  sing N N 145 
DT  N1    C2     sing N N 146 
DT  N1    C6     sing N N 147 
DT  C2    O2     doub N N 148 
DT  C2    N3     sing N N 149 
DT  N3    C4     sing N N 150 
DT  N3    H3     sing N N 151 
DT  C4    O4     doub N N 152 
DT  C4    C5     sing N N 153 
DT  C5    C7     sing N N 154 
DT  C5    C6     doub N N 155 
DT  C7    H71    sing N N 156 
DT  C7    H72    sing N N 157 
DT  C7    H73    sing N N 158 
DT  C6    H6     sing N N 159 
# 
loop_
_ndb_struct_conf_na.entry_id 
_ndb_struct_conf_na.feature 
7JI7 'double helix'        
7JI7 'b-form double helix' 
# 
loop_
_ndb_struct_na_base_pair.model_number 
_ndb_struct_na_base_pair.i_label_asym_id 
_ndb_struct_na_base_pair.i_label_comp_id 
_ndb_struct_na_base_pair.i_label_seq_id 
_ndb_struct_na_base_pair.i_symmetry 
_ndb_struct_na_base_pair.j_label_asym_id 
_ndb_struct_na_base_pair.j_label_comp_id 
_ndb_struct_na_base_pair.j_label_seq_id 
_ndb_struct_na_base_pair.j_symmetry 
_ndb_struct_na_base_pair.shear 
_ndb_struct_na_base_pair.stretch 
_ndb_struct_na_base_pair.stagger 
_ndb_struct_na_base_pair.buckle 
_ndb_struct_na_base_pair.propeller 
_ndb_struct_na_base_pair.opening 
_ndb_struct_na_base_pair.pair_number 
_ndb_struct_na_base_pair.pair_name 
_ndb_struct_na_base_pair.i_auth_asym_id 
_ndb_struct_na_base_pair.i_auth_seq_id 
_ndb_struct_na_base_pair.i_PDB_ins_code 
_ndb_struct_na_base_pair.j_auth_asym_id 
_ndb_struct_na_base_pair.j_auth_seq_id 
_ndb_struct_na_base_pair.j_PDB_ins_code 
_ndb_struct_na_base_pair.hbond_type_28 
_ndb_struct_na_base_pair.hbond_type_12 
1 A DA 3  1_555 D DT 15 1_555 0.620  0.402  0.338  -0.732 -9.748  7.073   1  A_DA3:DT16_D A 3  ? D 16 ? 20 1 
1 A DC 4  1_555 D DG 14 1_555 -0.365 0.208  0.543  1.697  -12.797 5.024   2  A_DC4:DG15_D A 4  ? D 15 ? 19 1 
1 A DG 5  1_555 D DC 13 1_555 -0.831 -0.271 0.293  6.009  -13.696 -4.949  3  A_DG5:DC14_D A 5  ? D 14 ? 19 1 
1 A DA 6  1_555 D DT 12 1_555 0.533  0.139  -0.277 -1.527 -15.125 -2.673  4  A_DA6:DT13_D A 6  ? D 13 ? 20 1 
1 A DC 7  1_555 D DG 11 1_555 -0.157 -0.133 0.327  -0.240 -10.664 -0.242  5  A_DC7:DG12_D A 7  ? D 12 ? 19 1 
1 A DA 8  1_555 D DT 10 1_555 -0.351 -0.025 0.378  -6.972 -9.720  -5.762  6  A_DA8:DT11_D A 8  ? D 11 ? 20 1 
1 A DT 9  1_555 D DA 9  1_555 -0.386 -0.076 0.419  -3.991 -11.805 -8.268  7  A_DT9:DA10_D A 9  ? D 10 ? 20 1 
1 A DT 10 1_555 C DA 3  1_555 -1.375 -0.076 0.642  -3.127 -9.611  2.455   8  A_DT10:DA2_C A 10 ? C 2  ? 20 1 
1 A DG 11 1_555 C DC 2  1_555 -0.194 -0.073 0.557  -1.048 -4.828  0.918   9  A_DG11:DC1_C A 11 ? C 1  ? 19 1 
1 A DA 12 1_555 C DT 1  1_555 0.699  -0.168 0.089  1.476  -7.685  -14.254 10 A_DA12:DT0_C A 12 ? C 0  ? 20 1 
1 B DC 1  1_555 C DG 6  1_555 -0.260 -0.271 0.242  -6.887 -10.492 -9.069  11 B_DC12:DG5_C B 12 ? C 5  ? 19 1 
1 B DG 2  1_555 C DC 5  1_555 -0.672 -0.148 -0.056 -0.956 -6.821  0.256   12 B_DG13:DC4_C B 13 ? C 4  ? 19 1 
1 B DA 3  1_555 C DT 4  1_555 0.804  -0.197 -0.165 2.829  -10.337 3.449   13 B_DA14:DT3_C B 14 ? C 3  ? 20 1 
1 B DG 4  1_555 D DC 8  1_555 -0.429 -0.101 0.634  1.185  -1.145  -2.235  14 B_DG15:DC9_D B 15 ? D 9  ? 19 1 
1 B DG 5  1_555 D DC 7  1_555 0.446  0.602  0.516  5.377  -3.852  13.551  15 B_DG16:DC8_D B 16 ? D 8  ? ?  1 
1 B DA 6  1_555 D DT 6  1_555 1.096  -0.097 0.445  6.318  -7.379  -0.575  16 B_DA17:DT7_D B 17 ? D 7  ? 20 1 
1 B DC 7  1_555 D DG 5  1_555 1.160  -0.370 0.099  9.605  -11.937 -0.613  17 B_DC18:DG6_D B 18 ? D 6  ? 19 1 
1 B DT 8  1_555 D DA 4  1_555 -0.103 -0.422 -0.169 7.873  -13.462 -2.088  18 B_DT19:DA5_D B 19 ? D 5  ? 20 1 
1 B DC 9  1_555 D DG 3  1_555 0.660  -0.195 -0.160 8.319  -14.426 -0.840  19 B_DC20:DG4_D B 20 ? D 4  ? 19 1 
# 
loop_
_ndb_struct_na_base_pair_step.model_number 
_ndb_struct_na_base_pair_step.i_label_asym_id_1 
_ndb_struct_na_base_pair_step.i_label_comp_id_1 
_ndb_struct_na_base_pair_step.i_label_seq_id_1 
_ndb_struct_na_base_pair_step.i_symmetry_1 
_ndb_struct_na_base_pair_step.j_label_asym_id_1 
_ndb_struct_na_base_pair_step.j_label_comp_id_1 
_ndb_struct_na_base_pair_step.j_label_seq_id_1 
_ndb_struct_na_base_pair_step.j_symmetry_1 
_ndb_struct_na_base_pair_step.i_label_asym_id_2 
_ndb_struct_na_base_pair_step.i_label_comp_id_2 
_ndb_struct_na_base_pair_step.i_label_seq_id_2 
_ndb_struct_na_base_pair_step.i_symmetry_2 
_ndb_struct_na_base_pair_step.j_label_asym_id_2 
_ndb_struct_na_base_pair_step.j_label_comp_id_2 
_ndb_struct_na_base_pair_step.j_label_seq_id_2 
_ndb_struct_na_base_pair_step.j_symmetry_2 
_ndb_struct_na_base_pair_step.shift 
_ndb_struct_na_base_pair_step.slide 
_ndb_struct_na_base_pair_step.rise 
_ndb_struct_na_base_pair_step.tilt 
_ndb_struct_na_base_pair_step.roll 
_ndb_struct_na_base_pair_step.twist 
_ndb_struct_na_base_pair_step.x_displacement 
_ndb_struct_na_base_pair_step.y_displacement 
_ndb_struct_na_base_pair_step.helical_rise 
_ndb_struct_na_base_pair_step.inclination 
_ndb_struct_na_base_pair_step.tip 
_ndb_struct_na_base_pair_step.helical_twist 
_ndb_struct_na_base_pair_step.step_number 
_ndb_struct_na_base_pair_step.step_name 
_ndb_struct_na_base_pair_step.i_auth_asym_id_1 
_ndb_struct_na_base_pair_step.i_auth_seq_id_1 
_ndb_struct_na_base_pair_step.i_PDB_ins_code_1 
_ndb_struct_na_base_pair_step.j_auth_asym_id_1 
_ndb_struct_na_base_pair_step.j_auth_seq_id_1 
_ndb_struct_na_base_pair_step.j_PDB_ins_code_1 
_ndb_struct_na_base_pair_step.i_auth_asym_id_2 
_ndb_struct_na_base_pair_step.i_auth_seq_id_2 
_ndb_struct_na_base_pair_step.i_PDB_ins_code_2 
_ndb_struct_na_base_pair_step.j_auth_asym_id_2 
_ndb_struct_na_base_pair_step.j_auth_seq_id_2 
_ndb_struct_na_base_pair_step.j_PDB_ins_code_2 
1 A DA 3  1_555 D DT 15 1_555 A DC 4  1_555 D DG 14 1_555 -0.026 -0.470 3.287 -4.095 1.920  28.500 -1.371 -0.861 3.221 3.870  
8.251   28.849 1  AA_DA3DC4:DG15DT16_DD A 3  ? D 16 ? A 4  ? D 15 ? 
1 A DC 4  1_555 D DG 14 1_555 A DG 5  1_555 D DC 13 1_555 -0.102 0.122  3.296 -0.760 3.050  35.627 -0.245 0.056  3.297 4.974  
1.240   35.761 2  AA_DC4DG5:DC14DG15_DD A 4  ? D 15 ? A 5  ? D 14 ? 
1 A DG 5  1_555 D DC 13 1_555 A DA 6  1_555 D DT 12 1_555 -0.723 0.284  3.715 2.988  1.022  43.041 0.273  1.314  3.665 1.391  
-4.066  43.151 3  AA_DG5DA6:DT13DC14_DD A 5  ? D 14 ? A 6  ? D 13 ? 
1 A DA 6  1_555 D DT 12 1_555 A DC 7  1_555 D DG 11 1_555 0.650  -1.112 3.206 -4.671 -1.719 27.263 -1.916 -2.457 3.116 -3.609 
9.806   27.705 4  AA_DA6DC7:DG12DT13_DD A 6  ? D 13 ? A 7  ? D 12 ? 
1 A DC 7  1_555 D DG 11 1_555 A DA 8  1_555 D DT 10 1_555 -0.158 -0.993 3.364 1.136  -6.515 38.266 -0.657 0.384  3.475 -9.848 
-1.718  38.813 5  AA_DC7DA8:DT11DG12_DD A 7  ? D 12 ? A 8  ? D 11 ? 
1 A DA 8  1_555 D DT 10 1_555 A DT 9  1_555 D DA 9  1_555 0.038  -0.802 3.226 -2.477 -1.672 37.027 -1.039 -0.387 3.248 -2.628 
3.893   37.143 6  AA_DA8DT9:DA10DT11_DD A 8  ? D 11 ? A 9  ? D 10 ? 
1 A DT 9  1_555 D DA 9  1_555 A DT 10 1_555 C DA 3  1_555 -0.423 -1.710 3.105 -4.446 -0.509 21.285 -4.339 -0.577 3.165 -1.359 
11.869  21.745 7  AA_DT9DT10:DA2DA10_CD A 9  ? D 10 ? A 10 ? C 2  ? 
1 A DT 10 1_555 C DA 3  1_555 A DG 11 1_555 C DC 2  1_555 -0.344 0.830  3.344 -2.256 8.592  38.886 0.171  0.230  3.457 12.704 
3.335   39.850 8  AA_DT10DG11:DC1DA2_CC A 10 ? C 2  ? A 11 ? C 1  ? 
1 A DG 11 1_555 C DC 2  1_555 A DA 12 1_555 C DT 1  1_555 -1.052 -0.164 3.325 -0.165 1.824  41.387 -0.430 1.469  3.319 2.579  
0.233   41.426 9  AA_DG11DA12:DT0DC1_CC A 11 ? C 1  ? A 12 ? C 0  ? 
1 B DC 1  1_555 C DG 6  1_555 B DG 2  1_555 C DC 5  1_555 0.284  -0.175 3.229 0.253  6.667  31.693 -1.470 -0.465 3.131 12.040 
-0.456  32.370 10 BB_DC12DG13:DC4DG5_CC B 12 ? C 5  ? B 13 ? C 4  ? 
1 B DG 2  1_555 C DC 5  1_555 B DA 3  1_555 C DT 4  1_555 0.235  -0.325 3.323 -2.294 2.941  42.058 -0.756 -0.565 3.278 4.089  
3.188   42.216 11 BB_DG13DA14:DT3DC4_CC B 13 ? C 4  ? B 14 ? C 3  ? 
1 B DA 3  1_555 C DT 4  1_555 B DG 4  1_555 D DC 8  1_555 -1.501 -0.835 3.140 -9.309 2.254  25.085 -2.401 0.755  3.383 4.964  
20.504  26.824 12 BB_DA14DG15:DC9DT3_DC B 14 ? C 3  ? B 15 ? D 9  ? 
1 B DG 4  1_555 D DC 8  1_555 B DG 5  1_555 D DC 7  1_555 -0.181 0.283  3.380 -2.122 3.226  40.706 0.037  0.017  3.396 4.625  
3.042   40.881 13 BB_DG15DG16:DC8DC9_DD B 15 ? D 9  ? B 16 ? D 8  ? 
1 B DG 5  1_555 D DC 7  1_555 B DA 6  1_555 D DT 6  1_555 -0.482 -0.163 3.265 0.108  2.824  36.657 -0.642 0.779  3.243 4.482  
-0.172  36.762 14 BB_DG16DA17:DT7DC8_DD B 16 ? D 8  ? B 17 ? D 7  ? 
1 B DA 6  1_555 D DT 6  1_555 B DC 7  1_555 D DG 5  1_555 0.438  -0.987 3.137 1.996  5.130  33.359 -2.479 -0.450 2.977 8.861  
-3.449  33.797 15 BB_DA17DC18:DG6DT7_DD B 17 ? D 7  ? B 18 ? D 6  ? 
1 B DC 7  1_555 D DG 5  1_555 B DT 8  1_555 D DA 4  1_555 -0.425 -0.304 3.243 5.796  3.381  27.444 -1.389 2.183  3.032 6.994  
-11.991 28.237 16 BB_DC18DT19:DA5DG6_DD B 18 ? D 6  ? B 19 ? D 5  ? 
1 B DT 8  1_555 D DA 4  1_555 B DC 9  1_555 D DG 3  1_555 -0.005 -0.021 3.537 2.171  2.686  38.043 -0.397 0.304  3.522 4.110  
-3.322  38.194 17 BB_DT19DC20:DG4DA5_DD B 19 ? D 5  ? B 20 ? D 4  ? 
# 
loop_
_pdbx_audit_support.funding_organization 
_pdbx_audit_support.country 
_pdbx_audit_support.grant_number 
_pdbx_audit_support.ordinal 
'National Science Foundation (NSF, United States)'                                         'United States' 1360635     1 
'National Institutes of Health/National Institute of General Medical Sciences (NIH/NIGMS)' 'United States' R01GM104960 2 
'National Science Foundation (NSF, United States)'                                         'United States' NSF2004250  3 
# 
_pdbx_entity_nonpoly.entity_id   5 
_pdbx_entity_nonpoly.name        'CACODYLATE ION' 
_pdbx_entity_nonpoly.comp_id     CAC 
# 
_pdbx_initial_refinement_model.id               1 
_pdbx_initial_refinement_model.entity_id_list   ? 
_pdbx_initial_refinement_model.type             'experimental model' 
_pdbx_initial_refinement_model.source_name      PDB 
_pdbx_initial_refinement_model.accession_code   6XNA 
_pdbx_initial_refinement_model.details          ? 
# 
_pdbx_struct_assembly_auth_evidence.id                     1 
_pdbx_struct_assembly_auth_evidence.assembly_id            1 
_pdbx_struct_assembly_auth_evidence.experimental_support   none 
_pdbx_struct_assembly_auth_evidence.details                ? 
# 
